data_8VXS
# 
_entry.id   8VXS 
# 
_audit_conform.dict_name       mmcif_pdbx.dic 
_audit_conform.dict_version    5.395 
_audit_conform.dict_location   http://mmcif.pdb.org/dictionaries/ascii/mmcif_pdbx.dic 
# 
loop_
_database_2.database_id 
_database_2.database_code 
_database_2.pdbx_database_accession 
_database_2.pdbx_DOI 
PDB   8VXS         pdb_00008vxs 10.2210/pdb8vxs/pdb 
WWPDB D_1000281349 ?            ?                   
# 
loop_
_pdbx_audit_revision_history.ordinal 
_pdbx_audit_revision_history.data_content_type 
_pdbx_audit_revision_history.major_revision 
_pdbx_audit_revision_history.minor_revision 
_pdbx_audit_revision_history.revision_date 
1 'Structure model' 1 0 2024-08-07 
2 'Structure model' 1 1 2024-08-14 
3 'Structure model' 1 2 2024-09-04 
# 
_pdbx_audit_revision_details.ordinal             1 
_pdbx_audit_revision_details.revision_ordinal    1 
_pdbx_audit_revision_details.data_content_type   'Structure model' 
_pdbx_audit_revision_details.provider            repository 
_pdbx_audit_revision_details.type                'Initial release' 
_pdbx_audit_revision_details.description         ? 
_pdbx_audit_revision_details.details             ? 
# 
loop_
_pdbx_audit_revision_group.ordinal 
_pdbx_audit_revision_group.revision_ordinal 
_pdbx_audit_revision_group.data_content_type 
_pdbx_audit_revision_group.group 
1 2 'Structure model' 'Database references' 
2 3 'Structure model' 'Database references' 
# 
loop_
_pdbx_audit_revision_category.ordinal 
_pdbx_audit_revision_category.revision_ordinal 
_pdbx_audit_revision_category.data_content_type 
_pdbx_audit_revision_category.category 
1 2 'Structure model' citation        
2 2 'Structure model' citation_author 
3 3 'Structure model' citation        
4 3 'Structure model' citation_author 
# 
loop_
_pdbx_audit_revision_item.ordinal 
_pdbx_audit_revision_item.revision_ordinal 
_pdbx_audit_revision_item.data_content_type 
_pdbx_audit_revision_item.item 
1  2 'Structure model' '_citation.country'                 
2  2 'Structure model' '_citation.journal_abbrev'          
3  2 'Structure model' '_citation.journal_id_ASTM'         
4  2 'Structure model' '_citation.journal_id_CSD'          
5  2 'Structure model' '_citation.journal_id_ISSN'         
6  2 'Structure model' '_citation.pdbx_database_id_DOI'    
7  2 'Structure model' '_citation.pdbx_database_id_PubMed' 
8  2 'Structure model' '_citation.title'                   
9  2 'Structure model' '_citation.year'                    
10 3 'Structure model' '_citation.journal_volume'          
11 3 'Structure model' '_citation.page_first'              
12 3 'Structure model' '_citation.page_last'               
13 3 'Structure model' '_citation_author.identifier_ORCID' 
# 
_pdbx_database_status.status_code                     REL 
_pdbx_database_status.status_code_sf                  REL 
_pdbx_database_status.status_code_mr                  ? 
_pdbx_database_status.entry_id                        8VXS 
_pdbx_database_status.recvd_initial_deposition_date   2024-02-06 
_pdbx_database_status.SG_entry                        N 
_pdbx_database_status.deposit_site                    RCSB 
_pdbx_database_status.process_site                    RCSB 
_pdbx_database_status.status_code_cs                  ? 
_pdbx_database_status.status_code_nmr_data            ? 
_pdbx_database_status.methods_development_category    ? 
_pdbx_database_status.pdb_format_compatible           Y 
# 
_pdbx_contact_author.id                 2 
_pdbx_contact_author.email              andyn@uic.edu 
_pdbx_contact_author.name_first         Andy 
_pdbx_contact_author.name_last          Nguyen 
_pdbx_contact_author.name_mi            I 
_pdbx_contact_author.role               'principal investigator/group leader' 
_pdbx_contact_author.identifier_ORCID   0000-0003-4137-6453 
# 
_audit_author.name               'Ganatra, P.' 
_audit_author.pdbx_ordinal       1 
_audit_author.identifier_ORCID   0000-0002-5836-6772 
# 
_citation.abstract                  ? 
_citation.abstract_id_CAS           ? 
_citation.book_id_ISBN              ? 
_citation.book_publisher            ? 
_citation.book_publisher_city       ? 
_citation.book_title                ? 
_citation.coordinate_linkage        ? 
_citation.country                   US 
_citation.database_id_Medline       ? 
_citation.details                   ? 
_citation.id                        primary 
_citation.journal_abbrev            J.Am.Chem.Soc. 
_citation.journal_id_ASTM           JACSAT 
_citation.journal_id_CSD            ? 
_citation.journal_id_ISSN           1520-5126 
_citation.journal_full              ? 
_citation.journal_issue             ? 
_citation.journal_volume            146 
_citation.language                  ? 
_citation.page_first                22236 
_citation.page_last                 22246 
_citation.title                     'Diverse Proteomimetic Frameworks via Rational Design of pi-Stacking Peptide Tectons.' 
_citation.year                      2024 
_citation.database_id_CSD           ? 
_citation.pdbx_database_id_DOI      10.1021/jacs.4c03094 
_citation.pdbx_database_id_PubMed   39096501 
_citation.pdbx_database_id_patent   ? 
_citation.unpublished_flag          ? 
# 
loop_
_citation_author.citation_id 
_citation_author.name 
_citation_author.ordinal 
_citation_author.identifier_ORCID 
primary 'Ganatra, P.'  1 ? 
primary 'Wang, D.F.'   2 ? 
primary 'Ganatra, V.'  3 ? 
primary 'Dang, V.T.'   4 ? 
primary 'Nguyen, A.I.' 5 ? 
# 
loop_
_entity.id 
_entity.type 
_entity.src_method 
_entity.pdbx_description 
_entity.formula_weight 
_entity.pdbx_number_of_molecules 
_entity.pdbx_ec 
_entity.pdbx_mutation 
_entity.pdbx_fragment 
_entity.details 
1 polymer     syn 'UIC-15-BPE extension of UIC-1' 1843.137 2  ? ? ? ? 
2 non-polymer syn ACETONITRILE                    41.052   5  ? ? ? ? 
3 water       nat water                           18.015   16 ? ? ? ? 
# 
_entity_poly.entity_id                      1 
_entity_poly.type                           'polypeptide(L)' 
_entity_poly.nstd_linkage                   no 
_entity_poly.nstd_monomer                   yes 
_entity_poly.pdbx_seq_one_letter_code       '(I6W)A(AIB)A(AIB)A(AIB)L(AIB)A(AIB)L(AIB)Q(AIB)L(I77)' 
_entity_poly.pdbx_seq_one_letter_code_can   XAAAAAALAAALAQALX 
_entity_poly.pdbx_strand_id                 A,B 
_entity_poly.pdbx_target_identifier         ? 
# 
loop_
_pdbx_entity_nonpoly.entity_id 
_pdbx_entity_nonpoly.name 
_pdbx_entity_nonpoly.comp_id 
2 ACETONITRILE CCN 
3 water        HOH 
# 
loop_
_entity_poly_seq.entity_id 
_entity_poly_seq.num 
_entity_poly_seq.mon_id 
_entity_poly_seq.hetero 
1 1  I6W n 
1 2  ALA n 
1 3  AIB n 
1 4  ALA n 
1 5  AIB n 
1 6  ALA n 
1 7  AIB n 
1 8  LEU n 
1 9  AIB n 
1 10 ALA n 
1 11 AIB n 
1 12 LEU n 
1 13 AIB n 
1 14 GLN n 
1 15 AIB n 
1 16 LEU n 
1 17 I77 n 
# 
_pdbx_entity_src_syn.entity_id              1 
_pdbx_entity_src_syn.pdbx_src_id            1 
_pdbx_entity_src_syn.pdbx_alt_source_flag   sample 
_pdbx_entity_src_syn.pdbx_beg_seq_num       1 
_pdbx_entity_src_syn.pdbx_end_seq_num       17 
_pdbx_entity_src_syn.organism_scientific    'synthetic construct' 
_pdbx_entity_src_syn.organism_common_name   ? 
_pdbx_entity_src_syn.ncbi_taxonomy_id       32630 
_pdbx_entity_src_syn.details                ? 
# 
loop_
_chem_comp.id 
_chem_comp.type 
_chem_comp.mon_nstd_flag 
_chem_comp.name 
_chem_comp.pdbx_synonyms 
_chem_comp.formula 
_chem_comp.formula_weight 
AIB 'L-peptide linking' n 'ALPHA-AMINOISOBUTYRIC ACID'                            ? 'C4 H9 N O2'    103.120 
ALA 'L-peptide linking' y ALANINE                                                 ? 'C3 H7 N O2'    89.093  
CCN non-polymer         . ACETONITRILE                                            ? 'C2 H3 N'       41.052  
GLN 'L-peptide linking' y GLUTAMINE                                               ? 'C5 H10 N2 O3'  146.144 
HOH non-polymer         . WATER                                                   ? 'H2 O'          18.015  
I6W non-polymer         . 
;ethyl 5'-formyl[2,2'-bipyridine]-5-carboxylate
;
? 'C14 H12 N2 O3' 256.257 
I77 non-polymer         . "5'-(hydrazinecarbonyl)[2,2'-bipyridine]-5-carboxamide" ? 'C12 H11 N5 O2' 257.248 
LEU 'L-peptide linking' y LEUCINE                                                 ? 'C6 H13 N O2'   131.173 
# 
loop_
_pdbx_poly_seq_scheme.asym_id 
_pdbx_poly_seq_scheme.entity_id 
_pdbx_poly_seq_scheme.seq_id 
_pdbx_poly_seq_scheme.mon_id 
_pdbx_poly_seq_scheme.ndb_seq_num 
_pdbx_poly_seq_scheme.pdb_seq_num 
_pdbx_poly_seq_scheme.auth_seq_num 
_pdbx_poly_seq_scheme.pdb_mon_id 
_pdbx_poly_seq_scheme.auth_mon_id 
_pdbx_poly_seq_scheme.pdb_strand_id 
_pdbx_poly_seq_scheme.pdb_ins_code 
_pdbx_poly_seq_scheme.hetero 
A 1 1  I6W 1  1  1  I6W BPE A . n 
A 1 2  ALA 2  2  2  ALA ALA A . n 
A 1 3  AIB 3  3  3  AIB AIB A . n 
A 1 4  ALA 4  4  4  ALA ALA A . n 
A 1 5  AIB 5  5  5  AIB AIB A . n 
A 1 6  ALA 6  6  6  ALA ALA A . n 
A 1 7  AIB 7  7  7  AIB AIB A . n 
A 1 8  LEU 8  8  8  LEU LEU A . n 
A 1 9  AIB 9  9  9  AIB AIB A . n 
A 1 10 ALA 10 10 10 ALA ALA A . n 
A 1 11 AIB 11 11 11 AIB AIB A . n 
A 1 12 LEU 12 12 12 LEU LEU A . n 
A 1 13 AIB 13 13 13 AIB AIB A . n 
A 1 14 GLN 14 14 14 GLN GLN A . n 
A 1 15 AIB 15 15 15 AIB AIB A . n 
A 1 16 LEU 16 16 16 LEU LEU A . n 
A 1 17 I77 17 17 17 I77 BPH A . n 
B 1 1  I6W 1  1  1  I6W BPE B . n 
B 1 2  ALA 2  2  2  ALA ALA B . n 
B 1 3  AIB 3  3  3  AIB AIB B . n 
B 1 4  ALA 4  4  4  ALA ALA B . n 
B 1 5  AIB 5  5  5  AIB AIB B . n 
B 1 6  ALA 6  6  6  ALA ALA B . n 
B 1 7  AIB 7  7  7  AIB AIB B . n 
B 1 8  LEU 8  8  8  LEU LEU B . n 
B 1 9  AIB 9  9  9  AIB AIB B . n 
B 1 10 ALA 10 10 10 ALA ALA B . n 
B 1 11 AIB 11 11 11 AIB AIB B . n 
B 1 12 LEU 12 12 12 LEU LEU B . n 
B 1 13 AIB 13 13 13 AIB AIB B . n 
B 1 14 GLN 14 14 14 GLN GLN B . n 
B 1 15 AIB 15 15 15 AIB AIB B . n 
B 1 16 LEU 16 16 16 LEU LEU B . n 
B 1 17 I77 17 17 17 I77 BPH B . n 
# 
loop_
_pdbx_entity_instance_feature.ordinal 
_pdbx_entity_instance_feature.comp_id 
_pdbx_entity_instance_feature.asym_id 
_pdbx_entity_instance_feature.seq_num 
_pdbx_entity_instance_feature.auth_comp_id 
_pdbx_entity_instance_feature.auth_asym_id 
_pdbx_entity_instance_feature.auth_seq_num 
_pdbx_entity_instance_feature.feature_type 
_pdbx_entity_instance_feature.details 
1 I6W ? ? I6W ? ? 'SUBJECT OF INVESTIGATION' ? 
2 I77 ? ? I77 ? ? 'SUBJECT OF INVESTIGATION' ? 
# 
loop_
_pdbx_nonpoly_scheme.asym_id 
_pdbx_nonpoly_scheme.entity_id 
_pdbx_nonpoly_scheme.mon_id 
_pdbx_nonpoly_scheme.ndb_seq_num 
_pdbx_nonpoly_scheme.pdb_seq_num 
_pdbx_nonpoly_scheme.auth_seq_num 
_pdbx_nonpoly_scheme.pdb_mon_id 
_pdbx_nonpoly_scheme.auth_mon_id 
_pdbx_nonpoly_scheme.pdb_strand_id 
_pdbx_nonpoly_scheme.pdb_ins_code 
C 2 CCN 1  101 18 CCN CCN A . 
D 2 CCN 1  102 20 CCN CCN A . 
E 2 CCN 1  103 21 CCN CCN A . 
F 2 CCN 1  101 17 CCN CCN B . 
G 2 CCN 1  102 19 CCN CCN B . 
H 3 HOH 1  201 6  HOH HOH A . 
H 3 HOH 2  202 4  HOH HOH A . 
H 3 HOH 3  203 3  HOH HOH A . 
H 3 HOH 4  204 16 HOH HOH A . 
H 3 HOH 5  205 8  HOH HOH A . 
H 3 HOH 6  206 10 HOH HOH A . 
I 3 HOH 1  201 14 HOH HOH B . 
I 3 HOH 2  202 5  HOH HOH B . 
I 3 HOH 3  203 9  HOH HOH B . 
I 3 HOH 4  204 1  HOH HOH B . 
I 3 HOH 5  205 2  HOH HOH B . 
I 3 HOH 6  206 7  HOH HOH B . 
I 3 HOH 7  207 11 HOH HOH B . 
I 3 HOH 8  208 12 HOH HOH B . 
I 3 HOH 9  209 15 HOH HOH B . 
I 3 HOH 10 210 13 HOH HOH B . 
# 
loop_
_software.citation_id 
_software.classification 
_software.compiler_name 
_software.compiler_version 
_software.contact_author 
_software.contact_author_email 
_software.date 
_software.description 
_software.dependencies 
_software.hardware 
_software.language 
_software.location 
_software.mods 
_software.name 
_software.os 
_software.os_version 
_software.type 
_software.version 
_software.pdbx_ordinal 
? refinement       ? ? ? ? ? ? ? ? ? ? ? PHENIX ? ? ? 1.20.1_4487 1 
? 'data reduction' ? ? ? ? ? ? ? ? ? ? ? XDS    ? ? ? .           2 
? 'data scaling'   ? ? ? ? ? ? ? ? ? ? ? XDS    ? ? ? .           3 
? phasing          ? ? ? ? ? ? ? ? ? ? ? PHASER ? ? ? .           4 
# 
_cell.angle_alpha                  90.000 
_cell.angle_alpha_esd              ? 
_cell.angle_beta                   120.860 
_cell.angle_beta_esd               ? 
_cell.angle_gamma                  90.000 
_cell.angle_gamma_esd              ? 
_cell.entry_id                     8VXS 
_cell.details                      ? 
_cell.formula_units_Z              ? 
_cell.length_a                     60.240 
_cell.length_a_esd                 ? 
_cell.length_b                     14.070 
_cell.length_b_esd                 ? 
_cell.length_c                     36.500 
_cell.length_c_esd                 ? 
_cell.volume                       26556.655 
_cell.volume_esd                   ? 
_cell.Z_PDB                        8 
_cell.reciprocal_angle_alpha       ? 
_cell.reciprocal_angle_beta        ? 
_cell.reciprocal_angle_gamma       ? 
_cell.reciprocal_angle_alpha_esd   ? 
_cell.reciprocal_angle_beta_esd    ? 
_cell.reciprocal_angle_gamma_esd   ? 
_cell.reciprocal_length_a          ? 
_cell.reciprocal_length_b          ? 
_cell.reciprocal_length_c          ? 
_cell.reciprocal_length_a_esd      ? 
_cell.reciprocal_length_b_esd      ? 
_cell.reciprocal_length_c_esd      ? 
_cell.pdbx_unique_axis             ? 
_cell.pdbx_esd_method              ? 
# 
_symmetry.entry_id                         8VXS 
_symmetry.cell_setting                     ? 
_symmetry.Int_Tables_number                5 
_symmetry.space_group_name_Hall            'C 2y' 
_symmetry.space_group_name_H-M             'C 1 2 1' 
_symmetry.pdbx_full_space_group_name_H-M   ? 
# 
_exptl.absorpt_coefficient_mu     ? 
_exptl.absorpt_correction_T_max   ? 
_exptl.absorpt_correction_T_min   ? 
_exptl.absorpt_correction_type    ? 
_exptl.absorpt_process_details    ? 
_exptl.entry_id                   8VXS 
_exptl.crystals_number            1 
_exptl.details                    ? 
_exptl.method                     'X-RAY DIFFRACTION' 
_exptl.method_details             ? 
# 
_exptl_crystal.colour                       ? 
_exptl_crystal.density_diffrn               ? 
_exptl_crystal.density_Matthews             2.08 
_exptl_crystal.density_method               ? 
_exptl_crystal.density_percent_sol          40.83 
_exptl_crystal.description                  ? 
_exptl_crystal.F_000                        ? 
_exptl_crystal.id                           1 
_exptl_crystal.preparation                  ? 
_exptl_crystal.size_max                     ? 
_exptl_crystal.size_mid                     ? 
_exptl_crystal.size_min                     ? 
_exptl_crystal.size_rad                     ? 
_exptl_crystal.colour_lustre                ? 
_exptl_crystal.colour_modifier              ? 
_exptl_crystal.colour_primary               ? 
_exptl_crystal.density_meas                 ? 
_exptl_crystal.density_meas_esd             ? 
_exptl_crystal.density_meas_gt              ? 
_exptl_crystal.density_meas_lt              ? 
_exptl_crystal.density_meas_temp            ? 
_exptl_crystal.density_meas_temp_esd        ? 
_exptl_crystal.density_meas_temp_gt         ? 
_exptl_crystal.density_meas_temp_lt         ? 
_exptl_crystal.pdbx_crystal_image_url       ? 
_exptl_crystal.pdbx_crystal_image_format    ? 
_exptl_crystal.pdbx_mosaicity               ? 
_exptl_crystal.pdbx_mosaicity_esd           ? 
_exptl_crystal.pdbx_mosaic_method           ? 
_exptl_crystal.pdbx_mosaic_block_size       ? 
_exptl_crystal.pdbx_mosaic_block_size_esd   ? 
# 
_exptl_crystal_grow.apparatus       ? 
_exptl_crystal_grow.atmosphere      ? 
_exptl_crystal_grow.crystal_id      1 
_exptl_crystal_grow.details         ? 
_exptl_crystal_grow.method          'SLOW COOLING' 
_exptl_crystal_grow.method_ref      ? 
_exptl_crystal_grow.pH              ? 
_exptl_crystal_grow.pressure        ? 
_exptl_crystal_grow.pressure_esd    ? 
_exptl_crystal_grow.seeding         ? 
_exptl_crystal_grow.seeding_ref     ? 
_exptl_crystal_grow.temp_details    ? 
_exptl_crystal_grow.temp_esd        ? 
_exptl_crystal_grow.time            ? 
_exptl_crystal_grow.pdbx_details    'Acetonitrile, water' 
_exptl_crystal_grow.pdbx_pH_range   ? 
_exptl_crystal_grow.temp            298 
# 
_diffrn.ambient_environment              ? 
_diffrn.ambient_temp                     100 
_diffrn.ambient_temp_details             ? 
_diffrn.ambient_temp_esd                 ? 
_diffrn.crystal_id                       1 
_diffrn.crystal_support                  ? 
_diffrn.crystal_treatment                ? 
_diffrn.details                          ? 
_diffrn.id                               1 
_diffrn.ambient_pressure                 ? 
_diffrn.ambient_pressure_esd             ? 
_diffrn.ambient_pressure_gt              ? 
_diffrn.ambient_pressure_lt              ? 
_diffrn.ambient_temp_gt                  ? 
_diffrn.ambient_temp_lt                  ? 
_diffrn.pdbx_serial_crystal_experiment   N 
# 
_diffrn_detector.details                      ? 
_diffrn_detector.detector                     PIXEL 
_diffrn_detector.diffrn_id                    1 
_diffrn_detector.type                         'DECTRIS EIGER X 16M' 
_diffrn_detector.area_resol_mean              ? 
_diffrn_detector.dtime                        ? 
_diffrn_detector.pdbx_frames_total            ? 
_diffrn_detector.pdbx_collection_time_total   ? 
_diffrn_detector.pdbx_collection_date         2023-07-07 
_diffrn_detector.pdbx_frequency               ? 
_diffrn_detector.id                           ? 
_diffrn_detector.number_of_axes               ? 
# 
_diffrn_radiation.collimation                      ? 
_diffrn_radiation.diffrn_id                        1 
_diffrn_radiation.filter_edge                      ? 
_diffrn_radiation.inhomogeneity                    ? 
_diffrn_radiation.monochromator                    ? 
_diffrn_radiation.polarisn_norm                    ? 
_diffrn_radiation.polarisn_ratio                   ? 
_diffrn_radiation.probe                            ? 
_diffrn_radiation.type                             ? 
_diffrn_radiation.xray_symbol                      ? 
_diffrn_radiation.wavelength_id                    1 
_diffrn_radiation.pdbx_monochromatic_or_laue_m_l   M 
_diffrn_radiation.pdbx_wavelength_list             ? 
_diffrn_radiation.pdbx_wavelength                  ? 
_diffrn_radiation.pdbx_diffrn_protocol             'SINGLE WAVELENGTH' 
_diffrn_radiation.pdbx_analyzer                    ? 
_diffrn_radiation.pdbx_scattering_type             x-ray 
# 
_diffrn_radiation_wavelength.id           1 
_diffrn_radiation_wavelength.wavelength   0.68879 
_diffrn_radiation_wavelength.wt           1.0 
# 
_diffrn_source.current                     ? 
_diffrn_source.details                     ? 
_diffrn_source.diffrn_id                   1 
_diffrn_source.power                       ? 
_diffrn_source.size                        ? 
_diffrn_source.source                      SYNCHROTRON 
_diffrn_source.target                      ? 
_diffrn_source.type                        'NSLS-II BEAMLINE 17-ID-2' 
_diffrn_source.voltage                     ? 
_diffrn_source.take-off_angle              ? 
_diffrn_source.pdbx_wavelength_list        0.68879 
_diffrn_source.pdbx_wavelength             ? 
_diffrn_source.pdbx_synchrotron_beamline   17-ID-2 
_diffrn_source.pdbx_synchrotron_site       NSLS-II 
# 
_reflns.B_iso_Wilson_estimate                          9.37 
_reflns.entry_id                                       8VXS 
_reflns.data_reduction_details                         ? 
_reflns.data_reduction_method                          ? 
_reflns.d_resolution_high                              1.2 
_reflns.d_resolution_low                               28.31 
_reflns.details                                        ? 
_reflns.limit_h_max                                    ? 
_reflns.limit_h_min                                    ? 
_reflns.limit_k_max                                    ? 
_reflns.limit_k_min                                    ? 
_reflns.limit_l_max                                    ? 
_reflns.limit_l_min                                    ? 
_reflns.number_all                                     ? 
_reflns.number_obs                                     7727 
_reflns.observed_criterion                             ? 
_reflns.observed_criterion_F_max                       ? 
_reflns.observed_criterion_F_min                       ? 
_reflns.observed_criterion_I_max                       ? 
_reflns.observed_criterion_I_min                       ? 
_reflns.observed_criterion_sigma_F                     ? 
_reflns.observed_criterion_sigma_I                     ? 
_reflns.percent_possible_obs                           89.99 
_reflns.R_free_details                                 ? 
_reflns.Rmerge_F_all                                   ? 
_reflns.Rmerge_F_obs                                   ? 
_reflns.Friedel_coverage                               ? 
_reflns.number_gt                                      ? 
_reflns.threshold_expression                           ? 
_reflns.pdbx_redundancy                                11.8 
_reflns.pdbx_netI_over_av_sigmaI                       ? 
_reflns.pdbx_netI_over_sigmaI                          9.66 
_reflns.pdbx_res_netI_over_av_sigmaI_2                 ? 
_reflns.pdbx_res_netI_over_sigmaI_2                    ? 
_reflns.pdbx_chi_squared                               ? 
_reflns.pdbx_scaling_rejects                           ? 
_reflns.pdbx_d_res_high_opt                            ? 
_reflns.pdbx_d_res_low_opt                             ? 
_reflns.pdbx_d_res_opt_method                          ? 
_reflns.phase_calculation_details                      ? 
_reflns.pdbx_Rrim_I_all                                ? 
_reflns.pdbx_Rpim_I_all                                ? 
_reflns.pdbx_d_opt                                     ? 
_reflns.pdbx_number_measured_all                       ? 
_reflns.pdbx_diffrn_id                                 1 
_reflns.pdbx_ordinal                                   1 
_reflns.pdbx_CC_half                                   0.997 
_reflns.pdbx_CC_star                                   ? 
_reflns.pdbx_R_split                                   ? 
_reflns.pdbx_Rmerge_I_obs                              ? 
_reflns.pdbx_Rmerge_I_all                              ? 
_reflns.pdbx_Rsym_value                                ? 
_reflns.pdbx_CC_split_method                           ? 
_reflns.pdbx_aniso_diffraction_limit_axis_1_ortho[1]   ? 
_reflns.pdbx_aniso_diffraction_limit_axis_1_ortho[2]   ? 
_reflns.pdbx_aniso_diffraction_limit_axis_1_ortho[3]   ? 
_reflns.pdbx_aniso_diffraction_limit_axis_2_ortho[1]   ? 
_reflns.pdbx_aniso_diffraction_limit_axis_2_ortho[2]   ? 
_reflns.pdbx_aniso_diffraction_limit_axis_2_ortho[3]   ? 
_reflns.pdbx_aniso_diffraction_limit_axis_3_ortho[1]   ? 
_reflns.pdbx_aniso_diffraction_limit_axis_3_ortho[2]   ? 
_reflns.pdbx_aniso_diffraction_limit_axis_3_ortho[3]   ? 
_reflns.pdbx_aniso_diffraction_limit_1                 ? 
_reflns.pdbx_aniso_diffraction_limit_2                 ? 
_reflns.pdbx_aniso_diffraction_limit_3                 ? 
_reflns.pdbx_aniso_B_tensor_eigenvector_1_ortho[1]     ? 
_reflns.pdbx_aniso_B_tensor_eigenvector_1_ortho[2]     ? 
_reflns.pdbx_aniso_B_tensor_eigenvector_1_ortho[3]     ? 
_reflns.pdbx_aniso_B_tensor_eigenvector_2_ortho[1]     ? 
_reflns.pdbx_aniso_B_tensor_eigenvector_2_ortho[2]     ? 
_reflns.pdbx_aniso_B_tensor_eigenvector_2_ortho[3]     ? 
_reflns.pdbx_aniso_B_tensor_eigenvector_3_ortho[1]     ? 
_reflns.pdbx_aniso_B_tensor_eigenvector_3_ortho[2]     ? 
_reflns.pdbx_aniso_B_tensor_eigenvector_3_ortho[3]     ? 
_reflns.pdbx_aniso_B_tensor_eigenvalue_1               ? 
_reflns.pdbx_aniso_B_tensor_eigenvalue_2               ? 
_reflns.pdbx_aniso_B_tensor_eigenvalue_3               ? 
_reflns.pdbx_orthogonalization_convention              ? 
_reflns.pdbx_percent_possible_ellipsoidal              ? 
_reflns.pdbx_percent_possible_spherical                ? 
_reflns.pdbx_percent_possible_ellipsoidal_anomalous    ? 
_reflns.pdbx_percent_possible_spherical_anomalous      ? 
_reflns.pdbx_redundancy_anomalous                      ? 
_reflns.pdbx_CC_half_anomalous                         ? 
_reflns.pdbx_absDiff_over_sigma_anomalous              ? 
_reflns.pdbx_percent_possible_anomalous                ? 
_reflns.pdbx_observed_signal_threshold                 ? 
_reflns.pdbx_signal_type                               ? 
_reflns.pdbx_signal_details                            ? 
_reflns.pdbx_signal_software_id                        ? 
# 
_reflns_shell.d_res_high                                    1.2 
_reflns_shell.d_res_low                                     1.243 
_reflns_shell.meanI_over_sigI_all                           ? 
_reflns_shell.meanI_over_sigI_obs                           ? 
_reflns_shell.number_measured_all                           ? 
_reflns_shell.number_measured_obs                           ? 
_reflns_shell.number_possible                               ? 
_reflns_shell.number_unique_all                             ? 
_reflns_shell.number_unique_obs                             727 
_reflns_shell.percent_possible_obs                          ? 
_reflns_shell.Rmerge_F_all                                  ? 
_reflns_shell.Rmerge_F_obs                                  ? 
_reflns_shell.meanI_over_sigI_gt                            ? 
_reflns_shell.meanI_over_uI_all                             ? 
_reflns_shell.meanI_over_uI_gt                              ? 
_reflns_shell.number_measured_gt                            ? 
_reflns_shell.number_unique_gt                              ? 
_reflns_shell.percent_possible_gt                           ? 
_reflns_shell.Rmerge_F_gt                                   ? 
_reflns_shell.Rmerge_I_gt                                   ? 
_reflns_shell.pdbx_redundancy                               ? 
_reflns_shell.pdbx_chi_squared                              ? 
_reflns_shell.pdbx_netI_over_sigmaI_all                     ? 
_reflns_shell.pdbx_netI_over_sigmaI_obs                     ? 
_reflns_shell.pdbx_Rrim_I_all                               ? 
_reflns_shell.pdbx_Rpim_I_all                               ? 
_reflns_shell.pdbx_rejects                                  ? 
_reflns_shell.pdbx_ordinal                                  1 
_reflns_shell.pdbx_diffrn_id                                1 
_reflns_shell.pdbx_CC_half                                  0.89 
_reflns_shell.pdbx_CC_star                                  ? 
_reflns_shell.pdbx_R_split                                  ? 
_reflns_shell.percent_possible_all                          ? 
_reflns_shell.Rmerge_I_all                                  ? 
_reflns_shell.Rmerge_I_obs                                  ? 
_reflns_shell.pdbx_Rsym_value                               ? 
_reflns_shell.pdbx_percent_possible_ellipsoidal             ? 
_reflns_shell.pdbx_percent_possible_spherical               ? 
_reflns_shell.pdbx_percent_possible_ellipsoidal_anomalous   ? 
_reflns_shell.pdbx_percent_possible_spherical_anomalous     ? 
_reflns_shell.pdbx_redundancy_anomalous                     ? 
_reflns_shell.pdbx_CC_half_anomalous                        ? 
_reflns_shell.pdbx_absDiff_over_sigma_anomalous             ? 
_reflns_shell.pdbx_percent_possible_anomalous               ? 
# 
_refine.aniso_B[1][1]                            ? 
_refine.aniso_B[1][2]                            ? 
_refine.aniso_B[1][3]                            ? 
_refine.aniso_B[2][2]                            ? 
_refine.aniso_B[2][3]                            ? 
_refine.aniso_B[3][3]                            ? 
_refine.B_iso_max                                ? 
_refine.B_iso_mean                               14.61 
_refine.B_iso_min                                ? 
_refine.correlation_coeff_Fo_to_Fc               ? 
_refine.correlation_coeff_Fo_to_Fc_free          ? 
_refine.details                                  ? 
_refine.diff_density_max                         ? 
_refine.diff_density_max_esd                     ? 
_refine.diff_density_min                         ? 
_refine.diff_density_min_esd                     ? 
_refine.diff_density_rms                         ? 
_refine.diff_density_rms_esd                     ? 
_refine.entry_id                                 8VXS 
_refine.pdbx_refine_id                           'X-RAY DIFFRACTION' 
_refine.ls_abs_structure_details                 ? 
_refine.ls_abs_structure_Flack                   ? 
_refine.ls_abs_structure_Flack_esd               ? 
_refine.ls_abs_structure_Rogers                  ? 
_refine.ls_abs_structure_Rogers_esd              ? 
_refine.ls_d_res_high                            1.20 
_refine.ls_d_res_low                             28.31 
_refine.ls_extinction_coef                       ? 
_refine.ls_extinction_coef_esd                   ? 
_refine.ls_extinction_expression                 ? 
_refine.ls_extinction_method                     ? 
_refine.ls_goodness_of_fit_all                   ? 
_refine.ls_goodness_of_fit_all_esd               ? 
_refine.ls_goodness_of_fit_obs                   ? 
_refine.ls_goodness_of_fit_obs_esd               ? 
_refine.ls_hydrogen_treatment                    ? 
_refine.ls_matrix_type                           ? 
_refine.ls_number_constraints                    ? 
_refine.ls_number_parameters                     ? 
_refine.ls_number_reflns_all                     ? 
_refine.ls_number_reflns_obs                     7727 
_refine.ls_number_reflns_R_free                  1455 
_refine.ls_number_reflns_R_work                  12957 
_refine.ls_number_restraints                     ? 
_refine.ls_percent_reflns_obs                    89.99 
_refine.ls_percent_reflns_R_free                 10.10 
_refine.ls_R_factor_all                          ? 
_refine.ls_R_factor_obs                          0.1368 
_refine.ls_R_factor_R_free                       0.1758 
_refine.ls_R_factor_R_free_error                 ? 
_refine.ls_R_factor_R_free_error_details         ? 
_refine.ls_R_factor_R_work                       0.1323 
_refine.ls_R_Fsqd_factor_obs                     ? 
_refine.ls_R_I_factor_obs                        ? 
_refine.ls_redundancy_reflns_all                 ? 
_refine.ls_redundancy_reflns_obs                 ? 
_refine.ls_restrained_S_all                      ? 
_refine.ls_restrained_S_obs                      ? 
_refine.ls_shift_over_esd_max                    ? 
_refine.ls_shift_over_esd_mean                   ? 
_refine.ls_structure_factor_coef                 ? 
_refine.ls_weighting_details                     ? 
_refine.ls_weighting_scheme                      ? 
_refine.ls_wR_factor_all                         ? 
_refine.ls_wR_factor_obs                         ? 
_refine.ls_wR_factor_R_free                      ? 
_refine.ls_wR_factor_R_work                      ? 
_refine.occupancy_max                            ? 
_refine.occupancy_min                            ? 
_refine.solvent_model_details                    'FLAT BULK SOLVENT MODEL' 
_refine.solvent_model_param_bsol                 ? 
_refine.solvent_model_param_ksol                 ? 
_refine.pdbx_R_complete                          ? 
_refine.ls_R_factor_gt                           ? 
_refine.ls_goodness_of_fit_gt                    ? 
_refine.ls_goodness_of_fit_ref                   ? 
_refine.ls_shift_over_su_max                     ? 
_refine.ls_shift_over_su_max_lt                  ? 
_refine.ls_shift_over_su_mean                    ? 
_refine.ls_shift_over_su_mean_lt                 ? 
_refine.pdbx_ls_sigma_I                          ? 
_refine.pdbx_ls_sigma_F                          1.35 
_refine.pdbx_ls_sigma_Fsqd                       ? 
_refine.pdbx_data_cutoff_high_absF               ? 
_refine.pdbx_data_cutoff_high_rms_absF           ? 
_refine.pdbx_data_cutoff_low_absF                ? 
_refine.pdbx_isotropic_thermal_model             ? 
_refine.pdbx_ls_cross_valid_method               'FREE R-VALUE' 
_refine.pdbx_method_to_determine_struct          'MOLECULAR REPLACEMENT' 
_refine.pdbx_starting_model                      ? 
_refine.pdbx_stereochemistry_target_values       'GeoStd + Monomer Library + CDL v1.2' 
_refine.pdbx_R_Free_selection_details            ? 
_refine.pdbx_stereochem_target_val_spec_case     ? 
_refine.pdbx_overall_ESU_R                       ? 
_refine.pdbx_overall_ESU_R_Free                  ? 
_refine.pdbx_solvent_vdw_probe_radii             1.1000 
_refine.pdbx_solvent_ion_probe_radii             ? 
_refine.pdbx_solvent_shrinkage_radii             0.9000 
_refine.pdbx_real_space_R                        ? 
_refine.pdbx_density_correlation                 ? 
_refine.pdbx_pd_number_of_powder_patterns        ? 
_refine.pdbx_pd_number_of_points                 ? 
_refine.pdbx_pd_meas_number_of_points            ? 
_refine.pdbx_pd_proc_ls_prof_R_factor            ? 
_refine.pdbx_pd_proc_ls_prof_wR_factor           ? 
_refine.pdbx_pd_Marquardt_correlation_coeff      ? 
_refine.pdbx_pd_Fsqrd_R_factor                   ? 
_refine.pdbx_pd_ls_matrix_band_width             ? 
_refine.pdbx_overall_phase_error                 21.0285 
_refine.pdbx_overall_SU_R_free_Cruickshank_DPI   ? 
_refine.pdbx_overall_SU_R_free_Blow_DPI          ? 
_refine.pdbx_overall_SU_R_Blow_DPI               ? 
_refine.pdbx_TLS_residual_ADP_flag               ? 
_refine.pdbx_diffrn_id                           1 
_refine.overall_SU_B                             ? 
_refine.overall_SU_ML                            0.1039 
_refine.overall_SU_R_Cruickshank_DPI             ? 
_refine.overall_SU_R_free                        ? 
_refine.overall_FOM_free_R_set                   ? 
_refine.overall_FOM_work_R_set                   ? 
_refine.pdbx_average_fsc_overall                 ? 
_refine.pdbx_average_fsc_work                    ? 
_refine.pdbx_average_fsc_free                    ? 
# 
_refine_hist.pdbx_refine_id                   'X-RAY DIFFRACTION' 
_refine_hist.cycle_id                         LAST 
_refine_hist.details                          ? 
_refine_hist.d_res_high                       1.20 
_refine_hist.d_res_low                        28.31 
_refine_hist.number_atoms_solvent             16 
_refine_hist.number_atoms_total               297 
_refine_hist.number_reflns_all                ? 
_refine_hist.number_reflns_obs                ? 
_refine_hist.number_reflns_R_free             ? 
_refine_hist.number_reflns_R_work             ? 
_refine_hist.R_factor_all                     ? 
_refine_hist.R_factor_obs                     ? 
_refine_hist.R_factor_R_free                  ? 
_refine_hist.R_factor_R_work                  ? 
_refine_hist.pdbx_number_residues_total       ? 
_refine_hist.pdbx_B_iso_mean_ligand           ? 
_refine_hist.pdbx_B_iso_mean_solvent          ? 
_refine_hist.pdbx_number_atoms_protein        228 
_refine_hist.pdbx_number_atoms_nucleic_acid   0 
_refine_hist.pdbx_number_atoms_ligand         53 
_refine_hist.pdbx_number_atoms_lipid          ? 
_refine_hist.pdbx_number_atoms_carb           ? 
_refine_hist.pdbx_pseudo_atom_details         ? 
# 
loop_
_refine_ls_restr.pdbx_refine_id 
_refine_ls_restr.criterion 
_refine_ls_restr.dev_ideal 
_refine_ls_restr.dev_ideal_target 
_refine_ls_restr.number 
_refine_ls_restr.rejects 
_refine_ls_restr.type 
_refine_ls_restr.weight 
_refine_ls_restr.pdbx_restraint_function 
'X-RAY DIFFRACTION' ? 0.0082  ? 280 ? f_bond_d           ? ? 
'X-RAY DIFFRACTION' ? 1.8836  ? 392 ? f_angle_d          ? ? 
'X-RAY DIFFRACTION' ? 0.0472  ? 22  ? f_chiral_restr     ? ? 
'X-RAY DIFFRACTION' ? 0.0059  ? 44  ? f_plane_restr      ? ? 
'X-RAY DIFFRACTION' ? 34.9262 ? 56  ? f_dihedral_angle_d ? ? 
# 
loop_
_refine_ls_shell.pdbx_refine_id 
_refine_ls_shell.d_res_high 
_refine_ls_shell.d_res_low 
_refine_ls_shell.number_reflns_all 
_refine_ls_shell.number_reflns_obs 
_refine_ls_shell.number_reflns_R_free 
_refine_ls_shell.number_reflns_R_work 
_refine_ls_shell.percent_reflns_obs 
_refine_ls_shell.percent_reflns_R_free 
_refine_ls_shell.R_factor_all 
_refine_ls_shell.R_factor_obs 
_refine_ls_shell.R_factor_R_free_error 
_refine_ls_shell.R_factor_R_work 
_refine_ls_shell.redundancy_reflns_all 
_refine_ls_shell.redundancy_reflns_obs 
_refine_ls_shell.wR_factor_all 
_refine_ls_shell.wR_factor_obs 
_refine_ls_shell.wR_factor_R_free 
_refine_ls_shell.wR_factor_R_work 
_refine_ls_shell.pdbx_R_complete 
_refine_ls_shell.pdbx_total_number_of_bins_used 
_refine_ls_shell.pdbx_phase_error 
_refine_ls_shell.pdbx_fsc_work 
_refine_ls_shell.pdbx_fsc_free 
_refine_ls_shell.R_factor_R_free 
'X-RAY DIFFRACTION' 1.20 1.24  . . 138 1226 83.37 . . . . 0.1922 . . . . . . . . . . . 0.2441 
'X-RAY DIFFRACTION' 1.24 1.29  . . 146 1295 89.17 . . . . 0.1756 . . . . . . . . . . . 0.2572 
'X-RAY DIFFRACTION' 1.29 1.35  . . 148 1308 90.32 . . . . 0.1577 . . . . . . . . . . . 0.1931 
'X-RAY DIFFRACTION' 1.35 1.42  . . 146 1277 88.61 . . . . 0.1581 . . . . . . . . . . . 0.2071 
'X-RAY DIFFRACTION' 1.42 1.51  . . 130 1218 83.94 . . . . 0.1399 . . . . . . . . . . . 0.2116 
'X-RAY DIFFRACTION' 1.51 1.63  . . 147 1341 92.08 . . . . 0.1364 . . . . . . . . . . . 0.1642 
'X-RAY DIFFRACTION' 1.63 1.79  . . 151 1361 93.33 . . . . 0.1263 . . . . . . . . . . . 0.1763 
'X-RAY DIFFRACTION' 1.79 2.05  . . 143 1253 86.71 . . . . 0.1219 . . . . . . . . . . . 0.1963 
'X-RAY DIFFRACTION' 2.05 2.58  . . 154 1325 92.90 . . . . 0.1151 . . . . . . . . . . . 0.1168 
'X-RAY DIFFRACTION' 2.59 28.31 . . 152 1353 93.42 . . . . 0.1254 . . . . . . . . . . . 0.1778 
# 
_struct.entry_id                     8VXS 
_struct.title                        'UIC-15-BPE extension of UIC-1' 
_struct.pdbx_model_details           ? 
_struct.pdbx_formula_weight          ? 
_struct.pdbx_formula_weight_method   ? 
_struct.pdbx_model_type_details      ? 
_struct.pdbx_CASP_flag               N 
# 
_struct_keywords.entry_id        8VXS 
_struct_keywords.text            'synthetic construct, DE NOVO PROTEIN' 
_struct_keywords.pdbx_keywords   'DE NOVO PROTEIN' 
# 
loop_
_struct_asym.id 
_struct_asym.pdbx_blank_PDB_chainid_flag 
_struct_asym.pdbx_modified 
_struct_asym.entity_id 
_struct_asym.details 
A N N 1 ? 
B N N 1 ? 
C N N 2 ? 
D N N 2 ? 
E N N 2 ? 
F N N 2 ? 
G N N 2 ? 
H N N 3 ? 
I N N 3 ? 
# 
_struct_ref.id                         1 
_struct_ref.db_name                    PDB 
_struct_ref.db_code                    8VXS 
_struct_ref.pdbx_db_accession          8VXS 
_struct_ref.pdbx_db_isoform            ? 
_struct_ref.entity_id                  1 
_struct_ref.pdbx_seq_one_letter_code   ? 
_struct_ref.pdbx_align_begin           1 
# 
loop_
_struct_ref_seq.align_id 
_struct_ref_seq.ref_id 
_struct_ref_seq.pdbx_PDB_id_code 
_struct_ref_seq.pdbx_strand_id 
_struct_ref_seq.seq_align_beg 
_struct_ref_seq.pdbx_seq_align_beg_ins_code 
_struct_ref_seq.seq_align_end 
_struct_ref_seq.pdbx_seq_align_end_ins_code 
_struct_ref_seq.pdbx_db_accession 
_struct_ref_seq.db_align_beg 
_struct_ref_seq.pdbx_db_align_beg_ins_code 
_struct_ref_seq.db_align_end 
_struct_ref_seq.pdbx_db_align_end_ins_code 
_struct_ref_seq.pdbx_auth_seq_align_beg 
_struct_ref_seq.pdbx_auth_seq_align_end 
1 1 8VXS A 1 ? 17 ? 8VXS 1 ? 17 ? 1 17 
2 1 8VXS B 1 ? 17 ? 8VXS 1 ? 17 ? 1 17 
# 
loop_
_pdbx_struct_assembly.id 
_pdbx_struct_assembly.details 
_pdbx_struct_assembly.method_details 
_pdbx_struct_assembly.oligomeric_details 
_pdbx_struct_assembly.oligomeric_count 
1 author_defined_assembly ? monomeric 1 
2 author_defined_assembly ? monomeric 1 
# 
loop_
_pdbx_struct_assembly_gen.assembly_id 
_pdbx_struct_assembly_gen.oper_expression 
_pdbx_struct_assembly_gen.asym_id_list 
1 1 A,C,D,E,H 
2 1 B,F,G,I   
# 
_pdbx_struct_oper_list.id                   1 
_pdbx_struct_oper_list.type                 'identity operation' 
_pdbx_struct_oper_list.name                 1_555 
_pdbx_struct_oper_list.symmetry_operation   x,y,z 
_pdbx_struct_oper_list.matrix[1][1]         1.0000000000 
_pdbx_struct_oper_list.matrix[1][2]         0.0000000000 
_pdbx_struct_oper_list.matrix[1][3]         0.0000000000 
_pdbx_struct_oper_list.vector[1]            0.0000000000 
_pdbx_struct_oper_list.matrix[2][1]         0.0000000000 
_pdbx_struct_oper_list.matrix[2][2]         1.0000000000 
_pdbx_struct_oper_list.matrix[2][3]         0.0000000000 
_pdbx_struct_oper_list.vector[2]            0.0000000000 
_pdbx_struct_oper_list.matrix[3][1]         0.0000000000 
_pdbx_struct_oper_list.matrix[3][2]         0.0000000000 
_pdbx_struct_oper_list.matrix[3][3]         1.0000000000 
_pdbx_struct_oper_list.vector[3]            0.0000000000 
# 
loop_
_struct_conf.conf_type_id 
_struct_conf.id 
_struct_conf.pdbx_PDB_helix_id 
_struct_conf.beg_label_comp_id 
_struct_conf.beg_label_asym_id 
_struct_conf.beg_label_seq_id 
_struct_conf.pdbx_beg_PDB_ins_code 
_struct_conf.end_label_comp_id 
_struct_conf.end_label_asym_id 
_struct_conf.end_label_seq_id 
_struct_conf.pdbx_end_PDB_ins_code 
_struct_conf.beg_auth_comp_id 
_struct_conf.beg_auth_asym_id 
_struct_conf.beg_auth_seq_id 
_struct_conf.end_auth_comp_id 
_struct_conf.end_auth_asym_id 
_struct_conf.end_auth_seq_id 
_struct_conf.pdbx_PDB_helix_class 
_struct_conf.details 
_struct_conf.pdbx_PDB_helix_length 
HELX_P HELX_P1 AA1 ALA A 2 ? LEU A 16 ? ALA A 2 LEU A 16 1 ? 15 
HELX_P HELX_P2 AA2 AIB B 3 ? LEU B 16 ? AIB B 3 LEU B 16 1 ? 14 
# 
_struct_conf_type.id          HELX_P 
_struct_conf_type.criteria    ? 
_struct_conf_type.reference   ? 
# 
loop_
_struct_conn.id 
_struct_conn.conn_type_id 
_struct_conn.pdbx_leaving_atom_flag 
_struct_conn.pdbx_PDB_id 
_struct_conn.ptnr1_label_asym_id 
_struct_conn.ptnr1_label_comp_id 
_struct_conn.ptnr1_label_seq_id 
_struct_conn.ptnr1_label_atom_id 
_struct_conn.pdbx_ptnr1_label_alt_id 
_struct_conn.pdbx_ptnr1_PDB_ins_code 
_struct_conn.pdbx_ptnr1_standard_comp_id 
_struct_conn.ptnr1_symmetry 
_struct_conn.ptnr2_label_asym_id 
_struct_conn.ptnr2_label_comp_id 
_struct_conn.ptnr2_label_seq_id 
_struct_conn.ptnr2_label_atom_id 
_struct_conn.pdbx_ptnr2_label_alt_id 
_struct_conn.pdbx_ptnr2_PDB_ins_code 
_struct_conn.ptnr1_auth_asym_id 
_struct_conn.ptnr1_auth_comp_id 
_struct_conn.ptnr1_auth_seq_id 
_struct_conn.ptnr2_auth_asym_id 
_struct_conn.ptnr2_auth_comp_id 
_struct_conn.ptnr2_auth_seq_id 
_struct_conn.ptnr2_symmetry 
_struct_conn.pdbx_ptnr3_label_atom_id 
_struct_conn.pdbx_ptnr3_label_seq_id 
_struct_conn.pdbx_ptnr3_label_comp_id 
_struct_conn.pdbx_ptnr3_label_asym_id 
_struct_conn.pdbx_ptnr3_label_alt_id 
_struct_conn.pdbx_ptnr3_PDB_ins_code 
_struct_conn.details 
_struct_conn.pdbx_dist_value 
_struct_conn.pdbx_value_order 
_struct_conn.pdbx_role 
covale1  covale one  ? A I6W 1  C02 ? ? ? 1_555 A ALA 2  N   ? ? A I6W 1  A ALA 2  1_555 ? ? ? ? ? ? ? 1.426 ? ? 
covale2  covale both ? A ALA 2  C   ? ? ? 1_555 A AIB 3  N   ? ? A ALA 2  A AIB 3  1_555 ? ? ? ? ? ? ? 1.330 ? ? 
covale3  covale both ? A AIB 3  C   ? ? ? 1_555 A ALA 4  N   ? ? A AIB 3  A ALA 4  1_555 ? ? ? ? ? ? ? 1.325 ? ? 
covale4  covale both ? A ALA 4  C   ? ? ? 1_555 A AIB 5  N   ? ? A ALA 4  A AIB 5  1_555 ? ? ? ? ? ? ? 1.326 ? ? 
covale5  covale both ? A AIB 5  C   ? ? ? 1_555 A ALA 6  N   ? ? A AIB 5  A ALA 6  1_555 ? ? ? ? ? ? ? 1.330 ? ? 
covale6  covale both ? A ALA 6  C   ? ? ? 1_555 A AIB 7  N   ? ? A ALA 6  A AIB 7  1_555 ? ? ? ? ? ? ? 1.327 ? ? 
covale7  covale both ? A AIB 7  C   ? ? ? 1_555 A LEU 8  N   ? ? A AIB 7  A LEU 8  1_555 ? ? ? ? ? ? ? 1.333 ? ? 
covale8  covale both ? A LEU 8  C   ? ? ? 1_555 A AIB 9  N   ? ? A LEU 8  A AIB 9  1_555 ? ? ? ? ? ? ? 1.328 ? ? 
covale9  covale both ? A AIB 9  C   ? ? ? 1_555 A ALA 10 N   ? ? A AIB 9  A ALA 10 1_555 ? ? ? ? ? ? ? 1.330 ? ? 
covale10 covale both ? A ALA 10 C   ? ? ? 1_555 A AIB 11 N   ? ? A ALA 10 A AIB 11 1_555 ? ? ? ? ? ? ? 1.333 ? ? 
covale11 covale both ? A AIB 11 C   ? ? ? 1_555 A LEU 12 N   ? ? A AIB 11 A LEU 12 1_555 ? ? ? ? ? ? ? 1.325 ? ? 
covale12 covale both ? A LEU 12 C   ? ? ? 1_555 A AIB 13 N   ? ? A LEU 12 A AIB 13 1_555 ? ? ? ? ? ? ? 1.328 ? ? 
covale13 covale both ? A AIB 13 C   ? ? ? 1_555 A GLN 14 N   ? ? A AIB 13 A GLN 14 1_555 ? ? ? ? ? ? ? 1.329 ? ? 
covale14 covale both ? A GLN 14 C   ? ? ? 1_555 A AIB 15 N   ? ? A GLN 14 A AIB 15 1_555 ? ? ? ? ? ? ? 1.331 ? ? 
covale15 covale both ? A AIB 15 C   ? ? ? 1_555 A LEU 16 N   ? ? A AIB 15 A LEU 16 1_555 ? ? ? ? ? ? ? 1.332 ? ? 
covale16 covale one  ? A LEU 16 C   ? ? ? 1_555 A I77 17 N15 ? ? A LEU 16 A I77 17 1_555 ? ? ? ? ? ? ? 1.422 ? ? 
covale17 covale one  ? B I6W 1  C02 ? ? ? 1_555 B ALA 2  N   ? ? B I6W 1  B ALA 2  1_555 ? ? ? ? ? ? ? 1.431 ? ? 
covale18 covale both ? B ALA 2  C   ? ? ? 1_555 B AIB 3  N   ? ? B ALA 2  B AIB 3  1_555 ? ? ? ? ? ? ? 1.329 ? ? 
covale19 covale both ? B AIB 3  C   ? ? ? 1_555 B ALA 4  N   ? ? B AIB 3  B ALA 4  1_555 ? ? ? ? ? ? ? 1.328 ? ? 
covale20 covale both ? B ALA 4  C   ? ? ? 1_555 B AIB 5  N   ? ? B ALA 4  B AIB 5  1_555 ? ? ? ? ? ? ? 1.333 ? ? 
covale21 covale both ? B AIB 5  C   ? ? ? 1_555 B ALA 6  N   ? ? B AIB 5  B ALA 6  1_555 ? ? ? ? ? ? ? 1.326 ? ? 
covale22 covale both ? B ALA 6  C   ? ? ? 1_555 B AIB 7  N   ? ? B ALA 6  B AIB 7  1_555 ? ? ? ? ? ? ? 1.327 ? ? 
covale23 covale both ? B AIB 7  C   ? ? ? 1_555 B LEU 8  N   ? ? B AIB 7  B LEU 8  1_555 ? ? ? ? ? ? ? 1.331 ? ? 
covale24 covale both ? B LEU 8  C   ? ? ? 1_555 B AIB 9  N   ? ? B LEU 8  B AIB 9  1_555 ? ? ? ? ? ? ? 1.329 ? ? 
covale25 covale both ? B AIB 9  C   ? ? ? 1_555 B ALA 10 N   ? ? B AIB 9  B ALA 10 1_555 ? ? ? ? ? ? ? 1.329 ? ? 
covale26 covale both ? B ALA 10 C   ? ? ? 1_555 B AIB 11 N   ? ? B ALA 10 B AIB 11 1_555 ? ? ? ? ? ? ? 1.328 ? ? 
covale27 covale both ? B AIB 11 C   ? ? ? 1_555 B LEU 12 N   ? ? B AIB 11 B LEU 12 1_555 ? ? ? ? ? ? ? 1.329 ? ? 
covale28 covale both ? B LEU 12 C   ? ? ? 1_555 B AIB 13 N   ? ? B LEU 12 B AIB 13 1_555 ? ? ? ? ? ? ? 1.334 ? ? 
covale29 covale both ? B AIB 13 C   ? ? ? 1_555 B GLN 14 N   ? ? B AIB 13 B GLN 14 1_555 ? ? ? ? ? ? ? 1.329 ? ? 
covale30 covale both ? B GLN 14 C   ? ? ? 1_555 B AIB 15 N   ? ? B GLN 14 B AIB 15 1_555 ? ? ? ? ? ? ? 1.330 ? ? 
covale31 covale both ? B AIB 15 C   ? ? ? 1_555 B LEU 16 N   ? ? B AIB 15 B LEU 16 1_555 ? ? ? ? ? ? ? 1.332 ? ? 
covale32 covale one  ? B LEU 16 C   ? ? ? 1_555 B I77 17 N15 ? ? B LEU 16 B I77 17 1_555 ? ? ? ? ? ? ? 1.419 ? ? 
# 
_struct_conn_type.id          covale 
_struct_conn_type.criteria    ? 
_struct_conn_type.reference   ? 
# 
_pdbx_entry_details.entry_id                   8VXS 
_pdbx_entry_details.nonpolymer_details         ? 
_pdbx_entry_details.sequence_details           ? 
_pdbx_entry_details.compound_details           ? 
_pdbx_entry_details.source_details             ? 
_pdbx_entry_details.has_ligand_of_interest     Y 
_pdbx_entry_details.has_protein_modification   ? 
# 
_pdbx_validate_symm_contact.id                1 
_pdbx_validate_symm_contact.PDB_model_num     1 
_pdbx_validate_symm_contact.auth_atom_id_1    O17 
_pdbx_validate_symm_contact.auth_asym_id_1    B 
_pdbx_validate_symm_contact.auth_comp_id_1    I6W 
_pdbx_validate_symm_contact.auth_seq_id_1     1 
_pdbx_validate_symm_contact.PDB_ins_code_1    ? 
_pdbx_validate_symm_contact.label_alt_id_1    ? 
_pdbx_validate_symm_contact.site_symmetry_1   1_555 
_pdbx_validate_symm_contact.auth_atom_id_2    O17 
_pdbx_validate_symm_contact.auth_asym_id_2    B 
_pdbx_validate_symm_contact.auth_comp_id_2    I6W 
_pdbx_validate_symm_contact.auth_seq_id_2     1 
_pdbx_validate_symm_contact.PDB_ins_code_2    ? 
_pdbx_validate_symm_contact.label_alt_id_2    ? 
_pdbx_validate_symm_contact.site_symmetry_2   2_657 
_pdbx_validate_symm_contact.dist              2.09 
# 
loop_
_space_group_symop.id 
_space_group_symop.operation_xyz 
1 x,y,z           
2 -x,y,-z         
3 x+1/2,y+1/2,z   
4 -x+1/2,y+1/2,-z 
# 
loop_
_pdbx_distant_solvent_atoms.id 
_pdbx_distant_solvent_atoms.PDB_model_num 
_pdbx_distant_solvent_atoms.auth_atom_id 
_pdbx_distant_solvent_atoms.label_alt_id 
_pdbx_distant_solvent_atoms.auth_asym_id 
_pdbx_distant_solvent_atoms.auth_comp_id 
_pdbx_distant_solvent_atoms.auth_seq_id 
_pdbx_distant_solvent_atoms.PDB_ins_code 
_pdbx_distant_solvent_atoms.neighbor_macromolecule_distance 
_pdbx_distant_solvent_atoms.neighbor_ligand_distance 
1 1 O ? B HOH 209 ? 7.49 . 
2 1 O ? B HOH 210 ? 7.66 . 
# 
loop_
_chem_comp_atom.comp_id 
_chem_comp_atom.atom_id 
_chem_comp_atom.type_symbol 
_chem_comp_atom.pdbx_aromatic_flag 
_chem_comp_atom.pdbx_stereo_config 
_chem_comp_atom.pdbx_ordinal 
AIB N    N N N 1   
AIB CA   C N N 2   
AIB C    C N N 3   
AIB O    O N N 4   
AIB OXT  O N N 5   
AIB CB1  C N N 6   
AIB CB2  C N N 7   
AIB H    H N N 8   
AIB H2   H N N 9   
AIB HXT  H N N 10  
AIB HB11 H N N 11  
AIB HB12 H N N 12  
AIB HB13 H N N 13  
AIB HB21 H N N 14  
AIB HB22 H N N 15  
AIB HB23 H N N 16  
ALA N    N N N 17  
ALA CA   C N S 18  
ALA C    C N N 19  
ALA O    O N N 20  
ALA CB   C N N 21  
ALA OXT  O N N 22  
ALA H    H N N 23  
ALA H2   H N N 24  
ALA HA   H N N 25  
ALA HB1  H N N 26  
ALA HB2  H N N 27  
ALA HB3  H N N 28  
ALA HXT  H N N 29  
CCN N    N N N 30  
CCN C1   C N N 31  
CCN C2   C N N 32  
CCN H21  H N N 33  
CCN H22  H N N 34  
CCN H23  H N N 35  
GLN N    N N N 36  
GLN CA   C N S 37  
GLN C    C N N 38  
GLN O    O N N 39  
GLN CB   C N N 40  
GLN CG   C N N 41  
GLN CD   C N N 42  
GLN OE1  O N N 43  
GLN NE2  N N N 44  
GLN OXT  O N N 45  
GLN H    H N N 46  
GLN H2   H N N 47  
GLN HA   H N N 48  
GLN HB2  H N N 49  
GLN HB3  H N N 50  
GLN HG2  H N N 51  
GLN HG3  H N N 52  
GLN HE21 H N N 53  
GLN HE22 H N N 54  
GLN HXT  H N N 55  
HOH O    O N N 56  
HOH H1   H N N 57  
HOH H2   H N N 58  
I6W C05  C Y N 59  
I6W C08  C Y N 60  
I6W C09  C Y N 61  
I6W N10  N Y N 62  
I6W C02  C N N 63  
I6W C03  C Y N 64  
I6W C04  C Y N 65  
I6W C06  C Y N 66  
I6W C11  C Y N 67  
I6W C12  C Y N 68  
I6W C13  C N N 69  
I6W C15  C N N 70  
I6W C16  C N N 71  
I6W C18  C Y N 72  
I6W C19  C Y N 73  
I6W N07  N Y N 74  
I6W O01  O N N 75  
I6W O14  O N N 76  
I6W O17  O N N 77  
I6W H051 H N N 78  
I6W H1   H N N 79  
I6W H041 H N N 80  
I6W H061 H N N 81  
I6W H111 H N N 82  
I6W H152 H N N 83  
I6W H151 H N N 84  
I6W H162 H N N 85  
I6W H163 H N N 86  
I6W H161 H N N 87  
I6W H181 H N N 88  
I6W H191 H N N 89  
I77 C11  C Y N 90  
I77 C12  C Y N 91  
I77 C13  C N N 92  
I77 C17  C Y N 93  
I77 C18  C Y N 94  
I77 C02  C N N 95  
I77 C03  C Y N 96  
I77 C04  C Y N 97  
I77 C05  C Y N 98  
I77 C06  C Y N 99  
I77 C08  C Y N 100 
I77 C09  C Y N 101 
I77 N01  N N N 102 
I77 N07  N Y N 103 
I77 N10  N Y N 104 
I77 N14  N N N 105 
I77 N15  N N N 106 
I77 O16  O N N 107 
I77 O19  O N N 108 
I77 H111 H N N 109 
I77 H171 H N N 110 
I77 H181 H N N 111 
I77 H041 H N N 112 
I77 H051 H N N 113 
I77 H061 H N N 114 
I77 H011 H N N 115 
I77 H012 H N N 116 
I77 H141 H N N 117 
I77 H1   H N N 118 
I77 H2   H N N 119 
LEU N    N N N 120 
LEU CA   C N S 121 
LEU C    C N N 122 
LEU O    O N N 123 
LEU CB   C N N 124 
LEU CG   C N N 125 
LEU CD1  C N N 126 
LEU CD2  C N N 127 
LEU OXT  O N N 128 
LEU H    H N N 129 
LEU H2   H N N 130 
LEU HA   H N N 131 
LEU HB2  H N N 132 
LEU HB3  H N N 133 
LEU HG   H N N 134 
LEU HD11 H N N 135 
LEU HD12 H N N 136 
LEU HD13 H N N 137 
LEU HD21 H N N 138 
LEU HD22 H N N 139 
LEU HD23 H N N 140 
LEU HXT  H N N 141 
# 
loop_
_chem_comp_bond.comp_id 
_chem_comp_bond.atom_id_1 
_chem_comp_bond.atom_id_2 
_chem_comp_bond.value_order 
_chem_comp_bond.pdbx_aromatic_flag 
_chem_comp_bond.pdbx_stereo_config 
_chem_comp_bond.pdbx_ordinal 
AIB N   CA   sing N N 1   
AIB N   H    sing N N 2   
AIB N   H2   sing N N 3   
AIB CA  C    sing N N 4   
AIB CA  CB1  sing N N 5   
AIB CA  CB2  sing N N 6   
AIB C   O    doub N N 7   
AIB C   OXT  sing N N 8   
AIB OXT HXT  sing N N 9   
AIB CB1 HB11 sing N N 10  
AIB CB1 HB12 sing N N 11  
AIB CB1 HB13 sing N N 12  
AIB CB2 HB21 sing N N 13  
AIB CB2 HB22 sing N N 14  
AIB CB2 HB23 sing N N 15  
ALA N   CA   sing N N 16  
ALA N   H    sing N N 17  
ALA N   H2   sing N N 18  
ALA CA  C    sing N N 19  
ALA CA  CB   sing N N 20  
ALA CA  HA   sing N N 21  
ALA C   O    doub N N 22  
ALA C   OXT  sing N N 23  
ALA CB  HB1  sing N N 24  
ALA CB  HB2  sing N N 25  
ALA CB  HB3  sing N N 26  
ALA OXT HXT  sing N N 27  
CCN N   C1   trip N N 28  
CCN C1  C2   sing N N 29  
CCN C2  H21  sing N N 30  
CCN C2  H22  sing N N 31  
CCN C2  H23  sing N N 32  
GLN N   CA   sing N N 33  
GLN N   H    sing N N 34  
GLN N   H2   sing N N 35  
GLN CA  C    sing N N 36  
GLN CA  CB   sing N N 37  
GLN CA  HA   sing N N 38  
GLN C   O    doub N N 39  
GLN C   OXT  sing N N 40  
GLN CB  CG   sing N N 41  
GLN CB  HB2  sing N N 42  
GLN CB  HB3  sing N N 43  
GLN CG  CD   sing N N 44  
GLN CG  HG2  sing N N 45  
GLN CG  HG3  sing N N 46  
GLN CD  OE1  doub N N 47  
GLN CD  NE2  sing N N 48  
GLN NE2 HE21 sing N N 49  
GLN NE2 HE22 sing N N 50  
GLN OXT HXT  sing N N 51  
HOH O   H1   sing N N 52  
HOH O   H2   sing N N 53  
I6W O01 C02  doub N N 54  
I6W C02 C03  sing N N 55  
I6W C03 C06  doub Y N 56  
I6W C03 C04  sing Y N 57  
I6W C06 N07  sing Y N 58  
I6W C04 C05  doub Y N 59  
I6W N07 C08  doub Y N 60  
I6W C05 C08  sing Y N 61  
I6W C08 C09  sing N N 62  
I6W C09 C19  doub Y N 63  
I6W C09 N10  sing Y N 64  
I6W C19 C18  sing Y N 65  
I6W N10 C11  doub Y N 66  
I6W C18 C12  doub Y N 67  
I6W C11 C12  sing Y N 68  
I6W C12 C13  sing N N 69  
I6W C13 O17  doub N N 70  
I6W C13 O14  sing N N 71  
I6W O14 C15  sing N N 72  
I6W C15 C16  sing N N 73  
I6W C05 H051 sing N N 74  
I6W C02 H1   sing N N 75  
I6W C04 H041 sing N N 76  
I6W C06 H061 sing N N 77  
I6W C11 H111 sing N N 78  
I6W C15 H152 sing N N 79  
I6W C15 H151 sing N N 80  
I6W C16 H162 sing N N 81  
I6W C16 H163 sing N N 82  
I6W C16 H161 sing N N 83  
I6W C18 H181 sing N N 84  
I6W C19 H191 sing N N 85  
I77 N15 N14  sing N N 86  
I77 O16 C13  doub N N 87  
I77 N14 C13  sing N N 88  
I77 C13 C12  sing N N 89  
I77 C12 C17  doub Y N 90  
I77 C12 C11  sing Y N 91  
I77 C17 C18  sing Y N 92  
I77 C11 N10  doub Y N 93  
I77 C18 C09  doub Y N 94  
I77 N10 C09  sing Y N 95  
I77 C09 C08  sing N N 96  
I77 C08 N07  doub Y N 97  
I77 C08 C05  sing Y N 98  
I77 N07 C06  sing Y N 99  
I77 C05 C04  doub Y N 100 
I77 C06 C03  doub Y N 101 
I77 C04 C03  sing Y N 102 
I77 C03 C02  sing N N 103 
I77 C02 N01  sing N N 104 
I77 C02 O19  doub N N 105 
I77 C11 H111 sing N N 106 
I77 C17 H171 sing N N 107 
I77 C18 H181 sing N N 108 
I77 C04 H041 sing N N 109 
I77 C05 H051 sing N N 110 
I77 C06 H061 sing N N 111 
I77 N01 H011 sing N N 112 
I77 N01 H012 sing N N 113 
I77 N14 H141 sing N N 114 
I77 N15 H1   sing N N 115 
I77 N15 H2   sing N N 116 
LEU N   CA   sing N N 117 
LEU N   H    sing N N 118 
LEU N   H2   sing N N 119 
LEU CA  C    sing N N 120 
LEU CA  CB   sing N N 121 
LEU CA  HA   sing N N 122 
LEU C   O    doub N N 123 
LEU C   OXT  sing N N 124 
LEU CB  CG   sing N N 125 
LEU CB  HB2  sing N N 126 
LEU CB  HB3  sing N N 127 
LEU CG  CD1  sing N N 128 
LEU CG  CD2  sing N N 129 
LEU CG  HG   sing N N 130 
LEU CD1 HD11 sing N N 131 
LEU CD1 HD12 sing N N 132 
LEU CD1 HD13 sing N N 133 
LEU CD2 HD21 sing N N 134 
LEU CD2 HD22 sing N N 135 
LEU CD2 HD23 sing N N 136 
LEU OXT HXT  sing N N 137 
# 
_pdbx_audit_support.funding_organization   'Department of Energy (DOE, United States)' 
_pdbx_audit_support.country                'United States' 
_pdbx_audit_support.grant_number           DE-AC02-06CH11357 
_pdbx_audit_support.ordinal                1 
# 
_pdbx_initial_refinement_model.id               1 
_pdbx_initial_refinement_model.entity_id_list   ? 
_pdbx_initial_refinement_model.type             'experimental model' 
_pdbx_initial_refinement_model.source_name      PDB 
_pdbx_initial_refinement_model.accession_code   8GK9 
_pdbx_initial_refinement_model.details          ? 
# 
_space_group.name_H-M_alt     'C 1 2 1' 
_space_group.name_Hall        'C 2y' 
_space_group.IT_number        5 
_space_group.crystal_system   monoclinic 
_space_group.id               1 
# 
_atom_sites.entry_id                    8VXS 
_atom_sites.Cartn_transf_matrix[1][1]   ? 
_atom_sites.Cartn_transf_matrix[1][2]   ? 
_atom_sites.Cartn_transf_matrix[1][3]   ? 
_atom_sites.Cartn_transf_matrix[2][1]   ? 
_atom_sites.Cartn_transf_matrix[2][2]   ? 
_atom_sites.Cartn_transf_matrix[2][3]   ? 
_atom_sites.Cartn_transf_matrix[3][1]   ? 
_atom_sites.Cartn_transf_matrix[3][2]   ? 
_atom_sites.Cartn_transf_matrix[3][3]   ? 
_atom_sites.Cartn_transf_vector[1]      ? 
_atom_sites.Cartn_transf_vector[2]      ? 
_atom_sites.Cartn_transf_vector[3]      ? 
_atom_sites.Cartn_transform_axes        ? 
_atom_sites.fract_transf_matrix[1][1]   -0.01002151 
_atom_sites.fract_transf_matrix[1][2]   -0.01298101 
_atom_sites.fract_transf_matrix[1][3]   -0.01024740 
_atom_sites.fract_transf_matrix[2][1]   0.01209523 
_atom_sites.fract_transf_matrix[2][2]   -0.04891001 
_atom_sites.fract_transf_matrix[2][3]   0.05012871 
_atom_sites.fract_transf_matrix[3][1]   -0.03144681 
_atom_sites.fract_transf_matrix[3][2]   -0.00344585 
_atom_sites.fract_transf_matrix[3][3]   0.00422552 
_atom_sites.fract_transf_vector[1]      0.279636 
_atom_sites.fract_transf_vector[2]      -0.122786 
_atom_sites.fract_transf_vector[3]      0.274451 
_atom_sites.solution_primary            ? 
_atom_sites.solution_secondary          ? 
_atom_sites.solution_hydrogens          ? 
_atom_sites.special_details             ? 
# 
loop_
_atom_type.symbol 
_atom_type.scat_dispersion_real 
_atom_type.scat_dispersion_imag 
_atom_type.scat_Cromer_Mann_a1 
_atom_type.scat_Cromer_Mann_a2 
_atom_type.scat_Cromer_Mann_a3 
_atom_type.scat_Cromer_Mann_a4 
_atom_type.scat_Cromer_Mann_b1 
_atom_type.scat_Cromer_Mann_b2 
_atom_type.scat_Cromer_Mann_b3 
_atom_type.scat_Cromer_Mann_b4 
_atom_type.scat_Cromer_Mann_c 
_atom_type.scat_source 
_atom_type.scat_dispersion_source 
C ? ? 3.54356 2.42580 ? ? 25.62398 1.50364 ? ? 0.0 
;2-Gaussian fit: Grosse-Kunstleve RW, Sauter NK, Adams PD: Newsletter of the IUCr Commission on Crystallographic Computing 2004, 3, 22-31.
;
? 
H ? ? 0.51345 0.48472 ? ? 24.73122 6.32584 ? ? 0.0 
;2-Gaussian fit: Grosse-Kunstleve RW, Sauter NK, Adams PD: Newsletter of the IUCr Commission on Crystallographic Computing 2004, 3, 22-31.
;
? 
N ? ? 4.01032 2.96436 ? ? 19.97189 1.75589 ? ? 0.0 
;2-Gaussian fit: Grosse-Kunstleve RW, Sauter NK, Adams PD: Newsletter of the IUCr Commission on Crystallographic Computing 2004, 3, 22-31.
;
? 
O ? ? 4.49882 3.47563 ? ? 15.80542 1.70748 ? ? 0.0 
;2-Gaussian fit: Grosse-Kunstleve RW, Sauter NK, Adams PD: Newsletter of the IUCr Commission on Crystallographic Computing 2004, 3, 22-31.
;
? 
# 
loop_
_atom_site.group_PDB 
_atom_site.id 
_atom_site.type_symbol 
_atom_site.label_atom_id 
_atom_site.label_alt_id 
_atom_site.label_comp_id 
_atom_site.label_asym_id 
_atom_site.label_entity_id 
_atom_site.label_seq_id 
_atom_site.pdbx_PDB_ins_code 
_atom_site.Cartn_x 
_atom_site.Cartn_y 
_atom_site.Cartn_z 
_atom_site.occupancy 
_atom_site.B_iso_or_equiv 
_atom_site.pdbx_formal_charge 
_atom_site.auth_seq_id 
_atom_site.auth_comp_id 
_atom_site.auth_asym_id 
_atom_site.auth_atom_id 
_atom_site.pdbx_PDB_model_num 
HETATM 1   C C05  . I6W A 1 1  ? 4.36512   -16.88008 -5.66442  1.000 8.37589  ? 1   I6W A C05  1 
HETATM 2   C C08  . I6W A 1 1  ? 5.67439   -16.86531 -6.00668  1.000 9.34677  ? 1   I6W A C08  1 
HETATM 3   C C09  . I6W A 1 1  ? 6.13983   -17.88063 -7.01971  1.000 8.57381  ? 1   I6W A C09  1 
HETATM 4   N N10  . I6W A 1 1  ? 5.30172   -18.76806 -7.50745  1.000 11.56536 ? 1   I6W A N10  1 
HETATM 5   C C02  . I6W A 1 1  ? 4.34136   -13.97286 -3.20440  1.000 9.98883  ? 1   I6W A C02  1 
HETATM 6   C C03  . I6W A 1 1  ? 4.80011   -15.02392 -4.22479  1.000 9.66807  ? 1   I6W A C03  1 
HETATM 7   C C04  . I6W A 1 1  ? 3.90641   -15.95078 -4.72607  1.000 10.56787 ? 1   I6W A C04  1 
HETATM 8   C C06  . I6W A 1 1  ? 6.11691   -15.03747 -4.63442  1.000 10.39922 ? 1   I6W A C06  1 
HETATM 9   C C11  . I6W A 1 1  ? 5.66341   -19.65580 -8.41835  1.000 9.50793  ? 1   I6W A C11  1 
HETATM 10  C C12  . I6W A 1 1  ? 6.96832   -19.65033 -8.86424  1.000 10.13607 ? 1   I6W A C12  1 
HETATM 11  C C13  . I6W A 1 1  ? 7.45853   -20.63782 -9.92692  1.000 8.60473  ? 1   I6W A C13  1 
HETATM 12  C C15  . I6W A 1 1  ? 9.36557   -21.47890 -11.12185 1.000 10.06909 ? 1   I6W A C15  1 
HETATM 13  C C16  . I6W A 1 1  ? 9.49278   -20.69220 -12.44301 1.000 10.56860 ? 1   I6W A C16  1 
HETATM 14  C C18  . I6W A 1 1  ? 7.86026   -18.73135 -8.37247  1.000 10.23116 ? 1   I6W A C18  1 
HETATM 15  C C19  . I6W A 1 1  ? 7.44440   -17.80443 -7.43095  1.000 9.09249  ? 1   I6W A C19  1 
HETATM 16  N N07  . I6W A 1 1  ? 6.51472   -15.94451 -5.52154  1.000 11.81461 ? 1   I6W A N07  1 
HETATM 17  O O01  . I6W A 1 1  ? 4.60182   -12.81088 -3.31385  1.000 10.58466 ? 1   I6W A O01  1 
HETATM 18  O O14  . I6W A 1 1  ? 8.84616   -20.57613 -10.14187 1.000 9.51748  ? 1   I6W A O14  1 
HETATM 19  O O17  . I6W A 1 1  ? 6.72894   -21.33955 -10.52700 1.000 9.99854  ? 1   I6W A O17  1 
HETATM 20  H H051 . I6W A 1 1  ? 3.69592   -17.58772 -6.10264  1.000 10.05932 ? 1   I6W A H051 1 
HETATM 21  H H041 . I6W A 1 1  ? 2.83871   -15.95691 -4.38787  1.000 12.68969 ? 1   I6W A H041 1 
HETATM 22  H H061 . I6W A 1 1  ? 6.82195   -14.31393 -4.23592  1.000 12.48731 ? 1   I6W A H061 1 
HETATM 23  H H111 . I6W A 1 1  ? 4.96172   -20.36036 -8.79974  1.000 11.41777 ? 1   I6W A H111 1 
HETATM 24  H H152 . I6W A 1 1  ? 8.68856   -22.31414 -11.25191 1.000 12.09116 ? 1   I6W A H152 1 
HETATM 25  H H151 . I6W A 1 1  ? 10.33760  -21.84254 -10.81232 1.000 12.09116 ? 1   I6W A H151 1 
HETATM 26  H H162 . I6W A 1 1  ? 8.48423   -20.48828 -12.84858 1.000 12.69057 ? 1   I6W A H162 1 
HETATM 27  H H163 . I6W A 1 1  ? 10.07045  -21.28949 -13.17293 1.000 12.69057 ? 1   I6W A H163 1 
HETATM 28  H H161 . I6W A 1 1  ? 10.01472  -19.73577 -12.25312 1.000 12.69057 ? 1   I6W A H161 1 
HETATM 29  H H181 . I6W A 1 1  ? 8.89310   -18.72968 -8.72082  1.000 12.28565 ? 1   I6W A H181 1 
HETATM 30  H H191 . I6W A 1 1  ? 8.12254   -17.05070 -7.03629  1.000 10.91924 ? 1   I6W A H191 1 
ATOM   31  N N    . ALA A 1 2  ? 3.37166   -14.49894 -2.30161  1.000 10.55481 ? 2   ALA A N    1 
ATOM   32  C CA   . ALA A 1 2  ? 2.50048   -13.56273 -1.60123  1.000 9.93275  ? 2   ALA A CA   1 
ATOM   33  C C    . ALA A 1 2  ? 3.25224   -12.57496 -0.69681  1.000 9.25154  ? 2   ALA A C    1 
ATOM   34  O O    . ALA A 1 2  ? 2.97302   -11.36966 -0.72557  1.000 9.60017  ? 2   ALA A O    1 
ATOM   35  C CB   . ALA A 1 2  ? 1.48306   -14.33974 -0.78889  1.000 11.52142 ? 2   ALA A CB   1 
ATOM   36  H H    . ALA A 1 2  ? 3.18102   -15.44016 -2.27344  1.000 12.67403 ? 2   ALA A H    1 
ATOM   37  H HA   . ALA A 1 2  ? 2.05173   -13.02218 -2.27006  1.000 11.92755 ? 2   ALA A HA   1 
ATOM   38  H HB1  . ALA A 1 2  ? 0.87018   -13.71544 -0.36993  1.000 13.83397 ? 2   ALA A HB1  1 
ATOM   39  H HB2  . ALA A 1 2  ? 0.99599   -14.93555 -1.37939  1.000 13.83397 ? 2   ALA A HB2  1 
ATOM   40  H HB3  . ALA A 1 2  ? 1.94724   -14.85376 -0.10976  1.000 13.83397 ? 2   ALA A HB3  1 
HETATM 41  N N    . AIB A 1 3  ? 4.16665   -13.08018 0.12657   1.000 8.79261  ? 3   AIB A N    1 
HETATM 42  C CA   . AIB A 1 3  ? 4.88219   -12.23135 1.07385   1.000 8.95276  ? 3   AIB A CA   1 
HETATM 43  C C    . AIB A 1 3  ? 5.58390   -11.06687 0.34875   1.000 8.98812  ? 3   AIB A C    1 
HETATM 44  O O    . AIB A 1 3  ? 5.53589   -9.89014  0.72594   1.000 9.31071  ? 3   AIB A O    1 
HETATM 45  C CB1  . AIB A 1 3  ? 3.94512   -11.64158 2.15361   1.000 9.09694  ? 3   AIB A CB1  1 
HETATM 46  C CB2  . AIB A 1 3  ? 5.98877   -13.01823 1.80232   1.000 9.71077  ? 3   AIB A CB2  1 
HETATM 47  H H    . AIB A 1 3  ? 4.39496   -14.00210 0.27727   1.000 10.55939 ? 3   AIB A H    1 
HETATM 48  H HB11 . AIB A 1 3  ? 3.16454   -11.00795 1.66919   1.000 10.92458 ? 3   AIB A HB11 1 
HETATM 49  H HB12 . AIB A 1 3  ? 3.45022   -12.46927 2.71529   1.000 10.92458 ? 3   AIB A HB12 1 
HETATM 50  H HB13 . AIB A 1 3  ? 4.53643   -11.01695 2.86469   1.000 10.92458 ? 3   AIB A HB13 1 
HETATM 51  H HB21 . AIB A 1 3  ? 5.51639   -13.73790 2.51408   1.000 11.66118 ? 3   AIB A HB21 1 
HETATM 52  H HB22 . AIB A 1 3  ? 6.59775   -13.57388 1.04860   1.000 11.66118 ? 3   AIB A HB22 1 
HETATM 53  H HB23 . AIB A 1 3  ? 6.63802   -12.30174 2.36158   1.000 11.66118 ? 3   AIB A HB23 1 
ATOM   54  N N    . ALA A 1 4  ? 6.25764   -11.43076 -0.73267  1.000 8.35970  ? 4   ALA A N    1 
ATOM   55  C CA   . ALA A 1 4  ? 7.04765   -10.46115 -1.48833  1.000 8.32214  ? 4   ALA A CA   1 
ATOM   56  C C    . ALA A 1 4  ? 6.15441   -9.45045  -2.20164  1.000 9.06491  ? 4   ALA A C    1 
ATOM   57  O O    . ALA A 1 4  ? 6.44045   -8.24620  -2.22891  1.000 9.64809  ? 4   ALA A O    1 
ATOM   58  C CB   . ALA A 1 4  ? 7.94179   -11.18971 -2.49105  1.000 8.67422  ? 4   ALA A CB   1 
ATOM   59  H H    . ALA A 1 4  ? 6.27549   -12.22950 -1.05094  1.000 10.03989 ? 4   ALA A H    1 
ATOM   60  H HA   . ALA A 1 4  ? 7.61360   -9.96691  -0.87489  1.000 9.99482  ? 4   ALA A HA   1 
ATOM   61  H HB1  . ALA A 1 4  ? 8.47958   -10.53747 -2.96672  1.000 10.41731 ? 4   ALA A HB1  1 
ATOM   62  H HB2  . ALA A 1 4  ? 8.51700   -11.80620 -2.01152  1.000 10.41731 ? 4   ALA A HB2  1 
ATOM   63  H HB3  . ALA A 1 4  ? 7.38305   -11.67708 -3.11650  1.000 10.41731 ? 4   ALA A HB3  1 
HETATM 64  N N    . AIB A 1 5  ? 5.08578   -9.95822  -2.80065  1.000 8.17466  ? 5   AIB A N    1 
HETATM 65  C CA   . AIB A 1 5  ? 4.12939   -9.12309  -3.47945  1.000 8.71458  ? 5   AIB A CA   1 
HETATM 66  C C    . AIB A 1 5  ? 3.60092   -8.01547  -2.55388  1.000 9.11012  ? 5   AIB A C    1 
HETATM 67  O O    . AIB A 1 5  ? 3.47966   -6.82947  -2.88115  1.000 10.13669 ? 5   AIB A O    1 
HETATM 68  C CB1  . AIB A 1 5  ? 4.74000   -8.48998  -4.73816  1.000 9.26588  ? 5   AIB A CB1  1 
HETATM 69  C CB2  . AIB A 1 5  ? 2.88978   -9.93189  -3.89109  1.000 9.93937  ? 5   AIB A CB2  1 
HETATM 70  H H    . AIB A 1 5  ? 4.77968   -10.86828 -2.78799  1.000 9.81785  ? 5   AIB A H    1 
HETATM 71  H HB11 . AIB A 1 5  ? 5.46448   -7.69327  -4.44516  1.000 11.12731 ? 5   AIB A HB11 1 
HETATM 72  H HB12 . AIB A 1 5  ? 5.27245   -9.27075  -5.33176  1.000 11.12731 ? 5   AIB A HB12 1 
HETATM 73  H HB13 . AIB A 1 5  ? 3.93208   -8.04038  -5.36313  1.000 11.12731 ? 5   AIB A HB13 1 
HETATM 74  H HB21 . AIB A 1 5  ? 3.17053   -10.63866 -4.70922  1.000 11.93550 ? 5   AIB A HB21 1 
HETATM 75  H HB22 . AIB A 1 5  ? 2.51693   -10.50338 -3.00675  1.000 11.93550 ? 5   AIB A HB22 1 
HETATM 76  H HB23 . AIB A 1 5  ? 2.09893   -9.22971  -4.25050  1.000 11.93550 ? 5   AIB A HB23 1 
ATOM   77  N N    . ALA A 1 6  ? 3.26800   -8.43524  -1.33610  1.000 9.48770  ? 6   ALA A N    1 
ATOM   78  C CA   . ALA A 1 6  ? 2.70416   -7.51971  -0.35225  1.000 9.91545  ? 6   ALA A CA   1 
ATOM   79  C C    . ALA A 1 6  ? 3.75532   -6.51678  0.11302   1.000 8.79470  ? 6   ALA A C    1 
ATOM   80  O O    . ALA A 1 6  ? 3.47478   -5.32329  0.26935   1.000 9.70616  ? 6   ALA A O    1 
ATOM   81  C CB   . ALA A 1 6  ? 2.15922   -8.29619  0.82452   1.000 11.45671 ? 6   ALA A CB   1 
ATOM   82  H H    . ALA A 1 6  ? 3.35914   -9.24362  -1.05714  1.000 11.39349 ? 6   ALA A H    1 
ATOM   83  H HA   . ALA A 1 6  ? 1.97222   -7.02608  -0.75410  1.000 11.90679 ? 6   ALA A HA   1 
ATOM   84  H HB1  . ALA A 1 6  ? 1.77179   -7.67487  1.46072   1.000 13.75631 ? 6   ALA A HB1  1 
ATOM   85  H HB2  . ALA A 1 6  ? 1.48021   -8.91280  0.50886   1.000 13.75631 ? 6   ALA A HB2  1 
ATOM   86  H HB3  . ALA A 1 6  ? 2.88412   -8.78762  1.24158   1.000 13.75631 ? 6   ALA A HB3  1 
HETATM 87  N N    . AIB A 1 7  ? 4.97342   -7.00121  0.32101   1.000 8.87345  ? 7   AIB A N    1 
HETATM 88  C CA   . AIB A 1 7  ? 6.06904   -6.14774  0.72961   1.000 9.04529  ? 7   AIB A CA   1 
HETATM 89  C C    . AIB A 1 7  ? 6.20579   -4.96520  -0.26031  1.000 8.41246  ? 7   AIB A C    1 
HETATM 90  O O    . AIB A 1 7  ? 6.35331   -3.80237  0.11947   1.000 9.21738  ? 7   AIB A O    1 
HETATM 91  C CB1  . AIB A 1 7  ? 5.88137   -5.57840  2.14676   1.000 8.63904  ? 7   AIB A CB1  1 
HETATM 92  C CB2  . AIB A 1 7  ? 7.40227   -6.91266  0.67073   1.000 9.32694  ? 7   AIB A CB2  1 
HETATM 93  H H    . AIB A 1 7  ? 5.32340   -7.84467  -0.08898  1.000 10.65639 ? 7   AIB A H    1 
HETATM 94  H HB11 . AIB A 1 7  ? 4.95169   -4.96221  2.18476   1.000 10.37511 ? 7   AIB A HB11 1 
HETATM 95  H HB12 . AIB A 1 7  ? 5.79807   -6.41510  2.88054   1.000 10.37511 ? 7   AIB A HB12 1 
HETATM 96  H HB13 . AIB A 1 7  ? 6.75665   -4.94009  2.41490   1.000 10.37511 ? 7   AIB A HB13 1 
HETATM 97  H HB21 . AIB A 1 7  ? 7.32663   -7.82707  1.30776   1.000 11.20059 ? 7   AIB A HB21 1 
HETATM 98  H HB22 . AIB A 1 7  ? 7.60967   -7.20322  -0.38771  1.000 11.20059 ? 7   AIB A HB22 1 
HETATM 99  H HB23 . AIB A 1 7  ? 8.21900   -6.25188  1.05020   1.000 11.20059 ? 7   AIB A HB23 1 
ATOM   100 N N    . LEU A 1 8  ? 6.19303   -5.29937  -1.55040  1.000 8.48032  ? 8   LEU A N    1 
ATOM   101 C CA   . LEU A 1 8  ? 6.36228   -4.29042  -2.59363  1.000 7.61988  ? 8   LEU A CA   1 
ATOM   102 C C    . LEU A 1 8  ? 5.18076   -3.32832  -2.65592  1.000 7.51539  ? 8   LEU A C    1 
ATOM   103 O O    . LEU A 1 8  ? 5.36006   -2.11342  -2.75818  1.000 7.96440  ? 8   LEU A O    1 
ATOM   104 C CB   . LEU A 1 8  ? 6.56707   -4.93632  -3.96921  1.000 8.74713  ? 8   LEU A CB   1 
ATOM   105 C CG   . LEU A 1 8  ? 6.79898   -3.92883  -5.10284  1.000 8.39896  ? 8   LEU A CG   1 
ATOM   106 C CD1  . LEU A 1 8  ? 8.09964   -3.17374  -4.92462  1.000 8.81890  ? 8   LEU A CD1  1 
ATOM   107 C CD2  . LEU A 1 8  ? 6.77530   -4.66677  -6.41601  1.000 9.93155  ? 8   LEU A CD2  1 
ATOM   108 H H    . LEU A 1 8  ? 6.08840   -6.10037  -1.84545  1.000 10.18464 ? 8   LEU A H    1 
ATOM   109 H HA   . LEU A 1 8  ? 7.15725   -3.77862  -2.37686  1.000 9.15211  ? 8   LEU A HA   1 
ATOM   110 H HB2  . LEU A 1 8  ? 7.34250   -5.51755  -3.92675  1.000 10.50481 ? 8   LEU A HB2  1 
ATOM   111 H HB3  . LEU A 1 8  ? 5.77661   -5.45334  -4.19002  1.000 10.50481 ? 8   LEU A HB3  1 
ATOM   112 H HG   . LEU A 1 8  ? 6.09510   -3.26145  -5.09511  1.000 10.08701 ? 8   LEU A HG   1 
ATOM   113 H HD11 . LEU A 1 8  ? 8.27148   -2.64822  -5.72161  1.000 10.59093 ? 8   LEU A HD11 1 
ATOM   114 H HD12 . LEU A 1 8  ? 8.02286   -2.59003  -4.15372  1.000 10.59093 ? 8   LEU A HD12 1 
ATOM   115 H HD13 . LEU A 1 8  ? 8.81823   -3.81060  -4.78703  1.000 10.59093 ? 8   LEU A HD13 1 
ATOM   116 H HD21 . LEU A 1 8  ? 7.00079   -4.04934  -7.12934  1.000 11.92612 ? 8   LEU A HD21 1 
ATOM   117 H HD22 . LEU A 1 8  ? 7.42380   -5.38745  -6.38502  1.000 11.92612 ? 8   LEU A HD22 1 
ATOM   118 H HD23 . LEU A 1 8  ? 5.88642   -5.02759  -6.55951  1.000 11.92612 ? 8   LEU A HD23 1 
HETATM 119 N N    . AIB A 1 9  ? 3.97025   -3.87183  -2.60732  1.000 8.00536  ? 9   AIB A N    1 
HETATM 120 C CA   . AIB A 1 9  ? 2.77938   -3.05516  -2.65199  1.000 8.89220  ? 9   AIB A CA   1 
HETATM 121 C C    . AIB A 1 9  ? 2.85343   -1.92279  -1.60275  1.000 8.52174  ? 9   AIB A C    1 
HETATM 122 O O    . AIB A 1 9  ? 2.62544   -0.73574  -1.84540  1.000 8.63745  ? 9   AIB A O    1 
HETATM 123 C CB1  . AIB A 1 9  ? 2.60808   -2.39410  -4.04015  1.000 9.49287  ? 9   AIB A CB1  1 
HETATM 124 C CB2  . AIB A 1 9  ? 1.53301   -3.90699  -2.30218  1.000 9.05408  ? 9   AIB A CB2  1 
HETATM 125 H H    . AIB A 1 9  ? 3.79875   -4.66602  -2.09617  1.000 9.61469  ? 9   AIB A H    1 
HETATM 126 H HB11 . AIB A 1 9  ? 3.57558   -1.94143  -4.36344  1.000 11.39970 ? 9   AIB A HB11 1 
HETATM 127 H HB12 . AIB A 1 9  ? 2.29394   -3.16201  -4.78654  1.000 11.39970 ? 9   AIB A HB12 1 
HETATM 128 H HB13 . AIB A 1 9  ? 1.82969   -1.59637  -3.98367  1.000 11.39970 ? 9   AIB A HB13 1 
HETATM 129 H HB21 . AIB A 1 9  ? 1.38678   -4.68160  -3.09357  1.000 10.87315 ? 9   AIB A HB21 1 
HETATM 130 H HB22 . AIB A 1 9  ? 1.69424   -4.40026  -1.31306  1.000 10.87315 ? 9   AIB A HB22 1 
HETATM 131 H HB23 . AIB A 1 9  ? 0.63789   -3.24064  -2.25290  1.000 10.87315 ? 9   AIB A HB23 1 
ATOM   132 N N    . ALA A 1 10 ? 3.19886   -2.33353  -0.38597  1.000 8.03928  ? 10  ALA A N    1 
ATOM   133 C CA   . ALA A 1 10 ? 3.29696   -1.40393  0.72504   1.000 8.09505  ? 10  ALA A CA   1 
ATOM   134 C C    . ALA A 1 10 ? 4.50119   -0.46748  0.60424   1.000 8.73740  ? 10  ALA A C    1 
ATOM   135 O O    . ALA A 1 10 ? 4.39645   0.72418   0.90378   1.000 8.44399  ? 10  ALA A O    1 
ATOM   136 C CB   . ALA A 1 10 ? 3.34775   -2.16374  2.03702   1.000 7.94462  ? 10  ALA A CB   1 
ATOM   137 H H    . ALA A 1 10 ? 3.38122   -3.14864  -0.18121  1.000 9.65540  ? 10  ALA A H    1 
ATOM   138 H HA   . ALA A 1 10 ? 2.50495   -0.84396  0.71760   1.000 9.72232  ? 10  ALA A HA   1 
ATOM   139 H HB1  . ALA A 1 10 ? 3.42646   -1.52929  2.76654   1.000 9.54180  ? 10  ALA A HB1  1 
ATOM   140 H HB2  . ALA A 1 10 ? 2.53261   -2.68041  2.13450   1.000 9.54180  ? 10  ALA A HB2  1 
ATOM   141 H HB3  . ALA A 1 10 ? 4.11589   -2.75602  2.02942   1.000 9.54180  ? 10  ALA A HB3  1 
HETATM 142 N N    . AIB A 1 11 ? 5.64758   -1.00742  0.19054   1.000 8.02965  ? 11  AIB A N    1 
HETATM 143 C CA   . AIB A 1 11 ? 6.85124   -0.20834  0.02934   1.000 7.99319  ? 11  AIB A CA   1 
HETATM 144 C C    . AIB A 1 11 ? 6.58037   1.00442   -0.87631  1.000 8.62511  ? 11  AIB A C    1 
HETATM 145 O O    . AIB A 1 11 ? 6.94945   2.14253   -0.61124  1.000 8.22112  ? 11  AIB A O    1 
HETATM 146 C CB1  . AIB A 1 11 ? 7.36433   0.24123   1.40875   1.000 10.05919 ? 11  AIB A CB1  1 
HETATM 147 C CB2  . AIB A 1 11 ? 7.97694   -0.99945  -0.65427  1.000 10.36433 ? 11  AIB A CB2  1 
HETATM 148 H H    . AIB A 1 11 ? 5.74108   -1.82068  -0.31231  1.000 9.64383  ? 11  AIB A H    1 
HETATM 149 H HB11 . AIB A 1 11 ? 6.56870   0.81941   1.93614   1.000 12.07929 ? 11  AIB A HB11 1 
HETATM 150 H HB12 . AIB A 1 11 ? 7.63496   -0.65285  2.01936   1.000 12.07929 ? 11  AIB A HB12 1 
HETATM 151 H HB13 . AIB A 1 11 ? 8.26578   0.88697   1.28288   1.000 12.07929 ? 11  AIB A HB13 1 
HETATM 152 H HB21 . AIB A 1 11 ? 8.25324   -1.87016  -0.01144  1.000 12.44545 ? 11  AIB A HB21 1 
HETATM 153 H HB22 . AIB A 1 11 ? 7.61751   -1.36022  -1.64843  1.000 12.44545 ? 11  AIB A HB22 1 
HETATM 154 H HB23 . AIB A 1 11 ? 8.86187   -0.33148  -0.78986  1.000 12.44545 ? 11  AIB A HB23 1 
ATOM   155 N N    . LEU A 1 12 ? 5.88778   0.70986   -1.96687  1.000 7.85830  ? 12  LEU A N    1 
ATOM   156 C CA   . LEU A 1 12 ? 5.56782   1.73074   -2.94585  1.000 7.86798  ? 12  LEU A CA   1 
ATOM   157 C C    . LEU A 1 12 ? 4.57024   2.73868   -2.38243  1.000 8.66727  ? 12  LEU A C    1 
ATOM   158 O O    . LEU A 1 12 ? 4.72615   3.94818   -2.55211  1.000 8.72945  ? 12  LEU A O    1 
ATOM   159 C CB   . LEU A 1 12 ? 5.03541   1.08947   -4.21862  1.000 8.13388  ? 12  LEU A CB   1 
ATOM   160 C CG   . LEU A 1 12 ? 6.03729   0.25318   -5.01652  1.000 8.97946  ? 12  LEU A CG   1 
ATOM   161 C CD1  . LEU A 1 12 ? 5.37282   -0.34944  -6.24516  1.000 8.61790  ? 12  LEU A CD1  1 
ATOM   162 C CD2  . LEU A 1 12 ? 7.24020   1.06027   -5.40286  1.000 11.01449 ? 12  LEU A CD2  1 
ATOM   163 H H    . LEU A 1 12 ? 5.59272   -0.07428  -2.16094  1.000 9.43822  ? 12  LEU A H    1 
ATOM   164 H HA   . LEU A 1 12 ? 6.37239   2.22071   -3.17717  1.000 9.44983  ? 12  LEU A HA   1 
ATOM   165 H HB2  . LEU A 1 12 ? 4.30002   0.50451   -3.97795  1.000 9.76891  ? 12  LEU A HB2  1 
ATOM   166 H HB3  . LEU A 1 12 ? 4.71980   1.79556   -4.80403  1.000 9.76891  ? 12  LEU A HB3  1 
ATOM   167 H HG   . LEU A 1 12 ? 6.34699   -0.47331  -4.45331  1.000 10.78360 ? 12  LEU A HG   1 
ATOM   168 H HD11 . LEU A 1 12 ? 5.98791   -0.97200  -6.66347  1.000 10.34974 ? 12  LEU A HD11 1 
ATOM   169 H HD12 . LEU A 1 12 ? 4.56643   -0.81427  -5.97207  1.000 10.34974 ? 12  LEU A HD12 1 
ATOM   170 H HD13 . LEU A 1 12 ? 5.15031   0.36264   -6.86510  1.000 10.34974 ? 12  LEU A HD13 1 
ATOM   171 H HD21 . LEU A 1 12 ? 7.76711   0.55558   -6.04205  1.000 13.22564 ? 12  LEU A HD21 1 
ATOM   172 H HD22 . LEU A 1 12 ? 6.94619   1.89418   -5.80169  1.000 13.22564 ? 12  LEU A HD22 1 
ATOM   173 H HD23 . LEU A 1 12 ? 7.76745   1.24107   -4.60900  1.000 13.22564 ? 12  LEU A HD23 1 
HETATM 174 N N    . AIB A 1 13 ? 3.54301   2.24799   -1.69816  1.000 7.57438  ? 13  AIB A N    1 
HETATM 175 C CA   . AIB A 1 13 ? 2.54973   3.12233   -1.09623  1.000 7.94696  ? 13  AIB A CA   1 
HETATM 176 C C    . AIB A 1 13 ? 3.23570   4.14967   -0.18002  1.000 7.76211  ? 13  AIB A C    1 
HETATM 177 O O    . AIB A 1 13 ? 2.93631   5.33246   -0.11803  1.000 8.66267  ? 13  AIB A O    1 
HETATM 178 C CB1  . AIB A 1 13 ? 1.69911   3.88809   -2.12187  1.000 7.64871  ? 13  AIB A CB1  1 
HETATM 179 C CB2  . AIB A 1 13 ? 1.60483   2.32364   -0.19536  1.000 8.21445  ? 13  AIB A CB2  1 
HETATM 180 H H    . AIB A 1 13 ? 3.53431   1.35002   -1.25591  1.000 9.09751  ? 13  AIB A H    1 
HETATM 181 H HB11 . AIB A 1 13 ? 2.36562   4.44091   -2.82587  1.000 9.18671  ? 13  AIB A HB11 1 
HETATM 182 H HB12 . AIB A 1 13 ? 1.06910   3.17033   -2.69924  1.000 9.18671  ? 13  AIB A HB12 1 
HETATM 183 H HB13 . AIB A 1 13 ? 1.03765   4.61565   -1.59407  1.000 9.18671  ? 13  AIB A HB13 1 
HETATM 184 H HB21 . AIB A 1 13 ? 1.02277   1.60574   -0.82266  1.000 9.86560  ? 13  AIB A HB21 1 
HETATM 185 H HB22 . AIB A 1 13 ? 2.20753   1.76495   0.56115   1.000 9.86560  ? 13  AIB A HB22 1 
HETATM 186 H HB23 . AIB A 1 13 ? 0.90859   3.02918   0.31957   1.000 9.86560  ? 13  AIB A HB23 1 
ATOM   187 N N    . GLN A 1 14 ? 4.19752   3.64098   0.58387   1.000 7.82646  ? 14  GLN A N    1 
ATOM   188 C CA   . GLN A 1 14 ? 4.93836   4.49317   1.51465   1.000 7.12406  ? 14  GLN A CA   1 
ATOM   189 C C    . GLN A 1 14 ? 5.81347   5.48961   0.77342   1.000 7.88043  ? 14  GLN A C    1 
ATOM   190 O O    . GLN A 1 14 ? 5.81734   6.67740   1.11610   1.000 8.39116  ? 14  GLN A O    1 
ATOM   191 C CB   . GLN A 1 14 ? 5.78201   3.64786   2.46721   1.000 7.87987  ? 14  GLN A CB   1 
ATOM   192 C CG   . GLN A 1 14 ? 4.95593   2.86065   3.46285   1.000 7.25554  ? 14  GLN A CG   1 
ATOM   193 C CD   . GLN A 1 14 ? 5.79797   2.06107   4.42620   1.000 7.86871  ? 14  GLN A CD   1 
ATOM   194 O OE1  . GLN A 1 14 ? 7.01988   2.00208   4.32496   1.000 9.22961  ? 14  GLN A OE1  1 
ATOM   195 N NE2  . GLN A 1 14 ? 5.14121   1.45794   5.40111   1.000 8.12452  ? 14  GLN A NE2  1 
ATOM   196 H H    . GLN A 1 14 ? 4.43872   2.81550   0.58337   1.000 9.40001  ? 14  GLN A H    1 
ATOM   197 H HA   . GLN A 1 14 ? 4.30447   4.99725   2.04849   1.000 8.55713  ? 14  GLN A HA   1 
ATOM   198 H HB2  . GLN A 1 14 ? 6.30349   3.01632   1.94747   1.000 9.46410  ? 14  GLN A HB2  1 
ATOM   199 H HB3  . GLN A 1 14 ? 6.37214   4.23353   2.96683   1.000 9.46410  ? 14  GLN A HB3  1 
ATOM   200 H HG2  . GLN A 1 14 ? 4.41408   3.47701   3.97995   1.000 8.71491  ? 14  GLN A HG2  1 
ATOM   201 H HG3  . GLN A 1 14 ? 4.38556   2.24222   2.98000   1.000 8.71491  ? 14  GLN A HG3  1 
ATOM   202 H HE21 . GLN A 1 14 ? 4.28649   1.53558   5.45609   1.000 9.75768  ? 14  GLN A HE21 1 
ATOM   203 H HE22 . GLN A 1 14 ? 5.56843   0.98770   5.98073   1.000 9.75768  ? 14  GLN A HE22 1 
HETATM 204 N N    . AIB A 1 15 ? 6.56213   4.99212   -0.20756  1.000 8.33628  ? 15  AIB A N    1 
HETATM 205 C CA   . AIB A 1 15 ? 7.44752   5.81747   -1.01470  1.000 8.34191  ? 15  AIB A CA   1 
HETATM 206 C C    . AIB A 1 15 ? 6.74091   7.00598   -1.70044  1.000 8.03101  ? 15  AIB A C    1 
HETATM 207 O O    . AIB A 1 15 ? 7.33958   8.04052   -2.01454  1.000 9.34918  ? 15  AIB A O    1 
HETATM 208 C CB1  . AIB A 1 15 ? 8.60347   6.41529   -0.17258  1.000 8.40868  ? 15  AIB A CB1  1 
HETATM 209 C CB2  . AIB A 1 15 ? 8.06729   4.99456   -2.16500  1.000 8.62762  ? 15  AIB A CB2  1 
HETATM 210 H H    . AIB A 1 15 ? 6.48202   4.11882   -0.60433  1.000 10.01180 ? 15  AIB A H    1 
HETATM 211 H HB11 . AIB A 1 15 ? 8.20642   7.21379   0.49840   1.000 10.09867 ? 15  AIB A HB11 1 
HETATM 212 H HB12 . AIB A 1 15 ? 9.07145   5.61364   0.44695   1.000 10.09867 ? 15  AIB A HB12 1 
HETATM 213 H HB13 . AIB A 1 15 ? 9.37459   6.85392   -0.84965  1.000 10.09867 ? 15  AIB A HB13 1 
HETATM 214 H HB21 . AIB A 1 15 ? 8.63554   4.13507   -1.73364  1.000 10.36140 ? 15  AIB A HB21 1 
HETATM 215 H HB22 . AIB A 1 15 ? 7.24921   4.61619   -2.82476  1.000 10.36140 ? 15  AIB A HB22 1 
HETATM 216 H HB23 . AIB A 1 15 ? 8.75633   5.64923   -2.75177  1.000 10.36140 ? 15  AIB A HB23 1 
ATOM   217 N N    . LEU A 1 16 ? 5.44054   6.85016   -1.94506  1.000 8.58825  ? 16  LEU A N    1 
ATOM   218 C CA   . LEU A 1 16 ? 4.66778   7.92832   -2.55550  1.000 8.08893  ? 16  LEU A CA   1 
ATOM   219 C C    . LEU A 1 16 ? 4.44118   9.09871   -1.62257  1.000 8.77898  ? 16  LEU A C    1 
ATOM   220 O O    . LEU A 1 16 ? 3.95079   10.15331  -2.01085  1.000 9.43468  ? 16  LEU A O    1 
ATOM   221 C CB   . LEU A 1 16 ? 3.32603   7.41191   -3.06137  1.000 8.96188  ? 16  LEU A CB   1 
ATOM   222 C CG   . LEU A 1 16 ? 3.33567   6.60249   -4.35805  1.000 9.31411  ? 16  LEU A CG   1 
ATOM   223 C CD1  . LEU A 1 16 ? 1.91290   6.33778   -4.80218  1.000 9.26474  ? 16  LEU A CD1  1 
ATOM   224 C CD2  . LEU A 1 16 ? 4.10011   7.32077   -5.44776  1.000 10.09023 ? 16  LEU A CD2  1 
ATOM   225 H H    . LEU A 1 16 ? 4.98980   6.13924   -1.76891  1.000 10.31415 ? 16  LEU A H    1 
ATOM   226 H HA   . LEU A 1 16 ? 5.18293   8.25997   -3.30752  1.000 9.71497  ? 16  LEU A HA   1 
ATOM   227 H HB2  . LEU A 1 16 ? 2.94838   6.84051   -2.37450  1.000 10.76251 ? 16  LEU A HB2  1 
ATOM   228 H HB3  . LEU A 1 16 ? 2.74904   8.17726   -3.21042  1.000 10.76251 ? 16  LEU A HB3  1 
ATOM   229 H HG   . LEU A 1 16 ? 3.78244   5.75632   -4.19900  1.000 11.18519 ? 16  LEU A HG   1 
ATOM   230 H HD11 . LEU A 1 16 ? 1.92523   5.71969   -5.54966  1.000 11.12595 ? 16  LEU A HD11 1 
ATOM   231 H HD12 . LEU A 1 16 ? 1.41767   5.95246   -4.06248  1.000 11.12595 ? 16  LEU A HD12 1 
ATOM   232 H HD13 . LEU A 1 16 ? 1.50539   7.17553   -5.07239  1.000 11.12595 ? 16  LEU A HD13 1 
ATOM   233 H HD21 . LEU A 1 16 ? 3.90198   6.90298   -6.30046  1.000 12.11653 ? 16  LEU A HD21 1 
ATOM   234 H HD22 . LEU A 1 16 ? 3.82723   8.25145   -5.46407  1.000 12.11653 ? 16  LEU A HD22 1 
ATOM   235 H HD23 . LEU A 1 16 ? 5.04993   7.25778   -5.26132  1.000 12.11653 ? 16  LEU A HD23 1 
HETATM 236 C C11  . I77 A 1 17 ? 6.24104   12.34616  2.73199   1.000 10.88231 ? 17  I77 A C11  1 
HETATM 237 C C12  . I77 A 1 17 ? 5.21020   11.56760  2.24790   1.000 10.35943 ? 17  I77 A C12  1 
HETATM 238 C C13  . I77 A 1 17 ? 5.52344   10.48373  1.23442   1.000 9.81290  ? 17  I77 A C13  1 
HETATM 239 C C17  . I77 A 1 17 ? 3.89443   11.77412  2.67138   1.000 10.49864 ? 17  I77 A C17  1 
HETATM 240 C C18  . I77 A 1 17 ? 3.69737   12.77005  3.59982   1.000 11.06707 ? 17  I77 A C18  1 
HETATM 241 C C02  . I77 A 1 17 ? 4.02974   17.87194  7.60540   1.000 12.08108 ? 17  I77 A C02  1 
HETATM 242 C C03  . I77 A 1 17 ? 4.31410   16.69806  6.67428   1.000 10.39737 ? 17  I77 A C03  1 
HETATM 243 C C04  . I77 A 1 17 ? 5.62038   16.35092  6.33691   1.000 10.79695 ? 17  I77 A C04  1 
HETATM 244 C C05  . I77 A 1 17 ? 5.77070   15.28283  5.47238   1.000 9.99990  ? 17  I77 A C05  1 
HETATM 245 C C06  . I77 A 1 17 ? 3.23602   15.99057  6.19959   1.000 9.82473  ? 17  I77 A C06  1 
HETATM 246 C C08  . I77 A 1 17 ? 4.63754   14.61801  5.02818   1.000 9.85641  ? 17  I77 A C08  1 
HETATM 247 C C09  . I77 A 1 17 ? 4.79380   13.49145  4.05429   1.000 9.53234  ? 17  I77 A C09  1 
HETATM 248 N N01  . I77 A 1 17 ? 5.11563   18.72432  8.04841   1.000 13.41521 ? 17  I77 A N01  1 
HETATM 249 N N07  . I77 A 1 17 ? 3.42408   14.97617  5.38188   1.000 9.99942  ? 17  I77 A N07  1 
HETATM 250 N N10  . I77 A 1 17 ? 6.01780   13.27708  3.60952   1.000 10.53804 ? 17  I77 A N10  1 
HETATM 251 N N14  . I77 A 1 17 ? 4.41658   9.77335   0.65097   1.000 9.30555  ? 17  I77 A N14  1 
HETATM 252 N N15  . I77 A 1 17 ? 4.68179   8.74554   -0.26594  1.000 9.46217  ? 17  I77 A N15  1 
HETATM 253 O O16  . I77 A 1 17 ? 6.65291   10.22848  0.93053   1.000 12.97284 ? 17  I77 A O16  1 
HETATM 254 O O19  . I77 A 1 17 ? 2.91743   18.09026  7.94101   1.000 15.12975 ? 17  I77 A O19  1 
HETATM 255 H H111 . I77 A 1 17 ? 7.24620   12.17948  2.37686   1.000 13.06703 ? 17  I77 A H111 1 
HETATM 256 H H171 . I77 A 1 17 ? 3.06763   11.17734  2.28623   1.000 12.60662 ? 17  I77 A H171 1 
HETATM 257 H H181 . I77 A 1 17 ? 2.69879   12.98912  3.97212   1.000 13.28874 ? 17  I77 A H181 1 
HETATM 258 H H041 . I77 A 1 17 ? 6.46609   16.88508  6.72797   1.000 12.96459 ? 17  I77 A H041 1 
HETATM 259 H H051 . I77 A 1 17 ? 6.75558   14.97065  5.14766   1.000 12.00813 ? 17  I77 A H051 1 
HETATM 260 H H061 . I77 A 1 17 ? 2.23422   16.26674  6.49740   1.000 11.79793 ? 17  I77 A H061 1 
HETATM 261 H H011 . I77 A 1 17 ? 4.91733   19.49227  8.65260   1.000 16.10650 ? 17  I77 A H011 1 
HETATM 262 H H012 . I77 A 1 17 ? 6.06212   18.54369  7.75415   1.000 16.10650 ? 17  I77 A H012 1 
HETATM 263 H H141 . I77 A 1 17 ? 3.46983   10.00928  0.89597   1.000 11.17492 ? 17  I77 A H141 1 
HETATM 264 H H1   . I77 A 1 17 ? 4.09999   7.94897   -0.05615  1.000 11.36286 ? 17  I77 A H1   1 
HETATM 265 C C05  . I6W B 1 1  ? -16.72164 3.56018   -4.92294  1.000 50.55644 ? 1   I6W B C05  1 
HETATM 266 C C08  . I6W B 1 1  ? -17.46042 2.94172   -5.88544  1.000 47.40844 ? 1   I6W B C08  1 
HETATM 267 C C09  . I6W B 1 1  ? -18.95950 2.89693   -5.68306  1.000 39.62079 ? 1   I6W B C09  1 
HETATM 268 N N10  . I6W B 1 1  ? -19.45791 3.67129   -4.76153  1.000 37.22151 ? 1   I6W B N10  1 
HETATM 269 C C02  . I6W B 1 1  ? -13.25546 3.00598   -6.30061  1.000 43.41292 ? 1   I6W B C02  1 
HETATM 270 C C03  . I6W B 1 1  ? -14.77896 2.97945   -6.15118  1.000 49.41450 ? 1   I6W B C03  1 
HETATM 271 C C04  . I6W B 1 1  ? -15.33075 3.59861   -5.04757  1.000 51.77684 ? 1   I6W B C04  1 
HETATM 272 C C06  . I6W B 1 1  ? -15.57544 2.34773   -7.08183  1.000 50.32594 ? 1   I6W B C06  1 
HETATM 273 C C11  . I6W B 1 1  ? -20.73762 3.67123   -4.49541  1.000 38.44129 ? 1   I6W B C11  1 
HETATM 274 C C12  . I6W B 1 1  ? -21.60129 2.83930   -5.18910  1.000 42.89818 ? 1   I6W B C12  1 
HETATM 275 C C13  . I6W B 1 1  ? -23.08848 2.93472   -4.75615  1.000 44.30835 ? 1   I6W B C13  1 
HETATM 276 C C15  . I6W B 1 1  ? -25.38482 2.41529   -4.45629  1.000 49.49586 ? 1   I6W B C15  1 
HETATM 277 C C16  . I6W B 1 1  ? -26.56775 1.48111   -4.84368  1.000 45.27110 ? 1   I6W B C16  1 
HETATM 278 C C18  . I6W B 1 1  ? -21.12383 1.99126   -6.15300  1.000 42.13200 ? 1   I6W B C18  1 
HETATM 279 C C19  . I6W B 1 1  ? -19.74962 2.02461   -6.40213  1.000 36.94254 ? 1   I6W B C19  1 
HETATM 280 N N07  . I6W B 1 1  ? -16.89021 2.33692   -6.92181  1.000 49.42559 ? 1   I6W B N07  1 
HETATM 281 O O01  . I6W B 1 1  ? -12.61221 2.74782   -5.31840  1.000 42.44888 ? 1   I6W B O01  1 
HETATM 282 O O14  . I6W B 1 1  ? -24.21044 2.21633   -5.28223  1.000 49.65123 ? 1   I6W B O14  1 
HETATM 283 O O17  . I6W B 1 1  ? -23.23147 3.65533   -3.86609  1.000 38.06447 ? 1   I6W B O17  1 
HETATM 284 H H051 . I6W B 1 1  ? -17.20097 4.01100   -4.08173  1.000 60.67599 ? 1   I6W B H051 1 
HETATM 285 H H041 . I6W B 1 1  ? -14.68977 4.11000   -4.28466  1.000 62.14046 ? 1   I6W B H041 1 
HETATM 286 H H061 . I6W B 1 1  ? -15.12648 1.86100   -7.94259  1.000 60.39938 ? 1   I6W B H061 1 
HETATM 287 H H111 . I6W B 1 1  ? -21.11978 4.31612   -3.73891  1.000 46.13780 ? 1   I6W B H111 1 
HETATM 288 H H152 . I6W B 1 1  ? -25.70950 3.44310   -4.56156  1.000 59.40329 ? 1   I6W B H152 1 
HETATM 289 H H151 . I6W B 1 1  ? -25.11707 2.22159   -3.42494  1.000 59.40329 ? 1   I6W B H151 1 
HETATM 290 H H162 . I6W B 1 1  ? -26.17102 0.50521   -5.18054  1.000 54.33358 ? 1   I6W B H162 1 
HETATM 291 H H163 . I6W B 1 1  ? -27.22106 1.33037   -3.96408  1.000 54.33358 ? 1   I6W B H163 1 
HETATM 292 H H161 . I6W B 1 1  ? -27.15052 1.94488   -5.66132  1.000 54.33358 ? 1   I6W B H161 1 
HETATM 293 H H181 . I6W B 1 1  ? -21.78519 1.32044   -6.70138  1.000 50.56666 ? 1   I6W B H181 1 
HETATM 294 H H191 . I6W B 1 1  ? -19.30903 1.37172   -7.15271  1.000 44.33931 ? 1   I6W B H191 1 
ATOM   295 N N    . ALA B 1 2  ? -12.74974 2.45958   -7.52243  1.000 37.64594 ? 2   ALA B N    1 
ATOM   296 C CA   . ALA B 1 2  ? -11.35183 2.08425   -7.69788  1.000 31.22878 ? 2   ALA B CA   1 
ATOM   297 C C    . ALA B 1 2  ? -10.43471 3.07285   -6.97923  1.000 22.97648 ? 2   ALA B C    1 
ATOM   298 O O    . ALA B 1 2  ? -9.51603  2.67320   -6.25565  1.000 19.39245 ? 2   ALA B O    1 
ATOM   299 C CB   . ALA B 1 2  ? -11.01302 2.01628   -9.17837  1.000 33.27097 ? 2   ALA B CB   1 
ATOM   300 H H    . ALA B 1 2  ? -13.33637 2.46322   -8.28220  1.000 45.18338 ? 2   ALA B H    1 
ATOM   301 H HA   . ALA B 1 2  ? -11.20246 1.20527   -7.31581  1.000 37.48279 ? 2   ALA B HA   1 
ATOM   302 H HB1  . ALA B 1 2  ? -10.07686 1.78252   -9.27769  1.000 39.93341 ? 2   ALA B HB1  1 
ATOM   303 H HB2  . ALA B 1 2  ? -11.56882 1.34163   -9.59888  1.000 39.93341 ? 2   ALA B HB2  1 
ATOM   304 H HB3  . ALA B 1 2  ? -11.18224 2.88233   -9.58115  1.000 39.93341 ? 2   ALA B HB3  1 
HETATM 305 N N    . AIB B 1 3  ? -10.69483 4.36237   -7.16966  1.000 19.63978 ? 3   AIB B N    1 
HETATM 306 C CA   . AIB B 1 3  ? -9.90897  5.39273   -6.52647  1.000 15.02645 ? 3   AIB B CA   1 
HETATM 307 C C    . AIB B 1 3  ? -9.86620  5.22688   -5.00551  1.000 14.38988 ? 3   AIB B C    1 
HETATM 308 O O    . AIB B 1 3  ? -8.83139  5.29589   -4.33420  1.000 13.92187 ? 3   AIB B O    1 
HETATM 309 C CB1  . AIB B 1 3  ? -8.44648  5.41995   -7.01388  1.000 16.95661 ? 3   AIB B CB1  1 
HETATM 310 C CB2  . AIB B 1 3  ? -10.51589 6.78960   -6.76691  1.000 15.65703 ? 3   AIB B CB2  1 
HETATM 311 H H    . AIB B 1 3  ? -11.56739 4.70478   -7.37991  1.000 23.57600 ? 3   AIB B H    1 
HETATM 312 H HB11 . AIB B 1 3  ? -7.98467  4.41352   -6.87499  1.000 20.35619 ? 3   AIB B HB11 1 
HETATM 313 H HB12 . AIB B 1 3  ? -8.41527  5.69261   -8.09561  1.000 20.35619 ? 3   AIB B HB12 1 
HETATM 314 H HB13 . AIB B 1 3  ? -7.86845  6.17365   -6.42798  1.000 20.35619 ? 3   AIB B HB13 1 
HETATM 315 H HB21 . AIB B 1 3  ? -10.68340 6.93091   -7.86220  1.000 18.79669 ? 3   AIB B HB21 1 
HETATM 316 H HB22 . AIB B 1 3  ? -11.48776 6.86388   -6.22134  1.000 18.79669 ? 3   AIB B HB22 1 
HETATM 317 H HB23 . AIB B 1 3  ? -9.80725  7.56538   -6.38785  1.000 18.79669 ? 3   AIB B HB23 1 
ATOM   318 N N    . ALA B 1 4  ? -11.05445 5.01032   -4.45253  1.000 12.77818 ? 4   ALA B N    1 
ATOM   319 C CA   . ALA B 1 4  ? -11.19661 4.90065   -3.00313  1.000 11.75794 ? 4   ALA B CA   1 
ATOM   320 C C    . ALA B 1 4  ? -10.47533 3.66742   -2.45724  1.000 10.94668 ? 4   ALA B C    1 
ATOM   321 O O    . ALA B 1 4  ? -9.82751  3.73382   -1.40836  1.000 10.75718 ? 4   ALA B O    1 
ATOM   322 C CB   . ALA B 1 4  ? -12.67186 4.86888   -2.60768  1.000 13.00712 ? 4   ALA B CB   1 
ATOM   323 H H    . ALA B 1 4  ? -11.78924 4.92367   -4.89091  1.000 15.34208 ? 4   ALA B H    1 
ATOM   324 H HA   . ALA B 1 4  ? -10.79141 5.68364   -2.59863  1.000 14.11778 ? 4   ALA B HA   1 
ATOM   325 H HB1  . ALA B 1 4  ? -12.73952 4.86985   -1.64004  1.000 15.61680 ? 4   ALA B HB1  1 
ATOM   326 H HB2  . ALA B 1 4  ? -13.11313 5.65262   -2.97090  1.000 15.61680 ? 4   ALA B HB2  1 
ATOM   327 H HB3  . ALA B 1 4  ? -13.07784 4.06447   -2.96684  1.000 15.61680 ? 4   ALA B HB3  1 
HETATM 328 N N    . AIB B 1 5  ? -10.61205 2.54551   -3.16406  1.000 10.40974 ? 5   AIB B N    1 
HETATM 329 C CA   . AIB B 1 5  ? -9.97104  1.30623   -2.78719  1.000 10.46304 ? 5   AIB B CA   1 
HETATM 330 C C    . AIB B 1 5  ? -8.45896  1.49957   -2.65613  1.000 10.97496 ? 5   AIB B C    1 
HETATM 331 O O    . AIB B 1 5  ? -7.79389  1.04677   -1.72451  1.000 11.41175 ? 5   AIB B O    1 
HETATM 332 C CB1  . AIB B 1 5  ? -10.52764 0.76687   -1.45738  1.000 11.06771 ? 5   AIB B CB1  1 
HETATM 333 C CB2  . AIB B 1 5  ? -10.19584 0.20841   -3.84195  1.000 13.57465 ? 5   AIB B CB2  1 
HETATM 334 H H    . AIB B 1 5  ? -11.36870 2.35989   -3.72330  1.000 12.49994 ? 5   AIB B H    1 
HETATM 335 H HB11 . AIB B 1 5  ? -10.46392 1.55896   -0.67380  1.000 13.28951 ? 5   AIB B HB11 1 
HETATM 336 H HB12 . AIB B 1 5  ? -11.59410 0.46606   -1.59012  1.000 13.28951 ? 5   AIB B HB12 1 
HETATM 337 H HB13 . AIB B 1 5  ? -9.93322  -0.12008  -1.13267  1.000 13.28951 ? 5   AIB B HB13 1 
HETATM 338 H HB21 . AIB B 1 5  ? -11.28581 -0.03037  -3.89331  1.000 16.29784 ? 5   AIB B HB21 1 
HETATM 339 H HB22 . AIB B 1 5  ? -9.84079  0.57795   -4.83445  1.000 16.29784 ? 5   AIB B HB22 1 
HETATM 340 H HB23 . AIB B 1 5  ? -9.62078  -0.70299  -3.54812  1.000 16.29784 ? 5   AIB B HB23 1 
ATOM   341 N N    . ALA B 1 6  ? -7.91327  2.20365   -3.63768  1.000 11.38932 ? 6   ALA B N    1 
ATOM   342 C CA   . ALA B 1 6  ? -6.47605  2.43920   -3.68018  1.000 10.25673 ? 6   ALA B CA   1 
ATOM   343 C C    . ALA B 1 6  ? -6.07735  3.39145   -2.56777  1.000 9.45755  ? 6   ALA B C    1 
ATOM   344 O O    . ALA B 1 6  ? -5.04509  3.19946   -1.92917  1.000 10.20007 ? 6   ALA B O    1 
ATOM   345 C CB   . ALA B 1 6  ? -6.07327  3.01391   -5.01578  1.000 13.08012 ? 6   ALA B CB   1 
ATOM   346 H H    . ALA B 1 6  ? -8.35139  2.55482   -4.28910  1.000 13.67543 ? 6   ALA B H    1 
ATOM   347 H HA   . ALA B 1 6  ? -6.00823  1.59746   -3.56395  1.000 12.31633 ? 6   ALA B HA   1 
ATOM   348 H HB1  . ALA B 1 6  ? -5.11495  3.16401   -5.01894  1.000 15.70440 ? 6   ALA B HB1  1 
ATOM   349 H HB2  . ALA B 1 6  ? -6.31193  2.38537   -5.71497  1.000 15.70440 ? 6   ALA B HB2  1 
ATOM   350 H HB3  . ALA B 1 6  ? -6.53999  3.85326   -5.15211  1.000 15.70440 ? 6   ALA B HB3  1 
HETATM 351 N N    . AIB B 1 7  ? -6.89202  4.41438   -2.34024  1.000 10.94751 ? 7   AIB B N    1 
HETATM 352 C CA   . AIB B 1 7  ? -6.64537  5.38467   -1.29479  1.000 9.71910  ? 7   AIB B CA   1 
HETATM 353 C C    . AIB B 1 7  ? -6.42712  4.67075   0.05287   1.000 10.03158 ? 7   AIB B C    1 
HETATM 354 O O    . AIB B 1 7  ? -5.48859  4.93871   0.79194   1.000 9.93216  ? 7   AIB B O    1 
HETATM 355 C CB1  . AIB B 1 7  ? -5.38140  6.23136   -1.54151  1.000 10.73831 ? 7   AIB B CB1  1 
HETATM 356 C CB2  . AIB B 1 7  ? -7.86447  6.32817   -1.17120  1.000 11.38635 ? 7   AIB B CB2  1 
HETATM 357 H H    . AIB B 1 7  ? -7.86070  4.42590   -2.59226  1.000 13.14527 ? 7   AIB B H    1 
HETATM 358 H HB11 . AIB B 1 7  ? -4.48459  5.56797   -1.57487  1.000 12.89422 ? 7   AIB B HB11 1 
HETATM 359 H HB12 . AIB B 1 7  ? -5.47464  6.77258   -2.51302  1.000 12.89422 ? 7   AIB B HB12 1 
HETATM 360 H HB13 . AIB B 1 7  ? -5.25897  6.97383   -0.71738  1.000 12.89422 ? 7   AIB B HB13 1 
HETATM 361 H HB21 . AIB B 1 7  ? -8.09513  6.75958   -2.17537  1.000 13.67187 ? 7   AIB B HB21 1 
HETATM 362 H HB22 . AIB B 1 7  ? -8.74087  5.74477   -0.79803  1.000 13.67187 ? 7   AIB B HB22 1 
HETATM 363 H HB23 . AIB B 1 7  ? -7.62004  7.14777   -0.45273  1.000 13.67187 ? 7   AIB B HB23 1 
ATOM   364 N N    . LEU B 1 8  ? -7.32630  3.73990   0.36438   1.000 10.20511 ? 8   LEU B N    1 
ATOM   365 C CA   . LEU B 1 8  ? -7.28799  3.02469   1.63690   1.000 9.69578  ? 8   LEU B CA   1 
ATOM   366 C C    . LEU B 1 8  ? -6.09111  2.08536   1.70893   1.000 9.84542  ? 8   LEU B C    1 
ATOM   367 O O    . LEU B 1 8  ? -5.41397  2.02131   2.72921   1.000 10.22070 ? 8   LEU B O    1 
ATOM   368 C CB   . LEU B 1 8  ? -8.57958  2.23526   1.83952   1.000 9.36359  ? 8   LEU B CB   1 
ATOM   369 C CG   . LEU B 1 8  ? -8.65801  1.42665   3.13603   1.000 11.17644 ? 8   LEU B CG   1 
ATOM   370 C CD1  . LEU B 1 8  ? -8.64350  2.36841   4.32926   1.000 11.65640 ? 8   LEU B CD1  1 
ATOM   371 C CD2  . LEU B 1 8  ? -9.90948  0.55470   3.14268   1.000 12.12298 ? 8   LEU B CD2  1 
ATOM   372 H H    . LEU B 1 8  ? -7.97413  3.50237   -0.14894  1.000 12.25438 ? 8   LEU B H    1 
ATOM   373 H HA   . LEU B 1 8  ? -7.20506  3.66979   2.35652   1.000 11.64319 ? 8   LEU B HA   1 
ATOM   374 H HB2  . LEU B 1 8  ? -9.32143  2.86020   1.84246   1.000 11.24456 ? 8   LEU B HB2  1 
ATOM   375 H HB3  . LEU B 1 8  ? -8.67423  1.61145   1.10278   1.000 11.24456 ? 8   LEU B HB3  1 
ATOM   376 H HG   . LEU B 1 8  ? -7.88994  0.83809   3.20354   1.000 13.41998 ? 8   LEU B HG   1 
ATOM   377 H HD11 . LEU B 1 8  ? -8.82336  1.85966   5.13532   1.000 13.99594 ? 8   LEU B HD11 1 
ATOM   378 H HD12 . LEU B 1 8  ? -7.77076  2.78732   4.39035   1.000 13.99594 ? 8   LEU B HD12 1 
ATOM   379 H HD13 . LEU B 1 8  ? -9.32734  3.04517   4.20577   1.000 13.99594 ? 8   LEU B HD13 1 
ATOM   380 H HD21 . LEU B 1 8  ? -9.92540  0.03136   3.95923   1.000 14.55583 ? 8   LEU B HD21 1 
ATOM   381 H HD22 . LEU B 1 8  ? -10.69245 1.12572   3.10045   1.000 14.55583 ? 8   LEU B HD22 1 
ATOM   382 H HD23 . LEU B 1 8  ? -9.88790  -0.03456  2.37249   1.000 14.55583 ? 8   LEU B HD23 1 
HETATM 383 N N    . AIB B 1 9  ? -5.84364  1.33563   0.63961   1.000 9.30387  ? 9   AIB B N    1 
HETATM 384 C CA   . AIB B 1 9  ? -4.72271  0.42552   0.62273   1.000 9.63480  ? 9   AIB B CA   1 
HETATM 385 C C    . AIB B 1 9  ? -3.41661  1.14166   1.01814   1.000 9.85000  ? 9   AIB B C    1 
HETATM 386 O O    . AIB B 1 9  ? -2.62703  0.71097   1.86188   1.000 10.17056 ? 9   AIB B O    1 
HETATM 387 C CB1  . AIB B 1 9  ? -4.94695  -0.73588  1.60612   1.000 10.71822 ? 9   AIB B CB1  1 
HETATM 388 C CB2  . AIB B 1 9  ? -4.53984  -0.16013  -0.78652  1.000 10.91606 ? 9   AIB B CB2  1 
HETATM 389 H H    . AIB B 1 9  ? -6.03769  1.62869   -0.25459  1.000 11.17290 ? 9   AIB B H    1 
HETATM 390 H HB11 . AIB B 1 9  ? -4.86255  -0.36292  2.65457   1.000 12.87012 ? 9   AIB B HB11 1 
HETATM 391 H HB12 . AIB B 1 9  ? -5.96348  -1.16952  1.45094   1.000 12.87012 ? 9   AIB B HB12 1 
HETATM 392 H HB13 . AIB B 1 9  ? -4.17943  -1.52770  1.43473   1.000 12.87012 ? 9   AIB B HB13 1 
HETATM 393 H HB21 . AIB B 1 9  ? -5.47330  -0.69768  -1.08209  1.000 13.10752 ? 9   AIB B HB21 1 
HETATM 394 H HB22 . AIB B 1 9  ? -4.33730  0.67184   -1.50381  1.000 13.10752 ? 9   AIB B HB22 1 
HETATM 395 H HB23 . AIB B 1 9  ? -3.67870  -0.87149  -0.77698  1.000 13.10752 ? 9   AIB B HB23 1 
ATOM   396 N N    . ALA B 1 10 ? -3.21251  2.28397   0.37129   1.000 10.16049 ? 10  ALA B N    1 
ATOM   397 C CA   . ALA B 1 10 ? -2.01972  3.07596   0.60722   1.000 8.92776  ? 10  ALA B CA   1 
ATOM   398 C C    . ALA B 1 10 ? -2.02406  3.73887   1.98137   1.000 8.91068  ? 10  ALA B C    1 
ATOM   399 O O    . ALA B 1 10 ? -0.99448  3.73945   2.66745   1.000 9.57455  ? 10  ALA B O    1 
ATOM   400 C CB   . ALA B 1 10 ? -1.84666  4.13130   -0.48250  1.000 9.49639  ? 10  ALA B CB   1 
ATOM   401 H H    . ALA B 1 10 ? -3.75196  2.61906   -0.20862  1.000 12.20084 ? 10  ALA B H    1 
ATOM   402 H HA   . ALA B 1 10 ? -1.25924  2.47453   0.57761   1.000 10.72156 ? 10  ALA B HA   1 
ATOM   403 H HB1  . ALA B 1 10 ? -1.06682  4.67089   -0.27856  1.000 11.40392 ? 10  ALA B HB1  1 
ATOM   404 H HB2  . ALA B 1 10 ? -1.72728  3.68689   -1.33641  1.000 11.40392 ? 10  ALA B HB2  1 
ATOM   405 H HB3  . ALA B 1 10 ? -2.63849  4.69096   -0.50873  1.000 11.40392 ? 10  ALA B HB3  1 
HETATM 406 N N    . AIB B 1 11 ? -3.16646  4.27815   2.39028   1.000 8.92876  ? 11  AIB B N    1 
HETATM 407 C CA   . AIB B 1 11 ? -3.26785  4.92817   3.67964   1.000 9.11105  ? 11  AIB B CA   1 
HETATM 408 C C    . AIB B 1 11 ? -2.79265  3.98305   4.79545   1.000 9.23129  ? 11  AIB B C    1 
HETATM 409 O O    . AIB B 1 11 ? -2.05132  4.32680   5.71218   1.000 9.47084  ? 11  AIB B O    1 
HETATM 410 C CB1  . AIB B 1 11 ? -2.42018  6.22440   3.72897   1.000 10.29988 ? 11  AIB B CB1  1 
HETATM 411 C CB2  . AIB B 1 11 ? -4.73557  5.26149   4.01789   1.000 9.62603  ? 11  AIB B CB2  1 
HETATM 412 H H    . AIB B 1 11 ? -3.90861  4.53577   1.83312   1.000 10.72276 ? 11  AIB B H    1 
HETATM 413 H HB11 . AIB B 1 11 ? -1.36705  5.99672   3.43822   1.000 12.36811 ? 11  AIB B HB11 1 
HETATM 414 H HB12 . AIB B 1 11 ? -2.84225  6.97729   3.02153   1.000 12.36811 ? 11  AIB B HB12 1 
HETATM 415 H HB13 . AIB B 1 11 ? -2.43354  6.64373   4.76311   1.000 12.36811 ? 11  AIB B HB13 1 
HETATM 416 H HB21 . AIB B 1 11 ? -5.13473  5.96953   3.25172   1.000 11.55950 ? 11  AIB B HB21 1 
HETATM 417 H HB22 . AIB B 1 11 ? -5.33439  4.31858   4.01225   1.000 11.55950 ? 11  AIB B HB22 1 
HETATM 418 H HB23 . AIB B 1 11 ? -4.77874  5.73280   5.02967   1.000 11.55950 ? 11  AIB B HB23 1 
ATOM   419 N N    . LEU B 1 12 ? -3.26401  2.74402   4.69962   1.000 8.36459  ? 12  LEU B N    1 
ATOM   420 C CA   . LEU B 1 12 ? -2.94172  1.74143   5.69517   1.000 8.71407  ? 12  LEU B CA   1 
ATOM   421 C C    . LEU B 1 12 ? -1.46913  1.36321   5.66139   1.000 8.76638  ? 12  LEU B C    1 
ATOM   422 O O    . LEU B 1 12 ? -0.84312  1.22498   6.71520   1.000 9.38044  ? 12  LEU B O    1 
ATOM   423 C CB   . LEU B 1 12 ? -3.81424  0.50937   5.50338   1.000 9.72859  ? 12  LEU B CB   1 
ATOM   424 C CG   . LEU B 1 12 ? -5.30203  0.69117   5.77326   1.000 9.87505  ? 12  LEU B CG   1 
ATOM   425 C CD1  . LEU B 1 12 ? -6.04517  -0.60338  5.49002   1.000 11.88142 ? 12  LEU B CD1  1 
ATOM   426 C CD2  . LEU B 1 12 ? -5.58263  1.17911   7.19045   1.000 11.86277 ? 12  LEU B CD2  1 
ATOM   427 H H    . LEU B 1 12 ? -3.77248  2.46348   4.06530   1.000 10.04576 ? 12  LEU B H    1 
ATOM   428 H HA   . LEU B 1 12 ? -3.12155  2.10661   6.57562   1.000 10.46513 ? 12  LEU B HA   1 
ATOM   429 H HB2  . LEU B 1 12 ? -3.72380  0.21588   4.58328   1.000 11.68256 ? 12  LEU B HB2  1 
ATOM   430 H HB3  . LEU B 1 12 ? -3.49641  -0.18203  6.10491   1.000 11.68256 ? 12  LEU B HB3  1 
ATOM   431 H HG   . LEU B 1 12 ? -5.63357  1.38092   5.17726   1.000 11.85832 ? 12  LEU B HG   1 
ATOM   432 H HD11 . LEU B 1 12 ? -6.99606  -0.45458  5.61077   1.000 14.26596 ? 12  LEU B HD11 1 
ATOM   433 H HD12 . LEU B 1 12 ? -5.86651  -0.87674  4.57665   1.000 14.26596 ? 12  LEU B HD12 1 
ATOM   434 H HD13 . LEU B 1 12 ? -5.73636  -1.28607  6.10603   1.000 14.26596 ? 12  LEU B HD13 1 
ATOM   435 H HD21 . LEU B 1 12 ? -6.54156  1.19176   7.33603   1.000 14.24358 ? 12  LEU B HD21 1 
ATOM   436 H HD22 . LEU B 1 12 ? -5.16017  0.57576   7.82163   1.000 14.24358 ? 12  LEU B HD22 1 
ATOM   437 H HD23 . LEU B 1 12 ? -5.22049  2.07299   7.29419   1.000 14.24358 ? 12  LEU B HD23 1 
HETATM 438 N N    . AIB B 1 13 ? -0.91391  1.18062   4.46184   1.000 9.12213  ? 13  AIB B N    1 
HETATM 439 C CA   . AIB B 1 13 ? 0.50489   0.92876   4.33503   1.000 8.59672  ? 13  AIB B CA   1 
HETATM 440 C C    . AIB B 1 13 ? 1.30297   1.98289   5.11341   1.000 8.00528  ? 13  AIB B C    1 
HETATM 441 O O    . AIB B 1 13 ? 2.23298   1.69555   5.85662   1.000 9.67479  ? 13  AIB B O    1 
HETATM 442 C CB1  . AIB B 1 13 ? 0.90047   -0.46227  4.87502   1.000 9.28301  ? 13  AIB B CB1  1 
HETATM 443 C CB2  . AIB B 1 13 ? 0.94314   1.05881   2.86596   1.000 8.52639  ? 13  AIB B CB2  1 
HETATM 444 H H    . AIB B 1 13 ? -1.21767  1.68795   3.70443   1.000 10.95481 ? 13  AIB B H    1 
HETATM 445 H HB11 . AIB B 1 13 ? 0.52177   -0.58284  5.91786   1.000 11.14787 ? 13  AIB B HB11 1 
HETATM 446 H HB12 . AIB B 1 13 ? 0.45721   -1.25688  4.22881   1.000 11.14787 ? 13  AIB B HB12 1 
HETATM 447 H HB13 . AIB B 1 13 ? 2.01177   -0.56457  4.87338   1.000 11.14787 ? 13  AIB B HB13 1 
HETATM 448 H HB21 . AIB B 1 13 ? 0.10736   0.72380   2.20495   1.000 10.23992 ? 13  AIB B HB21 1 
HETATM 449 H HB22 . AIB B 1 13 ? 1.19147   2.12675   2.65257   1.000 10.23992 ? 13  AIB B HB22 1 
HETATM 450 H HB23 . AIB B 1 13 ? 1.84230   0.41839   2.69548   1.000 10.23992 ? 13  AIB B HB23 1 
ATOM   451 N N    . GLN B 1 14 ? 0.94151   3.24471   4.90279   1.000 8.97563  ? 14  GLN B N    1 
ATOM   452 C CA   . GLN B 1 14 ? 1.66425   4.32890   5.57026   1.000 8.18729  ? 14  GLN B CA   1 
ATOM   453 C C    . GLN B 1 14 ? 1.46795   4.32131   7.08226   1.000 9.49735  ? 14  GLN B C    1 
ATOM   454 O O    . GLN B 1 14 ? 2.42802   4.50289   7.82823   1.000 9.21932  ? 14  GLN B O    1 
ATOM   455 C CB   . GLN B 1 14 ? 1.27935   5.68518   4.98453   1.000 9.47975  ? 14  GLN B CB   1 
ATOM   456 C CG   . GLN B 1 14 ? 1.73109   5.85662   3.54205   1.000 9.41238  ? 14  GLN B CG   1 
ATOM   457 C CD   . GLN B 1 14 ? 1.42909   7.22959   2.98503   1.000 10.04950 ? 14  GLN B CD   1 
ATOM   458 O OE1  . GLN B 1 14 ? 0.88237   8.08948   3.67140   1.000 14.21761 ? 14  GLN B OE1  1 
ATOM   459 N NE2  . GLN B 1 14 ? 1.78155   7.44334   1.72380   1.000 9.63782  ? 14  GLN B NE2  1 
ATOM   460 H H    . GLN B 1 14 ? 0.29739   3.49536   4.39104   1.000 10.77901 ? 14  GLN B H    1 
ATOM   461 H HA   . GLN B 1 14 ? 2.61163   4.19368   5.41184   1.000 9.83301  ? 14  GLN B HA   1 
ATOM   462 H HB2  . GLN B 1 14 ? 0.31398   5.77661   5.00925   1.000 11.38396 ? 14  GLN B HB2  1 
ATOM   463 H HB3  . GLN B 1 14 ? 1.69256   6.38554   5.51336   1.000 11.38396 ? 14  GLN B HB3  1 
ATOM   464 H HG2  . GLN B 1 14 ? 2.69014   5.71938   3.49411   1.000 11.30311 ? 14  GLN B HG2  1 
ATOM   465 H HG3  . GLN B 1 14 ? 1.27443   5.20321   2.98940   1.000 11.30311 ? 14  GLN B HG3  1 
ATOM   466 H HE21 . GLN B 1 14 ? 2.15958   6.81752   1.27100   1.000 11.57364 ? 14  GLN B HE21 1 
ATOM   467 H HE22 . GLN B 1 14 ? 1.63197   8.20771   1.35915   1.000 11.57364 ? 14  GLN B HE22 1 
HETATM 468 N N    . AIB B 1 15 ? 0.22860   4.10902   7.51438   1.000 8.72468  ? 15  AIB B N    1 
HETATM 469 C CA   . AIB B 1 15 ? -0.09473  4.05476   8.92734   1.000 8.63349  ? 15  AIB B CA   1 
HETATM 470 C C    . AIB B 1 15 ? 0.74187   3.03062   9.71914   1.000 9.34502  ? 15  AIB B C    1 
HETATM 471 O O    . AIB B 1 15 ? 1.02333   3.16211   10.92341  1.000 10.16258 ? 15  AIB B O    1 
HETATM 472 C CB1  . AIB B 1 15 ? 0.09339   5.41908   9.61871   1.000 9.44174  ? 15  AIB B CB1  1 
HETATM 473 C CB2  . AIB B 1 15 ? -1.56594  3.65132   9.08722   1.000 9.64010  ? 15  AIB B CB2  1 
HETATM 474 H H    . AIB B 1 15 ? -0.00680  3.27285   7.10808   1.000 10.47788 ? 15  AIB B H    1 
HETATM 475 H HB11 . AIB B 1 15 ? 1.17283   5.57576   9.85475   1.000 11.33834 ? 15  AIB B HB11 1 
HETATM 476 H HB12 . AIB B 1 15 ? -0.25732  6.23502   8.94292   1.000 11.33834 ? 15  AIB B HB12 1 
HETATM 477 H HB13 . AIB B 1 15 ? -0.49752  5.44612   10.56505  1.000 11.33834 ? 15  AIB B HB13 1 
HETATM 478 H HB21 . AIB B 1 15 ? -2.21212  4.44039   8.63171   1.000 11.57638 ? 15  AIB B HB21 1 
HETATM 479 H HB22 . AIB B 1 15 ? -1.73510  2.67617   8.56936   1.000 11.57638 ? 15  AIB B HB22 1 
HETATM 480 H HB23 . AIB B 1 15 ? -1.80017  3.54956   10.17463  1.000 11.57638 ? 15  AIB B HB23 1 
ATOM   481 N N    . LEU B 1 16 ? 1.13069   1.97149   9.01065   1.000 8.55735  ? 16  LEU B N    1 
ATOM   482 C CA   . LEU B 1 16 ? 1.92147   0.89569   9.62203   1.000 8.26837  ? 16  LEU B CA   1 
ATOM   483 C C    . LEU B 1 16 ? 3.36613   1.29740   9.87297   1.000 10.19218 ? 16  LEU B C    1 
ATOM   484 O O    . LEU B 1 16 ? 4.12853   0.59841   10.52312  1.000 9.03247  ? 16  LEU B O    1 
ATOM   485 C CB   . LEU B 1 16 ? 1.92373   -0.34980  8.74037   1.000 8.63788  ? 16  LEU B CB   1 
ATOM   486 C CG   . LEU B 1 16 ? 0.66121   -1.20920  8.74977   1.000 10.10335 ? 16  LEU B CG   1 
ATOM   487 C CD1  . LEU B 1 16 ? 0.87193   -2.48298  7.97306   1.000 10.06219 ? 16  LEU B CD1  1 
ATOM   488 C CD2  . LEU B 1 16 ? 0.20753   -1.54011  10.15844  1.000 10.27268 ? 16  LEU B CD2  1 
ATOM   489 H H    . LEU B 1 16 ? 0.95190   1.85004   8.17825   1.000 10.27708 ? 16  LEU B H    1 
ATOM   490 H HA   . LEU B 1 16 ? 1.50649   0.69350   10.47515  1.000 9.93030  ? 16  LEU B HA   1 
ATOM   491 H HB2  . LEU B 1 16 ? 2.06585   -0.06616  7.82372   1.000 10.37371 ? 16  LEU B HB2  1 
ATOM   492 H HB3  . LEU B 1 16 ? 2.65484   -0.91824  9.02891   1.000 10.37371 ? 16  LEU B HB3  1 
ATOM   493 H HG   . LEU B 1 16 ? -0.04248  -0.69353  8.32573   1.000 12.13227 ? 16  LEU B HG   1 
ATOM   494 H HD11 . LEU B 1 16 ? 0.01489   -2.91755  7.84061   1.000 12.08288 ? 16  LEU B HD11 1 
ATOM   495 H HD12 . LEU B 1 16 ? 1.26966   -2.26751  7.11499   1.000 12.08288 ? 16  LEU B HD12 1 
ATOM   496 H HD13 . LEU B 1 16 ? 1.46373   -3.06482  8.47519   1.000 12.08288 ? 16  LEU B HD13 1 
ATOM   497 H HD21 . LEU B 1 16 ? -0.48348  -2.21954  10.11625  1.000 12.33547 ? 16  LEU B HD21 1 
ATOM   498 H HD22 . LEU B 1 16 ? 0.96586   -1.87060  10.66499  1.000 12.33547 ? 16  LEU B HD22 1 
ATOM   499 H HD23 . LEU B 1 16 ? -0.14323  -0.73694  10.57412  1.000 12.33547 ? 16  LEU B HD23 1 
HETATM 500 C C11  . I77 B 1 17 ? 8.15940   4.58704   9.87514   1.000 15.32006 ? 17  I77 B C11  1 
HETATM 501 C C12  . I77 B 1 17 ? 7.27947   3.85642   9.12144   1.000 9.42775  ? 17  I77 B C12  1 
HETATM 502 C C13  . I77 B 1 17 ? 5.80484   3.77343   9.48023   1.000 10.16205 ? 17  I77 B C13  1 
HETATM 503 C C17  . I77 B 1 17 ? 7.74046   3.20692   7.97224   1.000 9.73660  ? 17  I77 B C17  1 
HETATM 504 C C18  . I77 B 1 17 ? 9.05938   3.27842   7.64483   1.000 8.20469  ? 17  I77 B C18  1 
HETATM 505 C C02  . I77 B 1 17 ? 15.37523  4.27848   6.86163   1.000 9.82414  ? 17  I77 B C02  1 
HETATM 506 C C03  . I77 B 1 17 ? 13.90370  4.22646   7.29378   1.000 8.72373  ? 17  I77 B C03  1 
HETATM 507 C C04  . I77 B 1 17 ? 13.48218  4.97521   8.38367   1.000 10.33970 ? 17  I77 B C04  1 
HETATM 508 C C05  . I77 B 1 17 ? 12.16623  4.89489   8.75201   1.000 8.28594  ? 17  I77 B C05  1 
HETATM 509 C C06  . I77 B 1 17 ? 13.02845  3.42898   6.59777   1.000 10.08619 ? 17  I77 B C06  1 
HETATM 510 C C08  . I77 B 1 17 ? 11.33273  4.08848   8.03647   1.000 9.21482  ? 17  I77 B C08  1 
HETATM 511 C C09  . I77 B 1 17 ? 9.88812   4.01403   8.44044   1.000 8.66423  ? 17  I77 B C09  1 
HETATM 512 N N01  . I77 B 1 17 ? 16.28707  5.05527   7.66953   1.000 11.30213 ? 17  I77 B N01  1 
HETATM 513 N N07  . I77 B 1 17 ? 11.76869  3.39620   6.99643   1.000 12.37104 ? 17  I77 B N07  1 
HETATM 514 N N10  . I77 B 1 17 ? 9.43210   4.63821   9.51349   1.000 15.79436 ? 17  I77 B N10  1 
HETATM 515 N N14  . I77 B 1 17 ? 5.14166   2.61592   8.94359   1.000 9.25442  ? 17  I77 B N14  1 
HETATM 516 N N15  . I77 B 1 17 ? 3.77360   2.44284   9.14086   1.000 9.20378  ? 17  I77 B N15  1 
HETATM 517 O O16  . I77 B 1 17 ? 5.22776   4.59936   10.12352  1.000 10.69973 ? 17  I77 B O16  1 
HETATM 518 O O19  . I77 B 1 17 ? 15.76645  3.69887   5.89633   1.000 11.17921 ? 17  I77 B O19  1 
HETATM 519 H H111 . I77 B 1 17 ? 7.81962   5.11454   10.75295  1.000 18.39233 ? 17  I77 B H111 1 
HETATM 520 H H171 . I77 B 1 17 ? 7.04831   2.64729   7.34308   1.000 11.69217 ? 17  I77 B H171 1 
HETATM 521 H H181 . I77 B 1 17 ? 9.44417   2.76079   6.76863   1.000 9.85388  ? 17  I77 B H181 1 
HETATM 522 H H041 . I77 B 1 17 ? 14.16931  5.60012   8.92295   1.000 12.41589 ? 17  I77 B H041 1 
HETATM 523 H H051 . I77 B 1 17 ? 11.79420  5.46171   9.59652   1.000 9.95138  ? 17  I77 B H051 1 
HETATM 524 H H061 . I77 B 1 17 ? 13.35976  2.84600   5.74988   1.000 12.11169 ? 17  I77 B H061 1 
HETATM 525 H H011 . I77 B 1 17 ? 17.24644  5.09825   7.39760   1.000 13.57081 ? 17  I77 B H011 1 
HETATM 526 H H012 . I77 B 1 17 ? 15.97490  5.55252   8.48871   1.000 13.57081 ? 17  I77 B H012 1 
HETATM 527 H H141 . I77 B 1 17 ? 5.66550   1.93088   8.42558   1.000 11.11356 ? 17  I77 B H141 1 
HETATM 528 H H1   . I77 B 1 17 ? 3.45498   3.05400   9.87797   1.000 11.05280 ? 17  I77 B H1   1 
HETATM 529 N N    A CCN C 2 .  ? -0.66943  0.26062   -1.99733  0.486 21.24898 ? 101 CCN A N    1 
HETATM 530 N N    B CCN C 2 .  ? -0.36760  -2.25945  1.31933   0.514 20.73783 ? 101 CCN A N    1 
HETATM 531 C C1   A CCN C 2 .  ? -1.35809  0.92830   -2.63358  0.486 18.79249 ? 101 CCN A C1   1 
HETATM 532 C C1   B CCN C 2 .  ? -0.49907  -1.65517  0.34825   0.514 19.96565 ? 101 CCN A C1   1 
HETATM 533 C C2   A CCN C 2 .  ? -2.22112  1.75956   -3.45241  0.486 17.63894 ? 101 CCN A C2   1 
HETATM 534 C C2   B CCN C 2 .  ? -0.67250  -0.89134  -0.86859  0.514 18.09090 ? 101 CCN A C2   1 
HETATM 535 H H21  A CCN C 2 .  ? -1.69154  2.25215   -4.09879  0.486 21.17498 ? 101 CCN A H21  1 
HETATM 536 H H21  B CCN C 2 .  ? 0.06793   -1.05708  -1.47290  0.514 21.71733 ? 101 CCN A H21  1 
HETATM 537 H H22  A CCN C 2 .  ? -2.86191  1.20681   -3.92647  0.486 21.17498 ? 101 CCN A H22  1 
HETATM 538 H H22  B CCN C 2 .  ? -1.49931  -1.14759  -1.30634  0.514 21.71733 ? 101 CCN A H22  1 
HETATM 539 H H23  A CCN C 2 .  ? -2.70202  2.39008   -2.89376  0.486 21.17498 ? 101 CCN A H23  1 
HETATM 540 H H23  B CCN C 2 .  ? -0.70546  0.05624   -0.66383  0.514 21.71733 ? 101 CCN A H23  1 
HETATM 541 N N    . CCN D 2 .  ? 12.09981  2.25791   3.67208   1.000 18.80278 ? 102 CCN A N    1 
HETATM 542 C C1   . CCN D 2 .  ? 11.10214  1.75319   3.96063   1.000 19.20995 ? 102 CCN A C1   1 
HETATM 543 C C2   . CCN D 2 .  ? 9.83849   1.13222   4.31027   1.000 18.94838 ? 102 CCN A C2   1 
HETATM 544 H H21  . CCN D 2 .  ? 9.24813   1.78641   4.71575   1.000 22.74631 ? 102 CCN A H21  1 
HETATM 545 H H22  . CCN D 2 .  ? 9.41316   0.77466   3.51519   1.000 22.74631 ? 102 CCN A H22  1 
HETATM 546 H H23  . CCN D 2 .  ? 9.98685   0.40935   4.93984   1.000 22.74631 ? 102 CCN A H23  1 
HETATM 547 N N    . CCN E 2 .  ? 2.29439   -6.37867  4.08820   1.000 36.56642 ? 103 CCN A N    1 
HETATM 548 C C1   . CCN E 2 .  ? 2.79616   -7.38017  4.35092   1.000 36.70800 ? 103 CCN A C1   1 
HETATM 549 C C2   . CCN E 2 .  ? 3.41512   -8.64247  4.69603   1.000 35.32946 ? 103 CCN A C2   1 
HETATM 550 H H21  . CCN E 2 .  ? 4.11404   -8.85489  4.05784   1.000 42.40361 ? 103 CCN A H21  1 
HETATM 551 H H22  . CCN E 2 .  ? 3.80434   -8.58978  5.58296   1.000 42.40361 ? 103 CCN A H22  1 
HETATM 552 H H23  . CCN E 2 .  ? 2.75275   -9.35101  4.68470   1.000 42.40361 ? 103 CCN A H23  1 
HETATM 553 N N    . CCN F 2 .  ? -14.02272 6.65003   -5.38101  1.000 23.79199 ? 101 CCN B N    1 
HETATM 554 C C1   . CCN F 2 .  ? -15.03315 7.19713   -5.46673  1.000 24.61653 ? 101 CCN B C1   1 
HETATM 555 C C2   . CCN F 2 .  ? -16.31164 7.87046   -5.58206  1.000 24.56502 ? 101 CCN B C2   1 
HETATM 556 H H21  . CCN F 2 .  ? -16.53552 7.99977   -6.51698  1.000 29.48628 ? 101 CCN B H21  1 
HETATM 557 H H22  . CCN F 2 .  ? -17.00601 7.33840   -5.16294  1.000 29.48628 ? 101 CCN B H22  1 
HETATM 558 H H23  . CCN F 2 .  ? -16.27164 8.73575   -5.14552  1.000 29.48628 ? 101 CCN B H23  1 
HETATM 559 N N    . CCN G 2 .  ? -1.51789  3.97807   16.25658  1.000 44.58729 ? 102 CCN B N    1 
HETATM 560 C C1   . CCN G 2 .  ? -0.98458  4.20056   15.25991  1.000 43.41177 ? 102 CCN B C1   1 
HETATM 561 C C2   . CCN G 2 .  ? -0.30308  4.46646   14.00675  1.000 39.58127 ? 102 CCN B C2   1 
HETATM 562 H H21  . CCN G 2 .  ? 0.63378   4.65579   14.17207  1.000 47.50578 ? 102 CCN B H21  1 
HETATM 563 H H22  . CCN G 2 .  ? -0.36984  3.69507   13.42243  1.000 47.50578 ? 102 CCN B H22  1 
HETATM 564 H H23  . CCN G 2 .  ? -0.70553  5.23097   13.56577  1.000 47.50578 ? 102 CCN B H23  1 
HETATM 565 O O    . HOH H 3 .  ? 7.66607   10.19655  -2.79891  1.000 45.82507 ? 201 HOH A O    1 
HETATM 566 O O    . HOH H 3 .  ? 0.28960   -10.86433 -1.06475  1.000 27.05644 ? 202 HOH A O    1 
HETATM 567 O O    . HOH H 3 .  ? 0.73244   14.09025  4.92729   1.000 16.81769 ? 203 HOH A O    1 
HETATM 568 O O    . HOH H 3 .  ? -0.91260  -4.00953  4.88139   1.000 41.40236 ? 204 HOH A O    1 
HETATM 569 O O    . HOH H 3 .  ? -0.63335  15.53846  6.91692   1.000 31.78225 ? 205 HOH A O    1 
HETATM 570 O O    . HOH H 3 .  ? -0.65068  -12.03768 -3.21702  1.000 42.27855 ? 206 HOH A O    1 
HETATM 571 O O    . HOH I 3 .  ? -17.56095 2.17070   -9.55846  1.000 49.27191 ? 201 HOH B O    1 
HETATM 572 O O    . HOH I 3 .  ? 18.10199  2.17328   6.13812   1.000 29.53516 ? 202 HOH B O    1 
HETATM 573 O O    . HOH I 3 .  ? 18.90356  5.44278   6.68672   1.000 33.39868 ? 203 HOH B O    1 
HETATM 574 O O    . HOH I 3 .  ? 16.04328  6.13109   10.28929  1.000 11.66266 ? 204 HOH B O    1 
HETATM 575 O O    . HOH I 3 .  ? 15.04726  1.26077   4.60569   1.000 13.99348 ? 205 HOH B O    1 
HETATM 576 O O    . HOH I 3 .  ? -7.93821  -1.84465  -1.00935  1.000 37.52406 ? 206 HOH B O    1 
HETATM 577 O O    . HOH I 3 .  ? 20.12852  3.86305   5.27502   1.000 40.83965 ? 207 HOH B O    1 
HETATM 578 O O    A HOH I 3 .  ? -0.04717  8.73926   10.63732  0.567 25.85194 ? 208 HOH B O    1 
HETATM 579 O O    B HOH I 3 .  ? -0.36021  10.44427  12.18273  0.433 22.00008 ? 208 HOH B O    1 
HETATM 580 O O    . HOH I 3 .  ? -14.97346 -1.91465  -13.18438 1.000 45.53539 ? 209 HOH B O    1 
HETATM 581 O O    . HOH I 3 .  ? -17.41936 0.76749   -14.40140 1.000 39.86454 ? 210 HOH B O    1 
# 
loop_
_atom_site_anisotrop.id 
_atom_site_anisotrop.type_symbol 
_atom_site_anisotrop.pdbx_label_atom_id 
_atom_site_anisotrop.pdbx_label_alt_id 
_atom_site_anisotrop.pdbx_label_comp_id 
_atom_site_anisotrop.pdbx_label_asym_id 
_atom_site_anisotrop.pdbx_label_seq_id 
_atom_site_anisotrop.pdbx_PDB_ins_code 
_atom_site_anisotrop.U[1][1] 
_atom_site_anisotrop.U[2][2] 
_atom_site_anisotrop.U[3][3] 
_atom_site_anisotrop.U[1][2] 
_atom_site_anisotrop.U[1][3] 
_atom_site_anisotrop.U[2][3] 
_atom_site_anisotrop.pdbx_auth_seq_id 
_atom_site_anisotrop.pdbx_auth_comp_id 
_atom_site_anisotrop.pdbx_auth_asym_id 
_atom_site_anisotrop.pdbx_auth_atom_id 
1   C C05 . I6W A 1  ? 0.10337 0.11293 0.10195 -0.00299 -0.00829 0.00105  1   I6W A C05 
2   C C08 . I6W A 1  ? 0.13694 0.10060 0.11759 -0.00370 -0.02696 0.00538  1   I6W A C08 
3   C C09 . I6W A 1  ? 0.12000 0.08886 0.11692 0.01516  -0.01694 0.01272  1   I6W A C09 
4   N N10 . I6W A 1  ? 0.16845 0.15405 0.11693 0.01592  -0.03104 -0.01888 1   I6W A N10 
5   C C02 . I6W A 1  ? 0.13967 0.11911 0.12076 0.02559  -0.00788 -0.00332 1   I6W A C02 
6   C C03 . I6W A 1  ? 0.13884 0.10797 0.12052 0.01208  0.00576  0.00607  1   I6W A C03 
7   C C04 . I6W A 1  ? 0.17411 0.10124 0.12617 0.02843  -0.00148 0.00113  1   I6W A C04 
8   C C06 . I6W A 1  ? 0.16347 0.10856 0.12310 0.03029  0.01805  0.00298  1   I6W A C06 
9   C C11 . I6W A 1  ? 0.13802 0.14494 0.07829 -0.00146 -0.00153 -0.00242 1   I6W A C11 
10  C C12 . I6W A 1  ? 0.18065 0.09937 0.10510 -0.00466 -0.00804 0.00930  1   I6W A C12 
11  C C13 . I6W A 1  ? 0.15193 0.09675 0.07825 -0.01632 -0.00957 0.01511  1   I6W A C13 
12  C C15 . I6W A 1  ? 0.16457 0.11780 0.10020 0.01095  0.00527  -0.01637 1   I6W A C15 
13  C C16 . I6W A 1  ? 0.15826 0.12657 0.11673 0.05583  0.02545  -0.00201 1   I6W A C16 
14  C C18 . I6W A 1  ? 0.16690 0.10113 0.12069 -0.00405 0.02500  0.00570  1   I6W A C18 
15  C C19 . I6W A 1  ? 0.11791 0.10986 0.11770 -0.00611 0.00042  0.00079  1   I6W A C19 
16  N N07 . I6W A 1  ? 0.18647 0.12439 0.13804 0.00927  -0.00490 -0.01826 1   I6W A N07 
17  O O01 . I6W A 1  ? 0.17367 0.10025 0.12824 0.00301  0.01752  0.00291  1   I6W A O01 
18  O O14 . I6W A 1  ? 0.14029 0.10894 0.11240 0.00206  0.00255  -0.01111 1   I6W A O14 
19  O O17 . I6W A 1  ? 0.13007 0.13519 0.11463 0.00077  0.00751  -0.01569 1   I6W A O17 
31  N N   . ALA A 2  ? 0.17184 0.12049 0.10870 0.02542  0.01171  0.00558  2   ALA A N   
32  C CA  . ALA A 2  ? 0.13768 0.12287 0.11685 0.01543  -0.00491 0.00841  2   ALA A CA  
33  C C   . ALA A 2  ? 0.14322 0.10290 0.10540 0.02065  0.00745  0.01253  2   ALA A C   
34  O O   . ALA A 2  ? 0.11236 0.12866 0.12372 0.01953  -0.00107 0.00864  2   ALA A O   
35  C CB  . ALA A 2  ? 0.15746 0.16269 0.11761 -0.01326 0.02179  0.00773  2   ALA A CB  
41  N N   . AIB A 3  ? 0.13250 0.09790 0.10367 -0.00327 -0.00387 -0.00614 3   AIB A N   
42  C CA  . AIB A 3  ? 0.14414 0.10424 0.09178 0.01844  0.02586  0.00576  3   AIB A CA  
43  C C   . AIB A 3  ? 0.13833 0.12739 0.07579 0.02823  0.01692  -0.00842 3   AIB A C   
44  O O   . AIB A 3  ? 0.15112 0.10443 0.09822 0.01229  0.01846  -0.00564 3   AIB A O   
45  C CB1 . AIB A 3  ? 0.13069 0.11923 0.09572 -0.00063 0.00913  0.00908  3   AIB A CB1 
46  C CB2 . AIB A 3  ? 0.15827 0.11569 0.09501 0.03444  0.02792  0.03222  3   AIB A CB2 
54  N N   . ALA A 4  ? 0.11931 0.11158 0.08673 0.01279  0.00683  0.00703  4   ALA A N   
55  C CA  . ALA A 4  ? 0.11509 0.11161 0.08950 0.01522  0.00979  0.01290  4   ALA A CA  
56  C C   . ALA A 4  ? 0.10516 0.13719 0.10208 0.00001  0.00636  0.00571  4   ALA A C   
57  O O   . ALA A 4  ? 0.13047 0.11168 0.12443 0.01599  0.00339  0.01012  4   ALA A O   
58  C CB  . ALA A 4  ? 0.13457 0.10418 0.09084 0.00819  0.02435  0.02082  4   ALA A CB  
64  N N   . AIB A 5  ? 0.11380 0.10067 0.09611 0.00888  -0.01763 0.02942  5   AIB A N   
65  C CA  . AIB A 5  ? 0.11378 0.09919 0.11813 0.00689  0.00587  0.02142  5   AIB A CA  
66  C C   . AIB A 5  ? 0.11730 0.11756 0.11129 0.00043  0.02047  0.02281  5   AIB A C   
67  O O   . AIB A 5  ? 0.13877 0.10606 0.14032 0.02595  0.00571  0.03616  5   AIB A O   
68  C CB1 . AIB A 5  ? 0.11864 0.13478 0.09864 0.00153  -0.00600 0.00414  5   AIB A CB1 
69  C CB2 . AIB A 5  ? 0.11974 0.13612 0.12179 0.00643  -0.01439 0.02117  5   AIB A CB2 
77  N N   . ALA A 6  ? 0.12858 0.09813 0.13378 0.01081  0.01783  0.01769  6   ALA A N   
78  C CA  . ALA A 6  ? 0.13867 0.12005 0.11802 0.01120  0.00441  0.00735  6   ALA A CA  
79  C C   . ALA A 6  ? 0.12396 0.10135 0.10885 0.00803  0.01969  0.02424  6   ALA A C   
80  O O   . ALA A 6  ? 0.12450 0.10970 0.13460 0.01080  0.03861  0.02281  6   ALA A O   
81  C CB  . ALA A 6  ? 0.15137 0.13466 0.14928 0.00894  0.03548  -0.00942 6   ALA A CB  
87  N N   . AIB A 7  ? 0.12479 0.10918 0.10317 0.01065  0.01845  0.02990  7   AIB A N   
88  C CA  . AIB A 7  ? 0.12529 0.12782 0.09056 0.03391  -0.00909 0.01082  7   AIB A CA  
89  C C   . AIB A 7  ? 0.12228 0.10896 0.08839 0.02442  -0.00369 0.01318  7   AIB A C   
90  O O   . AIB A 7  ? 0.13903 0.09628 0.11491 0.02255  0.00567  0.02418  7   AIB A O   
91  C CB1 . AIB A 7  ? 0.14782 0.10298 0.07744 0.02540  -0.00588 0.00659  7   AIB A CB1 
92  C CB2 . AIB A 7  ? 0.11901 0.11901 0.11636 0.03173  0.00395  0.01500  7   AIB A CB2 
100 N N   . LEU A 8  ? 0.11606 0.09714 0.10901 0.02244  -0.00553 0.02782  8   LEU A N   
101 C CA  . LEU A 8  ? 0.09478 0.11178 0.08296 0.00832  -0.01106 0.02444  8   LEU A CA  
102 C C   . LEU A 8  ? 0.10105 0.08940 0.09510 0.00266  0.00946  0.03523  8   LEU A C   
103 O O   . LEU A 8  ? 0.11256 0.09401 0.09604 0.00860  0.01954  0.02297  8   LEU A O   
104 C CB  . LEU A 8  ? 0.12598 0.11552 0.09085 0.01245  -0.00320 0.01852  8   LEU A CB  
105 C CG  . LEU A 8  ? 0.12455 0.09758 0.09699 0.01271  -0.00037 0.00973  8   LEU A CG  
106 C CD1 . LEU A 8  ? 0.13255 0.08952 0.11301 0.02296  0.02601  0.01247  8   LEU A CD1 
107 C CD2 . LEU A 8  ? 0.17079 0.11746 0.08910 0.01994  0.01604  0.00709  8   LEU A CD2 
119 N N   . AIB A 9  ? 0.11019 0.09365 0.10034 0.01723  0.00161  0.03418  9   AIB A N   
120 C CA  . AIB A 9  ? 0.11272 0.11561 0.10954 -0.00168 0.00716  0.01842  9   AIB A CA  
121 C C   . AIB A 9  ? 0.12519 0.11146 0.08713 0.01610  0.00371  0.02646  9   AIB A C   
122 O O   . AIB A 9  ? 0.11139 0.11628 0.10052 0.02184  0.01720  0.03413  9   AIB A O   
123 C CB1 . AIB A 9  ? 0.11390 0.13799 0.10879 0.03411  -0.00465 0.02596  9   AIB A CB1 
124 C CB2 . AIB A 9  ? 0.12696 0.11119 0.10587 0.02075  -0.02085 0.01588  9   AIB A CB2 
132 N N   . ALA A 10 ? 0.11719 0.09448 0.09379 0.01784  0.01735  0.01510  10  ALA A N   
133 C CA  . ALA A 10 ? 0.11569 0.11227 0.07962 -0.00588 0.01990  0.01604  10  ALA A CA  
134 C C   . ALA A 10 ? 0.12865 0.11261 0.09073 0.04179  0.04184  0.02277  10  ALA A C   
135 O O   . ALA A 10 ? 0.12866 0.09804 0.09414 0.03367  0.01725  0.02129  10  ALA A O   
136 C CB  . ALA A 10 ? 0.11571 0.09403 0.09213 0.02386  0.00567  0.04253  10  ALA A CB  
142 N N   . AIB A 11 ? 0.11682 0.09666 0.09162 0.02105  0.01753  0.01771  11  AIB A N   
143 C CA  . AIB A 11 ? 0.11049 0.09924 0.09398 0.02581  0.00592  0.02043  11  AIB A CA  
144 C C   . AIB A 11 ? 0.11900 0.12567 0.08304 0.01546  0.00849  0.00873  11  AIB A C   
145 O O   . AIB A 11 ? 0.11422 0.10042 0.09772 0.02761  0.00678  0.01695  11  AIB A O   
146 C CB1 . AIB A 11 ? 0.11708 0.11384 0.15129 0.00670  0.02050  -0.00458 11  AIB A CB1 
147 C CB2 . AIB A 11 ? 0.13376 0.13877 0.12127 0.04818  0.01094  0.00092  11  AIB A CB2 
155 N N   . LEU A 12 ? 0.11852 0.09634 0.08372 0.00993  0.01840  0.01942  12  LEU A N   
156 C CA  . LEU A 12 ? 0.10865 0.10015 0.09015 0.01850  0.02251  0.00424  12  LEU A CA  
157 C C   . LEU A 12 ? 0.12355 0.11265 0.09312 0.01893  0.01813  -0.00103 12  LEU A C   
158 O O   . LEU A 12 ? 0.12905 0.09889 0.10375 0.00987  0.02221  0.01101  12  LEU A O   
159 C CB  . LEU A 12 ? 0.14264 0.09210 0.07431 0.01677  0.02291  0.02865  12  LEU A CB  
160 C CG  . LEU A 12 ? 0.13688 0.12104 0.08325 0.00579  0.03101  0.01203  12  LEU A CG  
161 C CD1 . LEU A 12 ? 0.15836 0.08861 0.08047 0.00399  0.02847  0.01495  12  LEU A CD1 
162 C CD2 . LEU A 12 ? 0.13012 0.17505 0.11333 0.03979  0.04076  -0.00965 12  LEU A CD2 
174 N N   . AIB A 13 ? 0.11641 0.09455 0.07683 0.04192  0.01011  0.01033  13  AIB A N   
175 C CA  . AIB A 13 ? 0.11278 0.10324 0.08593 0.01351  0.03252  0.01841  13  AIB A CA  
176 C C   . AIB A 13 ? 0.12078 0.09075 0.08339 0.02638  0.00147  0.01500  13  AIB A C   
177 O O   . AIB A 13 ? 0.13315 0.09290 0.10310 0.01556  -0.00234 0.01189  13  AIB A O   
178 C CB1 . AIB A 13 ? 0.10785 0.10473 0.07804 0.03699  -0.01027 0.01915  13  AIB A CB1 
179 C CB2 . AIB A 13 ? 0.07788 0.12962 0.10463 0.02810  0.00987  0.02208  13  AIB A CB2 
187 N N   . GLN A 14 ? 0.12347 0.10150 0.07239 0.00995  0.01137  0.00572  14  GLN A N   
188 C CA  . GLN A 14 ? 0.12484 0.09840 0.04745 0.02592  -0.00142 0.02517  14  GLN A CA  
189 C C   . GLN A 14 ? 0.14105 0.09754 0.06083 0.03879  0.01490  0.02242  14  GLN A C   
190 O O   . GLN A 14 ? 0.12145 0.09889 0.09849 0.03797  0.01043  0.02770  14  GLN A O   
191 C CB  . GLN A 14 ? 0.13349 0.09918 0.06672 0.01137  0.00937  0.04212  14  GLN A CB  
192 C CG  . GLN A 14 ? 0.11460 0.08274 0.07834 0.01099  -0.00076 0.03061  14  GLN A CG  
193 C CD  . GLN A 14 ? 0.10596 0.10508 0.08793 0.00836  -0.00508 0.02580  14  GLN A CD  
194 O OE1 . GLN A 14 ? 0.11960 0.11747 0.11362 0.02353  0.00256  0.02616  14  GLN A OE1 
195 N NE2 . GLN A 14 ? 0.11144 0.11664 0.08061 0.03078  0.00547  0.05006  14  GLN A NE2 
204 N N   . AIB A 15 ? 0.14455 0.09387 0.07832 0.01171  0.02482  0.00708  15  AIB A N   
205 C CA  . AIB A 15 ? 0.12110 0.10700 0.08886 0.00826  0.01186  0.00796  15  AIB A CA  
206 C C   . AIB A 15 ? 0.11908 0.08822 0.09785 0.02005  0.00755  0.02281  15  AIB A C   
207 O O   . AIB A 15 ? 0.13010 0.09543 0.12970 0.02071  0.02382  0.02091  15  AIB A O   
208 C CB1 . AIB A 15 ? 0.13487 0.10774 0.07688 0.00026  0.00989  0.02326  15  AIB A CB1 
209 C CB2 . AIB A 15 ? 0.11661 0.10792 0.10328 0.02259  0.00873  -0.00437 15  AIB A CB2 
217 N N   . LEU A 16 ? 0.12188 0.08850 0.11594 0.03453  0.01492  0.01944  16  LEU A N   
218 C CA  . LEU A 16 ? 0.11751 0.10014 0.08970 -0.00085 0.01897  0.02797  16  LEU A CA  
219 C C   . LEU A 16 ? 0.12080 0.12937 0.08339 -0.01619 0.02624  0.02315  16  LEU A C   
220 O O   . LEU A 16 ? 0.14126 0.10605 0.11116 0.05927  -0.00503 0.02531  16  LEU A O   
221 C CB  . LEU A 16 ? 0.13274 0.09972 0.10805 0.01928  0.01174  0.02209  16  LEU A CB  
222 C CG  . LEU A 16 ? 0.14797 0.10044 0.10548 0.02372  0.01620  0.00960  16  LEU A CG  
223 C CD1 . LEU A 16 ? 0.15306 0.10677 0.09218 0.01143  0.00248  0.01338  16  LEU A CD1 
224 C CD2 . LEU A 16 ? 0.16230 0.11577 0.10529 0.03484  -0.00816 -0.00722 16  LEU A CD2 
236 C C11 . I77 A 17 ? 0.13985 0.12436 0.14928 0.00333  0.01670  -0.02082 17  I77 A C11 
237 C C12 . I77 A 17 ? 0.11268 0.14322 0.13771 0.05148  0.00255  -0.00104 17  I77 A C12 
238 C C13 . I77 A 17 ? 0.13372 0.11145 0.12767 0.00825  0.02584  0.01332  17  I77 A C13 
239 C C17 . I77 A 17 ? 0.11887 0.15359 0.12645 0.02055  0.01364  -0.02451 17  I77 A C17 
240 C C18 . I77 A 17 ? 0.15425 0.14486 0.12139 0.01141  0.01389  -0.02691 17  I77 A C18 
241 C C02 . I77 A 17 ? 0.15486 0.17751 0.12667 0.04008  0.00648  -0.00406 17  I77 A C02 
242 C C03 . I77 A 17 ? 0.15090 0.14012 0.10403 0.01766  0.01509  0.02083  17  I77 A C03 
243 C C04 . I77 A 17 ? 0.15987 0.12105 0.12932 0.02209  0.01220  0.00496  17  I77 A C04 
244 C C05 . I77 A 17 ? 0.16271 0.09409 0.12314 0.00460  0.01348  0.01433  17  I77 A C05 
245 C C06 . I77 A 17 ? 0.14646 0.11780 0.10903 0.02259  0.00957  0.02284  17  I77 A C06 
246 C C08 . I77 A 17 ? 0.15711 0.09167 0.12571 0.02977  0.00564  0.02006  17  I77 A C08 
247 C C09 . I77 A 17 ? 0.13987 0.11019 0.11212 0.02509  0.00893  0.01254  17  I77 A C09 
248 N N01 . I77 A 17 ? 0.19980 0.15026 0.15965 0.01728  0.02477  0.00523  17  I77 A N01 
249 N N07 . I77 A 17 ? 0.14913 0.12546 0.10533 0.02743  0.01706  0.00925  17  I77 A N07 
250 N N10 . I77 A 17 ? 0.12534 0.12882 0.14624 0.01485  -0.00253 -0.02366 17  I77 A N10 
251 N N14 . I77 A 17 ? 0.12003 0.11418 0.11936 0.01019  0.01183  -0.00246 17  I77 A N14 
252 N N15 . I77 A 17 ? 0.13212 0.09663 0.13077 -0.00842 0.02012  -0.00990 17  I77 A N15 
253 O O16 . I77 A 17 ? 0.12445 0.18001 0.18844 -0.00254 0.02241  -0.07086 17  I77 A O16 
254 O O19 . I77 A 17 ? 0.14852 0.23364 0.19270 0.06181  -0.01275 -0.06165 17  I77 A O19 
265 C C05 . I6W B 1  ? 0.35380 0.83999 0.72713 -0.01570 0.18987  -0.03139 1   I6W B C05 
266 C C08 . I6W B 1  ? 0.36235 0.75310 0.68585 0.01850  0.16994  0.07641  1   I6W B C08 
267 C C09 . I6W B 1  ? 0.33075 0.56592 0.60872 0.10346  0.14268  0.27404  1   I6W B C09 
268 N N10 . I6W B 1  ? 0.32715 0.50499 0.58211 0.12951  0.11145  0.30589  1   I6W B N10 
269 C C02 . I6W B 1  ? 0.28585 0.81995 0.54370 0.02439  -0.01536 -0.08674 1   I6W B C02 
270 C C03 . I6W B 1  ? 0.33671 0.87640 0.66441 -0.01530 0.10482  -0.08980 1   I6W B C03 
271 C C04 . I6W B 1  ? 0.35678 0.88495 0.72555 -0.02970 0.15700  -0.08729 1   I6W B C04 
272 C C06 . I6W B 1  ? 0.35111 0.87502 0.68603 -0.02304 0.16699  -0.05862 1   I6W B C06 
273 C C11 . I6W B 1  ? 0.34400 0.49843 0.61817 0.12722  0.14817  0.31646  1   I6W B C11 
274 C C12 . I6W B 1  ? 0.37609 0.56153 0.69231 0.10204  0.13809  0.28138  1   I6W B C12 
275 C C13 . I6W B 1  ? 0.38236 0.60226 0.69891 0.08999  0.14017  0.27478  1   I6W B C13 
276 C C15 . I6W B 1  ? 0.52467 0.68105 0.67491 0.01635  0.13923  0.26645  1   I6W B C15 
277 C C16 . I6W B 1  ? 0.54310 0.60672 0.57028 0.01568  0.11699  0.33339  1   I6W B C16 
278 C C18 . I6W B 1  ? 0.35514 0.56827 0.67742 0.11339  0.14020  0.27532  1   I6W B C18 
279 C C19 . I6W B 1  ? 0.31723 0.50153 0.58488 0.13354  0.13128  0.30654  1   I6W B C19 
280 N N07 . I6W B 1  ? 0.36985 0.82709 0.68100 -0.00162 0.18514  0.00256  1   I6W B N07 
281 O O01 . I6W B 1  ? 0.28882 0.82605 0.49800 0.05842  -0.07379 -0.07290 1   I6W B O01 
282 O O14 . I6W B 1  ? 0.46556 0.68797 0.73299 0.03318  0.17437  0.21327  1   I6W B O14 
283 O O17 . I6W B 1  ? 0.32412 0.51273 0.60942 0.09434  0.10231  0.32636  1   I6W B O17 
295 N N   . ALA B 2  ? 0.25286 0.73388 0.44363 -0.00235 -0.05855 -0.07591 2   ALA B N   
296 C CA  . ALA B 2  ? 0.27652 0.59396 0.31608 -0.07594 -0.01795 -0.02133 2   ALA B CA  
297 C C   . ALA B 2  ? 0.26248 0.40303 0.20750 -0.07278 -0.04093 0.05643  2   ALA B C   
298 O O   . ALA B 2  ? 0.24558 0.32327 0.16798 -0.09187 -0.03252 0.09148  2   ALA B O   
299 C CB  . ALA B 2  ? 0.30740 0.62623 0.33052 -0.11900 0.00520  -0.04971 2   ALA B CB  
305 N N   . AIB B 3  ? 0.23383 0.35431 0.15809 -0.07738 -0.03944 0.06171  3   AIB B N   
306 C CA  . AIB B 3  ? 0.18899 0.23746 0.14448 -0.03587 -0.01200 0.10011  3   AIB B CA  
307 C C   . AIB B 3  ? 0.16799 0.22259 0.15617 -0.00676 -0.00360 0.06751  3   AIB B C   
308 O O   . AIB B 3  ? 0.17779 0.20518 0.14600 0.01729  -0.02091 0.08300  3   AIB B O   
309 C CB1 . AIB B 3  ? 0.21775 0.24484 0.18168 -0.04222 0.01938  0.07665  3   AIB B CB1 
310 C CB2 . AIB B 3  ? 0.18504 0.23924 0.17062 -0.03815 -0.02379 0.09043  3   AIB B CB2 
318 N N   . ALA B 4  ? 0.14503 0.19306 0.14742 -0.01366 0.00870  0.06524  4   ALA B N   
319 C CA  . ALA B 4  ? 0.13918 0.18494 0.12262 -0.00574 -0.00936 0.04437  4   ALA B CA  
320 C C   . ALA B 4  ? 0.14040 0.15581 0.11970 -0.03224 0.00416  0.02964  4   ALA B C   
321 O O   . ALA B 4  ? 0.13086 0.13826 0.13961 -0.00569 -0.00795 0.01783  4   ALA B O   
322 C CB  . ALA B 4  ? 0.15249 0.20632 0.13540 0.03086  0.01051  0.03417  4   ALA B CB  
328 N N   . AIB B 5  ? 0.11981 0.13534 0.14038 0.00271  -0.01393 0.02192  5   AIB B N   
329 C CA  . AIB B 5  ? 0.13011 0.13665 0.13079 0.01183  -0.00790 0.01983  5   AIB B CA  
330 C C   . AIB B 5  ? 0.15263 0.11982 0.14455 0.00716  0.02159  0.02800  5   AIB B C   
331 O O   . AIB B 5  ? 0.15691 0.14943 0.12726 0.01424  0.00570  0.02399  5   AIB B O   
332 C CB1 . AIB B 5  ? 0.13381 0.15383 0.13288 -0.00573 0.01606  0.02834  5   AIB B CB1 
333 C CB2 . AIB B 5  ? 0.18335 0.14807 0.18436 -0.02762 0.01147  -0.00697 5   AIB B CB2 
341 N N   . ALA B 6  ? 0.13402 0.16092 0.13781 -0.00660 0.02313  0.00842  6   ALA B N   
342 C CA  . ALA B 6  ? 0.15047 0.12737 0.11188 -0.02472 0.02651  0.02499  6   ALA B CA  
343 C C   . ALA B 6  ? 0.12209 0.13084 0.10641 0.00341  0.01510  0.02945  6   ALA B C   
344 O O   . ALA B 6  ? 0.12111 0.14938 0.11706 0.00990  0.00860  0.03665  6   ALA B O   
345 C CB  . ALA B 6  ? 0.17530 0.19347 0.12821 -0.02139 0.03096  -0.00201 6   ALA B CB  
351 N N   . AIB B 7  ? 0.14401 0.14979 0.12216 0.00864  0.00889  0.01801  7   AIB B N   
352 C CA  . AIB B 7  ? 0.13949 0.11905 0.11074 0.00233  0.00822  0.05767  7   AIB B CA  
353 C C   . AIB B 7  ? 0.11574 0.13311 0.13231 0.00513  0.02592  0.04510  7   AIB B C   
354 O O   . AIB B 7  ? 0.10765 0.14769 0.12204 0.01395  0.00623  0.04357  7   AIB B O   
355 C CB1 . AIB B 7  ? 0.11407 0.15164 0.14230 -0.01959 -0.00620 0.04031  7   AIB B CB1 
356 C CB2 . AIB B 7  ? 0.12987 0.13677 0.16599 0.07040  -0.02301 0.02887  7   AIB B CB2 
364 N N   . LEU B 8  ? 0.11387 0.14511 0.12877 0.02115  0.00197  0.03988  8   LEU B N   
365 C CA  . LEU B 8  ? 0.10037 0.15247 0.11557 0.03031  0.02814  0.04362  8   LEU B CA  
366 C C   . LEU B 8  ? 0.10570 0.15120 0.11718 0.02729  0.01853  0.02892  8   LEU B C   
367 O O   . LEU B 8  ? 0.13056 0.12192 0.13586 0.01753  0.02021  0.03852  8   LEU B O   
368 C CB  . LEU B 8  ? 0.10046 0.12767 0.12765 0.00297  0.00415  0.04752  8   LEU B CB  
369 C CG  . LEU B 8  ? 0.11981 0.14393 0.16091 0.01308  0.00698  0.03173  8   LEU B CG  
370 C CD1 . LEU B 8  ? 0.15858 0.17014 0.11418 0.03598  0.00498  0.04225  8   LEU B CD1 
371 C CD2 . LEU B 8  ? 0.14138 0.15107 0.16817 0.00262  0.01215  0.03536  8   LEU B CD2 
383 N N   . AIB B 9  ? 0.11762 0.13156 0.10432 0.04269  0.00784  0.04452  9   AIB B N   
384 C CA  . AIB B 9  ? 0.13398 0.10129 0.13081 -0.00216 0.02234  0.03669  9   AIB B CA  
385 C C   . AIB B 9  ? 0.11578 0.12686 0.13160 0.00176  0.02618  0.03856  9   AIB B C   
386 O O   . AIB B 9  ? 0.11442 0.14405 0.12796 0.01788  0.00545  0.02574  9   AIB B O   
387 C CB1 . AIB B 9  ? 0.14016 0.12387 0.14322 0.00561  0.04199  0.03042  9   AIB B CB1 
388 C CB2 . AIB B 9  ? 0.14601 0.10139 0.16735 0.00681  0.02648  -0.00119 9   AIB B CB2 
396 N N   . ALA B 10 ? 0.12963 0.13016 0.12627 0.01608  0.02883  0.03970  10  ALA B N   
397 C CA  . ALA B 10 ? 0.10497 0.10111 0.13315 0.00955  0.01492  0.04737  10  ALA B CA  
398 C C   . ALA B 10 ? 0.08905 0.10195 0.14756 0.04230  0.00649  0.04123  10  ALA B C   
399 O O   . ALA B 10 ? 0.10567 0.12615 0.13197 0.02918  0.00518  0.04297  10  ALA B O   
400 C CB  . ALA B 10 ? 0.09325 0.13666 0.13091 0.01772  0.03328  0.01974  10  ALA B CB  
406 N N   . AIB B 11 ? 0.11075 0.10954 0.11896 0.02198  0.01460  0.04435  11  AIB B N   
407 C CA  . AIB B 11 ? 0.11971 0.08695 0.13953 0.04065  0.00295  0.04598  11  AIB B CA  
408 C C   . AIB B 11 ? 0.11990 0.09977 0.13109 0.02742  0.02926  0.04604  11  AIB B C   
409 O O   . AIB B 11 ? 0.12363 0.12576 0.11046 0.01093  0.00905  0.03320  11  AIB B O   
410 C CB1 . AIB B 11 ? 0.14030 0.11659 0.13446 0.02241  0.00307  0.03584  11  AIB B CB1 
411 C CB2 . AIB B 11 ? 0.11845 0.11651 0.13078 0.02668  -0.00039 0.03930  11  AIB B CB2 
419 N N   . LEU B 12 ? 0.10027 0.11354 0.10401 0.03005  0.01802  0.05297  12  LEU B N   
420 C CA  . LEU B 12 ? 0.11077 0.11456 0.10576 0.00656  0.01869  0.05012  12  LEU B CA  
421 C C   . LEU B 12 ? 0.11166 0.12504 0.09637 0.02804  0.02437  0.05659  12  LEU B C   
422 O O   . LEU B 12 ? 0.11046 0.13409 0.11187 0.02580  0.01646  0.03554  12  LEU B O   
423 C CB  . LEU B 12 ? 0.12626 0.13457 0.10880 0.00641  0.00934  0.04693  12  LEU B CB  
424 C CG  . LEU B 12 ? 0.11935 0.13714 0.11872 0.00807  0.01198  0.04383  12  LEU B CG  
425 C CD1 . LEU B 12 ? 0.15050 0.18269 0.11825 -0.01896 0.02736  0.02436  12  LEU B CD1 
426 C CD2 . LEU B 12 ? 0.13881 0.14998 0.16195 0.00839  0.05044  0.02326  12  LEU B CD2 
438 N N   . AIB B 13 ? 0.09526 0.13620 0.11515 0.01762  0.02682  0.03903  13  AIB B N   
439 C CA  . AIB B 13 ? 0.11604 0.10944 0.10116 0.01237  0.01944  0.03993  13  AIB B CA  
440 C C   . AIB B 13 ? 0.10004 0.11139 0.09274 0.02923  0.01403  0.05665  13  AIB B C   
441 O O   . AIB B 13 ? 0.12569 0.11560 0.12631 0.03693  0.00405  0.04836  13  AIB B O   
442 C CB1 . AIB B 13 ? 0.14965 0.10379 0.09927 0.02816  0.01294  0.03968  13  AIB B CB1 
443 C CB2 . AIB B 13 ? 0.10908 0.12280 0.09209 0.02237  0.02540  0.02681  13  AIB B CB2 
451 N N   . GLN B 14 ? 0.10900 0.13032 0.10171 0.03290  0.01089  0.04348  14  GLN B N   
452 C CA  . GLN B 14 ? 0.11079 0.10427 0.09603 0.03060  -0.00940 0.04975  14  GLN B CA  
453 C C   . GLN B 14 ? 0.10731 0.13046 0.12308 0.01451  0.00366  0.01644  14  GLN B C   
454 O O   . GLN B 14 ? 0.11095 0.12185 0.11751 0.01549  0.00047  0.03535  14  GLN B O   
455 C CB  . GLN B 14 ? 0.12141 0.13194 0.10685 0.02260  -0.00368 0.04451  14  GLN B CB  
456 C CG  . GLN B 14 ? 0.12475 0.12417 0.10871 0.02974  0.01443  0.03934  14  GLN B CG  
457 C CD  . GLN B 14 ? 0.16194 0.10273 0.11717 0.03763  0.01469  0.04182  14  GLN B CD  
458 O OE1 . GLN B 14 ? 0.26789 0.11965 0.15267 0.03822  0.07198  0.02205  14  GLN B OE1 
459 N NE2 . GLN B 14 ? 0.14494 0.10338 0.11787 0.03741  0.01824  0.04329  14  GLN B NE2 
468 N N   . AIB B 15 ? 0.09376 0.13423 0.10350 0.00458  0.00681  0.00292  15  AIB B N   
469 C CA  . AIB B 15 ? 0.08977 0.11943 0.11882 0.03178  -0.00668 0.01026  15  AIB B CA  
470 C C   . AIB B 15 ? 0.11744 0.12069 0.11694 0.00733  0.02410  0.01686  15  AIB B C   
471 O O   . AIB B 15 ? 0.12185 0.14621 0.11807 0.02182  0.01983  0.02216  15  AIB B O   
472 C CB1 . AIB B 15 ? 0.12453 0.11388 0.12034 0.02690  0.02676  0.01303  15  AIB B CB1 
473 C CB2 . AIB B 15 ? 0.13811 0.13903 0.08914 0.02880  0.00451  0.01857  15  AIB B CB2 
481 N N   . LEU B 16 ? 0.10341 0.11784 0.10388 0.01639  0.00747  0.02826  16  LEU B N   
482 C CA  . LEU B 16 ? 0.12397 0.09581 0.09437 0.00862  0.01260  0.03117  16  LEU B CA  
483 C C   . LEU B 16 ? 0.13969 0.11998 0.12759 0.00439  0.01024  0.00242  16  LEU B C   
484 O O   . LEU B 16 ? 0.12598 0.10119 0.11602 0.03389  -0.00418 0.01019  16  LEU B O   
485 C CB  . LEU B 16 ? 0.11325 0.11246 0.10249 0.00805  -0.00566 0.02778  16  LEU B CB  
486 C CG  . LEU B 16 ? 0.10958 0.13410 0.14020 0.01570  0.00526  0.01818  16  LEU B CG  
487 C CD1 . LEU B 16 ? 0.16396 0.12422 0.09413 0.00130  -0.00437 0.04202  16  LEU B CD1 
488 C CD2 . LEU B 16 ? 0.10158 0.15789 0.13085 -0.01325 0.02601  0.03435  16  LEU B CD2 
500 C C11 . I77 B 17 ? 0.12799 0.25325 0.20086 -0.03485 0.02184  -0.13125 17  I77 B C11 
501 C C12 . I77 B 17 ? 0.11794 0.11559 0.12468 0.01124  0.00612  -0.01706 17  I77 B C12 
502 C C13 . I77 B 17 ? 0.14707 0.13835 0.10070 0.03450  0.00919  -0.01195 17  I77 B C13 
503 C C17 . I77 B 17 ? 0.11368 0.11451 0.14175 0.00640  0.01460  -0.01853 17  I77 B C17 
504 C C18 . I77 B 17 ? 0.13645 0.08255 0.09275 0.01692  0.02200  -0.00474 17  I77 B C18 
505 C C02 . I77 B 17 ? 0.11991 0.13978 0.11357 0.02870  0.03415  0.02332  17  I77 B C02 
506 C C03 . I77 B 17 ? 0.11802 0.09195 0.12149 0.02292  0.03028  0.01514  17  I77 B C03 
507 C C04 . I77 B 17 ? 0.11385 0.13350 0.14551 0.02588  0.02288  -0.02297 17  I77 B C04 
508 C C05 . I77 B 17 ? 0.12153 0.11448 0.07882 0.02379  0.00278  0.00267  17  I77 B C05 
509 C C06 . I77 B 17 ? 0.13318 0.11849 0.13157 -0.00097 0.02243  0.00041  17  I77 B C06 
510 C C08 . I77 B 17 ? 0.12138 0.11923 0.10953 0.03751  0.02028  -0.00195 17  I77 B C08 
511 C C09 . I77 B 17 ? 0.11839 0.11465 0.09616 0.01182  0.03672  -0.00333 17  I77 B C09 
512 N N01 . I77 B 17 ? 0.10764 0.17222 0.14957 0.01415  0.01550  0.01250  17  I77 B N01 
513 N N07 . I77 B 17 ? 0.13707 0.17987 0.15310 0.03589  0.04821  -0.02778 17  I77 B N07 
514 N N10 . I77 B 17 ? 0.12600 0.25475 0.21936 -0.02471 0.04679  -0.12650 17  I77 B N10 
515 N N14 . I77 B 17 ? 0.13445 0.10009 0.11708 0.01889  0.00886  0.00883  17  I77 B N14 
516 N N15 . I77 B 17 ? 0.09970 0.11836 0.13164 -0.00564 0.02162  -0.00207 17  I77 B N15 
517 O O16 . I77 B 17 ? 0.12576 0.13478 0.14601 0.00005  0.03967  -0.02361 17  I77 B O16 
518 O O19 . I77 B 17 ? 0.14203 0.14500 0.13772 0.03367  0.03684  0.00049  17  I77 B O19 
529 N N   A CCN C .  ? 0.19657 0.37098 0.23982 -0.06944 -0.03080 -0.09558 101 CCN A N   
530 N N   B CCN C .  ? 0.24966 0.30463 0.23364 -0.08845 0.09540  -0.10726 101 CCN A N   
531 C C1  A CCN C .  ? 0.19088 0.34453 0.17863 -0.04981 -0.03755 -0.05170 101 CCN A C1  
532 C C1  B CCN C .  ? 0.21810 0.28151 0.25900 -0.05488 0.08040  -0.11709 101 CCN A C1  
533 C C2  A CCN C .  ? 0.23208 0.30817 0.12995 -0.07979 -0.00590 -0.01082 101 CCN A C2  
534 C C2  B CCN C .  ? 0.19592 0.25641 0.23505 -0.02961 0.08498  -0.10265 101 CCN A C2  
541 N N   . CCN D .  ? 0.19172 0.28639 0.23630 0.11620  -0.06054 -0.11318 102 CCN A N   
542 C C1  . CCN D .  ? 0.19288 0.25973 0.27728 0.10479  -0.09576 -0.11662 102 CCN A C1  
543 C C2  . CCN D .  ? 0.18770 0.20946 0.32279 0.07934  -0.04273 -0.11481 102 CCN A C2  
547 N N   . CCN E .  ? 0.72814 0.34140 0.31981 -0.18640 -0.10084 0.11263  103 CCN A N   
548 C C1  . CCN E .  ? 0.69981 0.36437 0.33058 -0.13194 -0.14984 0.09571  103 CCN A C1  
549 C C2  . CCN E .  ? 0.66978 0.36502 0.30755 -0.07033 -0.19331 0.10190  103 CCN A C2  
553 N N   . CCN F .  ? 0.28310 0.35836 0.26253 -0.02240 0.01567  0.12741  101 CCN B N   
554 C C1  . CCN F .  ? 0.28559 0.35314 0.29658 -0.02468 0.02667  0.11195  101 CCN B C1  
555 C C2  . CCN F .  ? 0.28135 0.34138 0.31062 -0.00341 0.01970  0.10523  101 CCN B C2  
559 N N   . CCN G .  ? 0.45024 0.37172 0.87215 -0.14672 0.03917  0.14407  102 CCN B N   
560 C C1  . CCN G .  ? 0.44081 0.36850 0.84013 -0.14376 0.01105  0.16682  102 CCN B C1  
561 C C2  . CCN G .  ? 0.41796 0.33281 0.75314 -0.10808 -0.00775 0.19621  102 CCN B C2  
565 O O   . HOH H .  ? 0.60609 0.27216 0.86289 0.06565  0.17522  -0.07756 201 HOH A O   
566 O O   . HOH H .  ? 0.26695 0.35260 0.40847 0.05320  0.01909  0.11423  202 HOH A O   
567 O O   . HOH H .  ? 0.19092 0.25251 0.19556 0.02698  0.00203  0.03174  203 HOH A O   
568 O O   . HOH H .  ? 0.57588 0.63158 0.36564 -0.33378 0.18121  -0.19514 204 HOH A O   
569 O O   . HOH H .  ? 0.30611 0.61535 0.28612 0.22412  0.03377  0.08310  205 HOH A O   
570 O O   . HOH H .  ? 0.29459 0.89535 0.41645 -0.10725 -0.08656 0.06105  206 HOH A O   
571 O O   . HOH I .  ? 0.77307 0.39561 0.70341 0.26830  -0.10990 -0.12112 201 HOH B O   
572 O O   . HOH I .  ? 0.33365 0.44134 0.34720 0.18775  -0.01123 -0.02444 202 HOH B O   
573 O O   . HOH I .  ? 0.23433 0.36783 0.66684 -0.06507 0.13798  -0.03159 203 HOH B O   
574 O O   . HOH I .  ? 0.14863 0.14418 0.15031 0.02775  0.00144  -0.00156 204 HOH B O   
575 O O   . HOH I .  ? 0.26117 0.16850 0.10202 -0.01955 0.02038  0.00463  205 HOH B O   
576 O O   . HOH I .  ? 0.29012 0.35941 0.77622 0.01978  -0.05201 0.24385  206 HOH B O   
577 O O   . HOH I .  ? 0.35461 0.44197 0.75515 -0.07164 -0.01165 0.21629  207 HOH B O   
578 O O   A HOH I .  ? 0.27416 0.18598 0.52210 -0.03558 -0.16519 -0.01265 208 HOH B O   
579 O O   B HOH I .  ? 0.13494 0.43798 0.26299 -0.04214 -0.04915 0.06313  208 HOH B O   
580 O O   . HOH I .  ? 0.54790 0.72597 0.45627 -0.26770 0.07393  -0.09285 209 HOH B O   
581 O O   . HOH I .  ? 0.41056 0.65124 0.45287 -0.01360 0.02449  -0.30679 210 HOH B O   
# 
